data_5ZQ7
#
_entry.id   5ZQ7
#
_cell.length_a   93.409
_cell.length_b   129.381
_cell.length_c   192.381
_cell.angle_alpha   90.00
_cell.angle_beta   90.00
_cell.angle_gamma   90.00
#
_symmetry.space_group_name_H-M   'P 21 21 21'
#
loop_
_entity.id
_entity.type
_entity.pdbx_description
1 polymer SidE
2 polymer Ubiquitin
3 non-polymer NICOTINAMIDE-ADENINE-DINUCLEOTIDE
4 non-polymer 'ADENOSINE MONOPHOSPHATE'
#
loop_
_entity_poly.entity_id
_entity_poly.type
_entity_poly.pdbx_seq_one_letter_code
_entity_poly.pdbx_strand_id
1 'polypeptide(L)'
;(MSE)SVPTWNGFSLYTDETVRNAARYAYDNYLGKPYTGTVEATPVNFGGQ(MSE)VYRQHHGLAHTLRT(MSE)AYAEI
IVEEARKAKLRGESLKTFADGRTLADVTPEELRKI(MSE)IAQAFFVTGRDDEESSKNYEKYHEQSRDAFLKYVEENKST
LIPDVFKDEKDVKFYADVIEDKDHKWADSPAHVLVNQGH(MSE)VDLVRVKQPPESYLEYYFSQLQPWIGSTATEAVFAT
QRQFFHATYEAVAGFDSENKEPHLVVDGLGRYVIGQDGNPIREESDDEDEEESGELKFFSQKKKLEENQRY(MSE)RVDE
YLKLDEVQKRFPGAGKKLDGGLPGLKEYQYLQRLNSINRARCENDVDFCLGQLQTAHHQTKITPIKRAFQSSSEKARRQP
N(MSE)DEIAAARIVQQI(MSE)ANPDCIHDDHVFLNGQKLEEKFFRDLLAKCD(MSE)AIVGSLLNDTDIRNIDTL
(MSE)QHERNTEFHSTDAKAKPVKLGETWEKTIRSGGGVTQIKHDLIFL(MSE)QNDAWYHTRVNAIAQNRDKDSTFKEV
LITAL(MSE)TPLTNKSL(MSE)DTSRSPAPKTLFRGLDLSEEFKNKLINQAETIIANTTEHLFTDLSTEAFKQIKLNDF
SQVSARTCASTSTNIEVPRTIFGSNTIFEILDPDGLLHPKQVGTHVSGSESEYSIYLPEDVALVPIKVSFDGKTGKGKDR
HIFTLVAVKSPDFTPRHESGYAVGPLLK(MSE)QTPKLEEIQRLVEQAREEPDLERVFNLQSRVARQAKFSTESGYKTFL
NEKVAPVLEQSLNGLLDNNVTILGKVLSAFPSDGQWSAFNSVEARQ(MSE)KIQ(MSE)DAIKQ(MSE)VEKKAVLEGQI
LPALAQCQNALEKQNIAGALQALRNIPSLEHHHHHH
;
A,C
2 'polypeptide(L)' GGSMQIFVKTLTGKTITLEVEPSDTIENVKAKIQDKEGIPPDQQALIFAGKQLEDGRTLSDYNIQKESTLHLVLRLRGG B,D
#
loop_
_chem_comp.id
_chem_comp.type
_chem_comp.name
_chem_comp.formula
AMP non-polymer 'ADENOSINE MONOPHOSPHATE' 'C10 H14 N5 O7 P'
NAD non-polymer NICOTINAMIDE-ADENINE-DINUCLEOTIDE 'C21 H27 N7 O14 P2'
#
# COMPACT_ATOMS: atom_id res chain seq x y z
N SER A 2 40.44 30.97 -52.43
CA SER A 2 41.50 31.33 -53.36
C SER A 2 42.81 31.63 -52.62
N VAL A 3 42.90 31.19 -51.38
CA VAL A 3 44.14 31.19 -50.60
C VAL A 3 44.64 29.76 -50.51
N PRO A 4 45.84 29.47 -50.99
CA PRO A 4 46.37 28.11 -50.86
C PRO A 4 46.81 27.86 -49.43
N THR A 5 46.78 26.59 -49.04
CA THR A 5 47.17 26.22 -47.70
C THR A 5 48.69 26.30 -47.56
N TRP A 6 49.14 26.89 -46.46
CA TRP A 6 50.57 26.99 -46.21
C TRP A 6 51.14 25.59 -45.92
N ASN A 7 52.46 25.48 -46.07
CA ASN A 7 53.15 24.21 -45.93
C ASN A 7 54.01 24.14 -44.68
N GLY A 8 53.82 25.06 -43.74
CA GLY A 8 54.63 25.06 -42.54
C GLY A 8 55.97 25.76 -42.63
N PHE A 9 56.26 26.46 -43.75
CA PHE A 9 57.49 27.24 -43.82
C PHE A 9 57.47 28.36 -42.78
N SER A 10 58.58 28.52 -42.06
CA SER A 10 58.67 29.53 -41.02
C SER A 10 60.09 30.02 -40.88
N LEU A 11 60.24 31.34 -40.73
CA LEU A 11 61.53 31.95 -40.40
C LEU A 11 62.22 31.22 -39.25
N TYR A 12 61.46 30.60 -38.36
CA TYR A 12 62.01 30.03 -37.14
C TYR A 12 62.40 28.56 -37.28
N THR A 13 62.15 27.92 -38.42
CA THR A 13 62.52 26.52 -38.60
C THR A 13 63.20 26.23 -39.92
N ASP A 14 63.18 27.13 -40.90
CA ASP A 14 63.86 26.86 -42.16
C ASP A 14 65.36 27.05 -41.95
N GLU A 15 66.11 26.11 -42.50
CA GLU A 15 67.55 26.07 -42.29
C GLU A 15 68.28 27.04 -43.21
N THR A 16 67.79 27.19 -44.45
CA THR A 16 68.43 28.07 -45.41
C THR A 16 68.44 29.51 -44.91
N VAL A 17 67.28 29.98 -44.45
CA VAL A 17 67.15 31.37 -43.99
C VAL A 17 68.06 31.64 -42.81
N ARG A 18 68.17 30.68 -41.89
CA ARG A 18 69.02 30.89 -40.72
C ARG A 18 70.49 30.86 -41.11
N ASN A 19 70.86 29.99 -42.06
CA ASN A 19 72.23 30.01 -42.58
C ASN A 19 72.56 31.38 -43.17
N ALA A 20 71.65 31.95 -43.96
CA ALA A 20 71.89 33.28 -44.49
C ALA A 20 72.06 34.30 -43.36
N ALA A 21 71.27 34.18 -42.29
CA ALA A 21 71.41 35.11 -41.16
C ALA A 21 72.75 34.92 -40.45
N ARG A 22 73.17 33.66 -40.25
CA ARG A 22 74.44 33.36 -39.63
C ARG A 22 75.59 33.94 -40.45
N TYR A 23 75.56 33.73 -41.76
CA TYR A 23 76.60 34.27 -42.63
C TYR A 23 76.63 35.80 -42.55
N ALA A 24 75.46 36.43 -42.58
CA ALA A 24 75.42 37.88 -42.50
C ALA A 24 76.06 38.37 -41.21
N TYR A 25 75.71 37.74 -40.11
CA TYR A 25 76.36 38.10 -38.86
C TYR A 25 77.86 37.78 -38.83
N ASP A 26 78.23 36.58 -39.28
CA ASP A 26 79.59 36.14 -39.05
C ASP A 26 80.54 37.10 -39.75
N ASN A 27 80.22 37.44 -40.98
CA ASN A 27 81.04 38.34 -41.78
C ASN A 27 80.98 39.87 -41.60
N TYR A 28 79.75 40.41 -41.53
CA TYR A 28 79.53 41.85 -41.53
C TYR A 28 78.93 42.44 -40.25
N LEU A 29 77.80 41.90 -39.82
CA LEU A 29 77.08 42.50 -38.70
C LEU A 29 77.88 42.48 -37.39
N GLY A 30 78.53 41.37 -37.11
CA GLY A 30 79.25 41.25 -35.88
C GLY A 30 80.59 41.89 -35.91
N LYS A 31 80.98 42.44 -37.04
CA LYS A 31 82.27 43.08 -37.25
C LYS A 31 82.18 44.58 -36.97
N PRO A 32 83.27 45.20 -36.53
CA PRO A 32 83.19 46.62 -36.14
C PRO A 32 82.85 47.52 -37.33
N TYR A 33 82.27 48.66 -37.00
CA TYR A 33 82.02 49.68 -38.01
C TYR A 33 83.36 50.30 -38.43
N THR A 34 83.61 50.36 -39.73
CA THR A 34 84.83 50.97 -40.25
C THR A 34 84.67 52.46 -40.53
N GLY A 35 83.47 53.01 -40.36
CA GLY A 35 83.22 54.41 -40.64
C GLY A 35 83.37 55.28 -39.41
N THR A 36 82.74 56.45 -39.48
CA THR A 36 82.85 57.47 -38.43
C THR A 36 81.69 57.44 -37.45
N VAL A 37 80.48 57.73 -37.91
CA VAL A 37 79.41 58.12 -37.01
C VAL A 37 78.90 56.89 -36.24
N GLU A 38 78.90 56.99 -34.91
CA GLU A 38 78.51 55.92 -33.99
C GLU A 38 79.20 54.59 -34.34
N ALA A 39 80.48 54.67 -34.72
CA ALA A 39 81.27 53.47 -34.97
C ALA A 39 81.66 52.75 -33.69
N THR A 40 81.60 53.41 -32.54
CA THR A 40 82.14 52.87 -31.30
C THR A 40 81.27 51.72 -30.77
N PRO A 41 81.88 50.58 -30.42
CA PRO A 41 81.09 49.47 -29.88
C PRO A 41 80.53 49.83 -28.51
N VAL A 42 79.53 49.08 -28.07
CA VAL A 42 78.97 49.30 -26.74
C VAL A 42 78.81 47.96 -26.02
N ASN A 43 78.36 48.04 -24.77
CA ASN A 43 78.40 46.90 -23.85
C ASN A 43 77.07 46.69 -23.16
N PHE A 44 76.68 45.42 -23.09
CA PHE A 44 75.47 44.99 -22.42
C PHE A 44 75.88 43.82 -21.54
N GLY A 45 75.84 44.03 -20.23
CA GLY A 45 76.19 42.97 -19.31
C GLY A 45 77.59 42.44 -19.49
N GLY A 46 78.49 43.22 -20.06
CA GLY A 46 79.85 42.81 -20.26
C GLY A 46 80.17 42.34 -21.66
N GLN A 47 79.15 42.02 -22.45
CA GLN A 47 79.36 41.59 -23.82
C GLN A 47 79.27 42.76 -24.78
N MSE A 48 80.00 42.65 -25.88
CA MSE A 48 80.06 43.75 -26.82
C MSE A 48 79.10 43.58 -27.98
O MSE A 48 78.87 42.47 -28.47
CB MSE A 48 81.47 43.92 -27.35
CG MSE A 48 82.45 44.29 -26.28
SE MSE A 48 84.06 45.00 -27.09
CE MSE A 48 84.82 43.29 -27.61
N VAL A 49 78.51 44.71 -28.38
CA VAL A 49 77.71 44.83 -29.58
C VAL A 49 78.36 45.89 -30.45
N TYR A 50 78.76 45.49 -31.66
CA TYR A 50 79.41 46.39 -32.60
C TYR A 50 78.41 47.23 -33.38
N ARG A 51 77.39 46.55 -33.89
CA ARG A 51 76.30 47.23 -34.53
C ARG A 51 75.18 47.12 -33.54
N GLN A 52 74.81 48.26 -32.98
CA GLN A 52 73.70 48.30 -32.03
C GLN A 52 72.35 48.51 -32.71
N HIS A 53 72.29 49.43 -33.67
CA HIS A 53 71.04 49.82 -34.29
C HIS A 53 70.75 49.03 -35.56
N HIS A 54 71.77 48.77 -36.36
CA HIS A 54 71.59 48.05 -37.60
C HIS A 54 72.42 46.78 -37.63
N GLY A 55 72.22 45.94 -36.63
CA GLY A 55 72.96 44.71 -36.48
C GLY A 55 72.12 43.47 -36.71
N LEU A 56 72.35 42.45 -35.88
CA LEU A 56 71.70 41.16 -36.10
C LEU A 56 70.24 41.18 -35.64
N ALA A 57 69.98 41.72 -34.45
CA ALA A 57 68.61 41.72 -33.93
C ALA A 57 67.67 42.49 -34.87
N HIS A 58 68.15 43.60 -35.43
CA HIS A 58 67.36 44.39 -36.37
C HIS A 58 67.04 43.60 -37.63
N THR A 59 68.05 42.93 -38.19
CA THR A 59 67.83 42.17 -39.42
C THR A 59 66.84 41.05 -39.19
N LEU A 60 67.05 40.27 -38.13
CA LEU A 60 66.14 39.18 -37.81
C LEU A 60 64.72 39.70 -37.61
N ARG A 61 64.58 40.85 -36.95
CA ARG A 61 63.26 41.45 -36.79
C ARG A 61 62.63 41.79 -38.14
N THR A 62 63.38 42.42 -39.05
CA THR A 62 62.81 42.71 -40.37
C THR A 62 62.24 41.46 -41.03
N MSE A 63 62.98 40.35 -40.95
CA MSE A 63 62.49 39.09 -41.51
C MSE A 63 61.23 38.58 -40.79
O MSE A 63 60.28 38.09 -41.42
CB MSE A 63 63.63 38.08 -41.47
CG MSE A 63 64.94 38.71 -41.93
SE MSE A 63 66.60 37.71 -41.67
CE MSE A 63 66.19 36.17 -42.78
N ALA A 64 61.20 38.74 -39.46
CA ALA A 64 60.00 38.44 -38.71
C ALA A 64 58.82 39.29 -39.17
N TYR A 65 59.06 40.58 -39.45
CA TYR A 65 58.00 41.44 -39.96
C TYR A 65 57.49 40.92 -41.29
N ALA A 66 58.39 40.49 -42.18
CA ALA A 66 57.95 39.93 -43.46
C ALA A 66 57.03 38.73 -43.24
N GLU A 67 57.38 37.87 -42.29
CA GLU A 67 56.54 36.70 -42.04
C GLU A 67 55.15 37.12 -41.57
N ILE A 68 55.07 38.02 -40.59
CA ILE A 68 53.74 38.36 -40.08
C ILE A 68 52.94 39.19 -41.09
N ILE A 69 53.61 39.97 -41.94
CA ILE A 69 52.89 40.71 -42.97
C ILE A 69 52.24 39.75 -43.95
N VAL A 70 52.96 38.69 -44.35
CA VAL A 70 52.33 37.73 -45.25
C VAL A 70 51.18 37.00 -44.54
N GLU A 71 51.41 36.59 -43.29
CA GLU A 71 50.37 35.89 -42.54
C GLU A 71 49.09 36.74 -42.49
N GLU A 72 49.21 38.01 -42.12
CA GLU A 72 48.03 38.83 -41.97
C GLU A 72 47.42 39.19 -43.32
N ALA A 73 48.24 39.28 -44.37
CA ALA A 73 47.70 39.45 -45.71
C ALA A 73 46.77 38.31 -46.08
N ARG A 74 47.26 37.07 -45.91
CA ARG A 74 46.45 35.90 -46.22
C ARG A 74 45.17 35.87 -45.40
N LYS A 75 45.29 36.17 -44.10
CA LYS A 75 44.09 36.23 -43.27
C LYS A 75 43.10 37.25 -43.80
N ALA A 76 43.60 38.39 -44.29
CA ALA A 76 42.72 39.46 -44.73
C ALA A 76 42.01 39.12 -46.03
N LYS A 77 42.70 38.42 -46.94
CA LYS A 77 42.00 37.95 -48.14
C LYS A 77 40.99 36.86 -47.80
N LEU A 78 41.27 36.06 -46.76
CA LEU A 78 40.31 35.03 -46.36
C LEU A 78 39.07 35.62 -45.71
N ARG A 79 39.21 36.78 -45.06
CA ARG A 79 38.06 37.48 -44.50
C ARG A 79 37.25 38.22 -45.56
N GLY A 80 37.76 38.31 -46.79
CA GLY A 80 37.09 39.00 -47.87
C GLY A 80 37.58 40.40 -48.17
N GLU A 81 38.67 40.84 -47.55
CA GLU A 81 39.19 42.16 -47.85
C GLU A 81 39.82 42.18 -49.25
N SER A 82 39.83 43.36 -49.85
CA SER A 82 40.42 43.58 -51.16
C SER A 82 41.75 44.32 -50.97
N LEU A 83 42.85 43.64 -51.27
CA LEU A 83 44.19 44.17 -51.04
C LEU A 83 44.70 44.87 -52.30
N LYS A 84 45.65 45.78 -52.10
CA LYS A 84 46.26 46.44 -53.24
C LYS A 84 47.02 45.43 -54.10
N THR A 85 46.87 45.57 -55.41
CA THR A 85 47.47 44.67 -56.37
C THR A 85 48.74 45.29 -56.95
N PHE A 86 49.67 44.44 -57.35
CA PHE A 86 50.82 44.91 -58.12
C PHE A 86 50.46 44.85 -59.61
N ALA A 87 51.44 45.10 -60.48
CA ALA A 87 51.15 45.12 -61.91
C ALA A 87 50.68 43.75 -62.41
N ASP A 88 51.32 42.68 -61.94
CA ASP A 88 50.91 41.32 -62.33
C ASP A 88 49.50 40.98 -61.84
N GLY A 89 48.89 41.78 -60.97
CA GLY A 89 47.61 41.46 -60.37
C GLY A 89 47.64 40.73 -59.06
N ARG A 90 48.82 40.41 -58.54
CA ARG A 90 48.95 39.71 -57.27
C ARG A 90 48.89 40.68 -56.09
N THR A 91 48.50 40.13 -54.95
CA THR A 91 48.54 40.81 -53.66
C THR A 91 49.63 40.17 -52.82
N LEU A 92 49.99 40.82 -51.73
CA LEU A 92 50.90 40.19 -50.77
C LEU A 92 50.38 38.82 -50.32
N ALA A 93 49.07 38.60 -50.36
CA ALA A 93 48.52 37.31 -49.95
C ALA A 93 48.99 36.17 -50.84
N ASP A 94 49.33 36.46 -52.09
CA ASP A 94 49.74 35.43 -53.03
C ASP A 94 51.23 35.07 -52.92
N VAL A 95 51.95 35.64 -51.96
CA VAL A 95 53.36 35.29 -51.78
C VAL A 95 53.46 33.84 -51.33
N THR A 96 54.28 33.07 -52.02
CA THR A 96 54.49 31.65 -51.76
C THR A 96 55.62 31.43 -50.77
N PRO A 97 55.65 30.25 -50.14
CA PRO A 97 56.78 29.93 -49.24
C PRO A 97 58.14 30.08 -49.89
N GLU A 98 58.30 29.58 -51.12
CA GLU A 98 59.58 29.68 -51.82
C GLU A 98 59.98 31.15 -52.00
N GLU A 99 59.03 31.96 -52.45
CA GLU A 99 59.27 33.38 -52.67
C GLU A 99 59.63 34.06 -51.36
N LEU A 100 58.96 33.70 -50.27
CA LEU A 100 59.24 34.29 -48.97
C LEU A 100 60.63 33.91 -48.49
N ARG A 101 61.08 32.68 -48.78
CA ARG A 101 62.47 32.32 -48.46
C ARG A 101 63.44 33.23 -49.19
N LYS A 102 63.21 33.45 -50.49
CA LYS A 102 64.13 34.32 -51.23
C LYS A 102 64.11 35.73 -50.67
N ILE A 103 62.91 36.24 -50.36
CA ILE A 103 62.78 37.57 -49.78
C ILE A 103 63.56 37.66 -48.47
N MSE A 104 63.44 36.65 -47.63
CA MSE A 104 64.08 36.69 -46.32
C MSE A 104 65.60 36.64 -46.45
O MSE A 104 66.32 37.37 -45.75
CB MSE A 104 63.58 35.53 -45.46
CG MSE A 104 62.24 35.85 -44.80
SE MSE A 104 61.50 34.44 -43.72
CE MSE A 104 59.87 35.33 -43.17
N ILE A 105 66.10 35.82 -47.39
CA ILE A 105 67.54 35.80 -47.63
C ILE A 105 68.03 37.18 -48.06
N ALA A 106 67.31 37.83 -48.98
CA ALA A 106 67.65 39.19 -49.35
C ALA A 106 67.64 40.12 -48.14
N GLN A 107 66.55 40.09 -47.36
CA GLN A 107 66.46 40.90 -46.15
C GLN A 107 67.67 40.73 -45.25
N ALA A 108 68.23 39.52 -45.21
CA ALA A 108 69.36 39.25 -44.32
C ALA A 108 70.58 40.09 -44.64
N PHE A 109 70.73 40.54 -45.89
CA PHE A 109 71.91 41.29 -46.32
C PHE A 109 71.64 42.78 -46.50
N PHE A 110 70.42 43.23 -46.26
CA PHE A 110 70.00 44.57 -46.65
C PHE A 110 70.81 45.67 -45.97
N VAL A 111 71.46 45.36 -44.85
CA VAL A 111 72.22 46.36 -44.08
C VAL A 111 73.69 45.98 -43.94
N THR A 112 74.07 44.77 -44.38
CA THR A 112 75.47 44.33 -44.28
C THR A 112 76.46 45.33 -44.86
N GLY A 113 76.04 46.09 -45.87
CA GLY A 113 76.93 47.04 -46.49
C GLY A 113 77.14 48.35 -45.76
N ARG A 114 76.68 48.48 -44.51
CA ARG A 114 76.88 49.72 -43.79
C ARG A 114 78.29 49.76 -43.21
N ASP A 115 78.97 50.90 -43.39
CA ASP A 115 80.27 51.13 -42.78
C ASP A 115 80.17 51.84 -41.45
N ASP A 116 79.08 52.56 -41.21
CA ASP A 116 78.78 53.22 -39.96
C ASP A 116 77.28 53.49 -39.97
N GLU A 117 76.82 54.38 -39.09
CA GLU A 117 75.40 54.69 -39.00
C GLU A 117 75.05 55.98 -39.74
N GLU A 118 75.81 56.30 -40.79
CA GLU A 118 75.53 57.51 -41.55
C GLU A 118 74.29 57.31 -42.41
N SER A 119 73.43 58.32 -42.44
CA SER A 119 72.14 58.23 -43.10
C SER A 119 72.11 59.10 -44.41
N SER A 120 72.29 60.39 -44.25
CA SER A 120 72.10 61.38 -45.31
C SER A 120 73.12 61.30 -46.45
N LYS A 121 74.21 60.57 -46.29
CA LYS A 121 75.26 60.75 -47.28
C LYS A 121 75.62 59.53 -48.11
N ASN A 122 75.70 58.34 -47.54
CA ASN A 122 76.26 57.18 -48.24
C ASN A 122 75.24 56.08 -48.59
N TYR A 123 74.00 56.46 -48.90
CA TYR A 123 72.95 55.47 -49.17
C TYR A 123 73.20 54.57 -50.39
N GLU A 124 73.67 55.17 -51.48
CA GLU A 124 74.07 54.44 -52.68
C GLU A 124 75.23 53.47 -52.41
N LYS A 125 76.26 53.96 -51.72
CA LYS A 125 77.45 53.14 -51.47
C LYS A 125 77.14 51.98 -50.54
N TYR A 126 76.48 52.27 -49.41
CA TYR A 126 76.15 51.21 -48.45
C TYR A 126 75.27 50.13 -49.09
N HIS A 127 74.33 50.52 -49.95
CA HIS A 127 73.48 49.52 -50.58
C HIS A 127 74.20 48.76 -51.68
N GLU A 128 75.16 49.40 -52.33
CA GLU A 128 75.99 48.67 -53.28
C GLU A 128 76.81 47.61 -52.56
N GLN A 129 77.36 47.95 -51.38
CA GLN A 129 78.11 46.98 -50.60
C GLN A 129 77.22 45.87 -50.05
N SER A 130 75.98 46.20 -49.67
CA SER A 130 75.05 45.16 -49.25
C SER A 130 74.75 44.20 -50.40
N ARG A 131 74.54 44.74 -51.59
CA ARG A 131 74.29 43.90 -52.76
C ARG A 131 75.48 42.98 -53.01
N ASP A 132 76.69 43.54 -52.96
CA ASP A 132 77.89 42.74 -53.17
C ASP A 132 78.01 41.64 -52.13
N ALA A 133 77.66 41.95 -50.87
CA ALA A 133 77.67 40.91 -49.84
C ALA A 133 76.71 39.77 -50.19
N PHE A 134 75.50 40.13 -50.64
CA PHE A 134 74.52 39.11 -51.00
C PHE A 134 75.04 38.23 -52.12
N LEU A 135 75.57 38.85 -53.20
CA LEU A 135 76.03 38.05 -54.33
C LEU A 135 77.25 37.22 -53.98
N LYS A 136 78.12 37.74 -53.10
CA LYS A 136 79.23 36.93 -52.59
C LYS A 136 78.69 35.68 -51.90
N TYR A 137 77.70 35.85 -51.02
CA TYR A 137 77.14 34.69 -50.31
C TYR A 137 76.53 33.69 -51.29
N VAL A 138 75.76 34.18 -52.26
CA VAL A 138 75.17 33.29 -53.26
C VAL A 138 76.27 32.54 -54.00
N GLU A 139 77.32 33.25 -54.40
CA GLU A 139 78.41 32.63 -55.16
C GLU A 139 79.11 31.54 -54.34
N GLU A 140 79.39 31.83 -53.08
CA GLU A 140 80.11 30.86 -52.26
C GLU A 140 79.25 29.64 -51.95
N ASN A 141 77.92 29.79 -52.06
CA ASN A 141 76.99 28.70 -51.81
C ASN A 141 76.19 28.34 -53.05
N LYS A 142 76.75 28.59 -54.24
CA LYS A 142 76.06 28.26 -55.49
C LYS A 142 75.55 26.83 -55.51
N SER A 143 76.36 25.89 -55.00
CA SER A 143 75.98 24.47 -54.97
C SER A 143 74.64 24.25 -54.28
N THR A 144 74.53 24.66 -53.00
CA THR A 144 73.32 24.41 -52.23
C THR A 144 72.14 25.26 -52.71
N LEU A 145 72.38 26.53 -53.08
CA LEU A 145 71.26 27.46 -53.24
C LEU A 145 70.67 27.51 -54.63
N ILE A 146 71.49 27.27 -55.65
CA ILE A 146 71.00 27.25 -57.03
C ILE A 146 71.03 25.81 -57.55
N PRO A 147 69.94 25.37 -58.16
CA PRO A 147 68.77 26.24 -58.38
C PRO A 147 67.66 26.10 -57.34
N ASP A 148 67.88 25.27 -56.31
CA ASP A 148 66.82 24.89 -55.38
C ASP A 148 66.14 26.08 -54.70
N VAL A 149 66.90 27.10 -54.30
CA VAL A 149 66.31 28.29 -53.69
C VAL A 149 66.07 29.33 -54.76
N PHE A 150 67.13 29.73 -55.45
CA PHE A 150 67.06 30.67 -56.55
C PHE A 150 67.17 29.88 -57.84
N LYS A 151 66.28 30.16 -58.80
CA LYS A 151 66.18 29.27 -59.95
C LYS A 151 67.37 29.43 -60.90
N ASP A 152 67.89 30.64 -61.02
CA ASP A 152 69.08 30.88 -61.84
C ASP A 152 69.71 32.21 -61.44
N GLU A 153 70.73 32.61 -62.20
CA GLU A 153 71.42 33.88 -61.92
C GLU A 153 70.54 35.10 -62.17
N LYS A 154 69.50 34.97 -62.99
CA LYS A 154 68.66 36.15 -63.22
C LYS A 154 67.66 36.34 -62.09
N ASP A 155 67.16 35.23 -61.51
CA ASP A 155 66.49 35.28 -60.22
C ASP A 155 67.36 36.00 -59.18
N VAL A 156 68.61 35.54 -59.06
CA VAL A 156 69.54 36.11 -58.09
C VAL A 156 69.74 37.59 -58.36
N LYS A 157 69.79 37.98 -59.64
CA LYS A 157 69.98 39.39 -59.93
C LYS A 157 68.72 40.19 -59.60
N PHE A 158 67.55 39.58 -59.69
CA PHE A 158 66.34 40.27 -59.23
C PHE A 158 66.47 40.63 -57.76
N TYR A 159 66.81 39.65 -56.90
CA TYR A 159 66.86 39.97 -55.47
C TYR A 159 68.04 40.88 -55.12
N ALA A 160 69.17 40.72 -55.81
CA ALA A 160 70.28 41.66 -55.64
C ALA A 160 69.86 43.07 -56.03
N ASP A 161 69.09 43.21 -57.11
CA ASP A 161 68.60 44.51 -57.53
C ASP A 161 67.69 45.13 -56.47
N VAL A 162 66.86 44.29 -55.83
CA VAL A 162 66.04 44.79 -54.74
C VAL A 162 66.93 45.30 -53.61
N ILE A 163 68.02 44.60 -53.32
CA ILE A 163 68.91 45.07 -52.25
C ILE A 163 69.57 46.39 -52.63
N GLU A 164 70.03 46.50 -53.88
CA GLU A 164 70.69 47.73 -54.33
C GLU A 164 69.77 48.94 -54.20
N ASP A 165 68.48 48.77 -54.50
CA ASP A 165 67.46 49.81 -54.37
C ASP A 165 67.84 51.04 -55.19
N LYS A 166 68.30 50.79 -56.43
CA LYS A 166 68.79 51.85 -57.30
C LYS A 166 67.74 52.94 -57.50
N ASP A 167 66.51 52.54 -57.82
CA ASP A 167 65.49 53.48 -58.28
C ASP A 167 64.33 53.62 -57.29
N HIS A 168 64.55 53.24 -56.02
CA HIS A 168 63.56 53.41 -54.96
C HIS A 168 62.18 52.91 -55.37
N LYS A 169 62.15 51.85 -56.18
CA LYS A 169 60.89 51.27 -56.64
C LYS A 169 60.35 50.34 -55.55
N TRP A 170 59.98 50.96 -54.42
CA TRP A 170 59.66 50.24 -53.19
C TRP A 170 58.31 49.54 -53.26
N ALA A 171 57.58 49.67 -54.36
CA ALA A 171 56.28 49.02 -54.51
C ALA A 171 56.16 48.29 -55.84
N ASP A 172 57.29 47.91 -56.45
CA ASP A 172 57.24 47.21 -57.73
C ASP A 172 56.75 45.79 -57.57
N SER A 173 57.18 45.10 -56.53
CA SER A 173 56.89 43.69 -56.41
C SER A 173 56.64 43.34 -54.95
N PRO A 174 56.17 42.13 -54.66
CA PRO A 174 56.13 41.71 -53.25
C PRO A 174 57.50 41.79 -52.58
N ALA A 175 58.57 41.46 -53.30
CA ALA A 175 59.90 41.54 -52.72
C ALA A 175 60.24 42.98 -52.32
N HIS A 176 59.91 43.95 -53.18
CA HIS A 176 60.23 45.35 -52.87
C HIS A 176 59.46 45.82 -51.64
N VAL A 177 58.15 45.59 -51.61
CA VAL A 177 57.34 46.01 -50.48
C VAL A 177 57.83 45.35 -49.20
N LEU A 178 58.03 44.04 -49.25
CA LEU A 178 58.42 43.31 -48.04
C LEU A 178 59.79 43.74 -47.53
N VAL A 179 60.75 43.94 -48.41
CA VAL A 179 62.10 44.29 -47.93
C VAL A 179 62.13 45.70 -47.39
N ASN A 180 61.55 46.65 -48.14
CA ASN A 180 61.67 48.04 -47.75
C ASN A 180 60.79 48.35 -46.54
N GLN A 181 59.55 47.88 -46.55
CA GLN A 181 58.68 48.13 -45.40
C GLN A 181 59.06 47.22 -44.24
N GLY A 182 59.63 46.06 -44.52
CA GLY A 182 60.22 45.27 -43.45
C GLY A 182 61.29 46.05 -42.72
N HIS A 183 62.10 46.80 -43.48
CA HIS A 183 63.15 47.61 -42.86
C HIS A 183 62.58 48.87 -42.24
N MSE A 184 61.44 49.33 -42.75
CA MSE A 184 60.79 50.56 -42.33
C MSE A 184 60.07 50.42 -41.00
O MSE A 184 60.17 51.29 -40.14
CB MSE A 184 59.80 50.97 -43.42
CG MSE A 184 59.21 52.35 -43.30
SE MSE A 184 57.51 52.46 -44.30
CE MSE A 184 56.46 51.16 -43.26
N VAL A 185 59.43 49.27 -40.82
CA VAL A 185 58.59 49.00 -39.66
C VAL A 185 59.46 49.14 -38.43
N ASP A 186 60.71 48.71 -38.58
CA ASP A 186 61.69 48.79 -37.51
C ASP A 186 61.97 50.25 -37.12
N LEU A 187 61.65 51.18 -38.01
CA LEU A 187 62.10 52.57 -37.90
C LEU A 187 61.51 53.22 -36.66
N VAL A 188 60.49 52.56 -36.13
CA VAL A 188 59.66 53.05 -35.06
C VAL A 188 60.37 53.37 -33.74
N ARG A 189 61.31 52.51 -33.36
CA ARG A 189 61.93 52.64 -32.04
C ARG A 189 62.66 53.97 -31.91
N VAL A 190 63.36 54.34 -32.97
CA VAL A 190 64.17 55.56 -33.00
C VAL A 190 63.45 56.91 -32.89
N LYS A 191 62.28 57.03 -33.52
CA LYS A 191 61.73 58.33 -33.85
C LYS A 191 60.71 58.87 -32.84
N GLN A 192 60.94 60.09 -32.40
CA GLN A 192 59.98 60.86 -31.65
C GLN A 192 59.72 62.05 -32.58
N PRO A 193 58.53 62.63 -32.54
CA PRO A 193 57.45 62.21 -31.66
C PRO A 193 56.88 60.89 -32.17
N PRO A 194 56.39 60.02 -31.30
CA PRO A 194 55.91 58.69 -31.69
C PRO A 194 54.70 58.62 -32.63
N GLU A 195 53.69 59.44 -32.35
CA GLU A 195 52.42 59.38 -33.05
C GLU A 195 52.60 59.69 -34.53
N SER A 196 53.44 60.66 -34.83
CA SER A 196 53.63 61.07 -36.18
C SER A 196 54.17 59.97 -36.98
N TYR A 197 55.21 59.34 -36.43
CA TYR A 197 55.88 58.18 -37.03
C TYR A 197 55.01 56.93 -37.14
N LEU A 198 54.28 56.63 -36.08
CA LEU A 198 53.39 55.48 -36.05
C LEU A 198 52.32 55.64 -37.11
N GLU A 199 51.82 56.86 -37.26
CA GLU A 199 50.78 57.11 -38.24
C GLU A 199 51.32 56.98 -39.65
N TYR A 200 52.51 57.54 -39.90
CA TYR A 200 53.06 57.49 -41.24
C TYR A 200 53.41 56.09 -41.72
N TYR A 201 54.12 55.33 -40.89
CA TYR A 201 54.39 53.96 -41.29
C TYR A 201 53.09 53.16 -41.43
N PHE A 202 52.17 53.34 -40.47
CA PHE A 202 50.85 52.71 -40.60
C PHE A 202 50.20 53.07 -41.92
N SER A 203 50.33 54.34 -42.31
CA SER A 203 49.72 54.78 -43.57
C SER A 203 50.39 54.14 -44.78
N GLN A 204 51.68 53.79 -44.69
CA GLN A 204 52.32 53.20 -45.87
C GLN A 204 52.12 51.69 -45.95
N LEU A 205 51.95 51.00 -44.82
CA LEU A 205 51.64 49.57 -44.91
C LEU A 205 50.16 49.34 -45.23
N GLN A 206 49.28 50.13 -44.62
CA GLN A 206 47.83 49.89 -44.65
C GLN A 206 47.26 49.52 -46.02
N PRO A 207 47.60 50.18 -47.14
CA PRO A 207 46.97 49.81 -48.41
C PRO A 207 47.20 48.35 -48.83
N TRP A 208 48.33 47.75 -48.43
CA TRP A 208 48.73 46.46 -48.98
C TRP A 208 48.10 45.27 -48.26
N ILE A 209 47.70 45.43 -46.98
CA ILE A 209 47.23 44.29 -46.21
C ILE A 209 45.95 44.62 -45.46
N GLY A 210 45.60 45.90 -45.40
CA GLY A 210 44.41 46.33 -44.70
C GLY A 210 44.67 46.78 -43.27
N SER A 211 43.69 47.48 -42.71
CA SER A 211 43.85 48.07 -41.39
C SER A 211 43.94 47.02 -40.30
N THR A 212 43.01 46.07 -40.25
CA THR A 212 43.12 44.95 -39.32
C THR A 212 44.52 44.34 -39.35
N ALA A 213 45.00 44.00 -40.55
CA ALA A 213 46.32 43.38 -40.70
C ALA A 213 47.42 44.31 -40.21
N THR A 214 47.37 45.59 -40.60
CA THR A 214 48.39 46.55 -40.19
C THR A 214 48.45 46.70 -38.67
N GLU A 215 47.28 46.78 -38.03
CA GLU A 215 47.22 46.83 -36.58
C GLU A 215 47.90 45.60 -35.99
N ALA A 216 47.63 44.42 -36.56
CA ALA A 216 48.27 43.21 -36.05
C ALA A 216 49.79 43.29 -36.23
N VAL A 217 50.26 43.79 -37.38
CA VAL A 217 51.70 43.90 -37.59
C VAL A 217 52.33 44.76 -36.50
N PHE A 218 51.80 45.97 -36.26
CA PHE A 218 52.51 46.86 -35.35
C PHE A 218 52.39 46.43 -33.89
N ALA A 219 51.28 45.79 -33.52
CA ALA A 219 51.18 45.22 -32.18
C ALA A 219 52.20 44.11 -31.97
N THR A 220 52.26 43.17 -32.91
CA THR A 220 53.27 42.12 -32.84
C THR A 220 54.66 42.73 -32.83
N GLN A 221 54.83 43.82 -33.57
CA GLN A 221 56.09 44.55 -33.60
C GLN A 221 56.52 44.94 -32.21
N ARG A 222 55.61 45.52 -31.42
CA ARG A 222 56.00 45.93 -30.07
C ARG A 222 56.35 44.70 -29.23
N GLN A 223 55.67 43.56 -29.50
CA GLN A 223 56.07 42.31 -28.85
C GLN A 223 57.48 41.87 -29.23
N PHE A 224 57.86 42.02 -30.50
CA PHE A 224 59.22 41.66 -30.92
C PHE A 224 60.25 42.57 -30.27
N PHE A 225 59.91 43.85 -30.17
CA PHE A 225 60.75 44.78 -29.42
C PHE A 225 61.01 44.28 -28.01
N HIS A 226 59.95 43.88 -27.31
CA HIS A 226 60.14 43.37 -25.95
C HIS A 226 61.03 42.12 -25.96
N ALA A 227 60.82 41.23 -26.93
CA ALA A 227 61.55 39.97 -26.92
C ALA A 227 63.01 40.14 -27.30
N THR A 228 63.38 41.23 -27.97
CA THR A 228 64.77 41.47 -28.34
C THR A 228 65.38 42.61 -27.53
N TYR A 229 64.75 42.97 -26.40
CA TYR A 229 65.31 43.90 -25.42
C TYR A 229 65.51 45.30 -26.03
N GLU A 230 64.52 45.72 -26.80
CA GLU A 230 64.44 47.07 -27.35
C GLU A 230 63.32 47.83 -26.66
N ALA A 231 63.54 49.13 -26.46
CA ALA A 231 62.60 49.96 -25.74
C ALA A 231 61.32 50.17 -26.55
N VAL A 232 60.20 50.28 -25.84
CA VAL A 232 58.89 50.45 -26.45
C VAL A 232 58.33 51.80 -25.98
N ALA A 233 58.06 52.68 -26.94
CA ALA A 233 57.53 53.99 -26.61
C ALA A 233 56.04 53.91 -26.29
N GLY A 234 55.54 54.98 -25.71
CA GLY A 234 54.11 55.17 -25.61
C GLY A 234 53.55 55.81 -26.87
N PHE A 235 52.28 56.16 -26.79
CA PHE A 235 51.54 56.82 -27.87
C PHE A 235 50.43 57.64 -27.23
N ASP A 236 50.38 58.94 -27.50
CA ASP A 236 49.39 59.80 -26.85
C ASP A 236 48.72 60.66 -27.91
N SER A 237 47.44 60.37 -28.16
CA SER A 237 46.69 61.14 -29.14
C SER A 237 46.54 62.60 -28.73
N GLU A 238 46.61 62.90 -27.43
CA GLU A 238 46.43 64.27 -26.96
C GLU A 238 47.76 65.01 -26.79
N ASN A 239 48.87 64.41 -27.21
CA ASN A 239 50.17 65.04 -27.08
C ASN A 239 50.16 66.41 -27.74
N LYS A 240 50.78 67.39 -27.07
CA LYS A 240 50.78 68.76 -27.54
C LYS A 240 52.12 69.16 -28.16
N GLU A 241 52.99 68.18 -28.44
CA GLU A 241 54.20 68.41 -29.22
C GLU A 241 53.83 68.79 -30.65
N PRO A 242 54.75 69.39 -31.40
CA PRO A 242 54.44 69.71 -32.80
C PRO A 242 54.55 68.48 -33.70
N HIS A 243 53.60 68.37 -34.63
CA HIS A 243 53.59 67.26 -35.57
C HIS A 243 54.85 67.30 -36.43
N LEU A 244 55.37 66.13 -36.74
CA LEU A 244 56.52 65.99 -37.63
C LEU A 244 56.04 65.36 -38.92
N VAL A 245 56.11 66.09 -40.02
CA VAL A 245 55.81 65.48 -41.31
C VAL A 245 57.03 64.65 -41.67
N VAL A 246 56.89 63.33 -41.65
CA VAL A 246 58.05 62.45 -41.71
C VAL A 246 58.60 62.42 -43.12
N ASP A 247 57.71 62.39 -44.11
CA ASP A 247 58.13 62.42 -45.50
C ASP A 247 58.63 63.84 -45.75
N GLY A 248 59.94 64.02 -45.58
CA GLY A 248 60.57 65.31 -45.68
C GLY A 248 60.99 65.98 -44.39
N LEU A 249 60.70 65.39 -43.22
CA LEU A 249 61.01 66.00 -41.92
C LEU A 249 60.61 67.47 -41.86
N GLY A 250 59.34 67.73 -42.20
CA GLY A 250 58.77 69.05 -42.24
C GLY A 250 57.77 69.32 -41.13
N ARG A 251 56.93 70.32 -41.36
CA ARG A 251 55.95 70.79 -40.41
C ARG A 251 54.66 71.16 -41.12
N TYR A 252 53.59 71.30 -40.33
CA TYR A 252 52.36 71.93 -40.76
C TYR A 252 52.14 73.10 -39.82
N VAL A 253 51.63 74.20 -40.34
CA VAL A 253 51.56 75.41 -39.52
C VAL A 253 50.12 75.90 -39.42
N ILE A 254 49.81 76.49 -38.28
CA ILE A 254 48.55 77.19 -38.05
C ILE A 254 48.85 78.67 -37.89
N GLY A 255 48.20 79.50 -38.70
CA GLY A 255 48.48 80.92 -38.73
C GLY A 255 47.71 81.71 -37.68
N GLN A 256 47.81 83.03 -37.79
CA GLN A 256 47.10 83.92 -36.88
C GLN A 256 45.60 83.73 -37.02
N ASP A 257 45.15 83.49 -38.25
CA ASP A 257 43.71 83.39 -38.52
C ASP A 257 43.06 82.25 -37.73
N GLY A 258 43.74 81.11 -37.66
CA GLY A 258 43.31 80.01 -36.82
C GLY A 258 42.89 78.78 -37.61
N ASN A 259 43.65 78.44 -38.64
CA ASN A 259 43.37 77.29 -39.43
C ASN A 259 44.66 76.80 -40.02
N PRO A 260 44.69 75.56 -40.50
CA PRO A 260 45.93 75.06 -41.09
C PRO A 260 46.12 75.60 -42.49
N ILE A 261 47.37 75.89 -42.84
CA ILE A 261 47.64 76.48 -44.14
C ILE A 261 47.60 75.38 -45.19
N ARG A 262 46.61 75.45 -46.05
CA ARG A 262 46.34 74.46 -47.07
C ARG A 262 46.60 75.10 -48.42
N GLU A 263 47.26 74.36 -49.30
CA GLU A 263 47.60 74.75 -50.68
C GLU A 263 46.43 74.72 -51.66
N GLU A 264 46.62 75.38 -52.80
CA GLU A 264 45.54 75.68 -53.76
C GLU A 264 44.96 74.43 -54.41
N GLY A 274 41.68 70.69 -50.46
CA GLY A 274 43.01 71.15 -50.81
C GLY A 274 44.13 70.23 -50.37
N GLU A 275 45.15 70.80 -49.73
CA GLU A 275 46.34 70.04 -49.38
C GLU A 275 47.12 70.79 -48.32
N LEU A 276 47.38 70.14 -47.19
CA LEU A 276 48.38 70.63 -46.26
C LEU A 276 49.69 70.83 -47.01
N LYS A 277 50.33 71.99 -46.83
CA LYS A 277 51.62 72.18 -47.49
C LYS A 277 52.76 72.10 -46.50
N PHE A 278 53.83 71.48 -46.98
CA PHE A 278 55.05 71.22 -46.25
C PHE A 278 55.76 72.53 -45.90
N PHE A 279 56.34 72.57 -44.71
CA PHE A 279 57.11 73.71 -44.22
C PHE A 279 58.44 73.19 -43.73
N SER A 280 59.53 73.84 -44.13
CA SER A 280 60.81 73.43 -43.58
C SER A 280 60.88 73.81 -42.10
N GLN A 281 61.69 73.08 -41.36
CA GLN A 281 61.88 73.43 -39.96
C GLN A 281 62.78 74.64 -39.82
N LYS A 282 63.64 74.87 -40.81
CA LYS A 282 64.53 76.01 -40.94
C LYS A 282 63.81 77.24 -41.48
N LYS A 283 62.58 77.06 -41.98
CA LYS A 283 61.83 78.14 -42.60
C LYS A 283 61.48 79.24 -41.60
N LYS A 284 61.52 80.49 -42.07
CA LYS A 284 61.17 81.64 -41.25
C LYS A 284 59.70 81.57 -40.85
N LEU A 285 59.39 82.00 -39.64
CA LEU A 285 58.03 81.91 -39.13
C LEU A 285 57.41 83.29 -38.92
N GLU A 286 56.21 83.47 -39.45
CA GLU A 286 55.46 84.72 -39.29
C GLU A 286 55.02 84.89 -37.85
N GLU A 287 54.87 86.14 -37.41
CA GLU A 287 54.51 86.42 -36.03
C GLU A 287 53.14 85.82 -35.72
N ASN A 288 53.02 85.25 -34.53
CA ASN A 288 51.81 84.54 -34.12
C ASN A 288 51.36 83.49 -35.14
N GLN A 289 52.29 82.96 -35.92
CA GLN A 289 52.06 81.75 -36.68
C GLN A 289 52.64 80.60 -35.86
N ARG A 290 52.00 79.44 -35.94
CA ARG A 290 52.43 78.36 -35.08
C ARG A 290 52.37 77.02 -35.81
N TYR A 291 53.06 76.04 -35.25
CA TYR A 291 53.10 74.69 -35.78
C TYR A 291 51.84 73.91 -35.39
N MSE A 292 51.46 72.97 -36.25
CA MSE A 292 50.40 72.03 -35.94
C MSE A 292 50.90 71.02 -34.91
O MSE A 292 51.95 70.40 -35.09
CB MSE A 292 49.92 71.32 -37.21
CG MSE A 292 48.54 70.71 -37.08
SE MSE A 292 48.10 69.59 -38.62
CE MSE A 292 46.59 70.60 -39.32
N ARG A 293 50.15 70.86 -33.82
CA ARG A 293 50.55 69.85 -32.87
C ARG A 293 50.06 68.48 -33.34
N VAL A 294 50.66 67.43 -32.78
CA VAL A 294 50.22 66.07 -33.05
C VAL A 294 48.74 65.91 -32.73
N ASP A 295 48.30 66.44 -31.57
CA ASP A 295 46.89 66.36 -31.20
C ASP A 295 45.98 66.85 -32.33
N GLU A 296 46.33 67.97 -32.95
CA GLU A 296 45.52 68.49 -34.04
C GLU A 296 45.66 67.67 -35.32
N TYR A 297 46.84 67.07 -35.57
CA TYR A 297 47.01 66.25 -36.77
C TYR A 297 46.13 65.00 -36.72
N LEU A 298 46.15 64.29 -35.58
CA LEU A 298 45.39 63.05 -35.50
C LEU A 298 43.89 63.27 -35.52
N LYS A 299 43.43 64.50 -35.28
CA LYS A 299 42.00 64.79 -35.34
C LYS A 299 41.51 65.29 -36.69
N LEU A 300 42.38 65.39 -37.69
CA LEU A 300 41.89 65.75 -39.01
C LEU A 300 41.14 64.58 -39.63
N ASP A 301 40.13 64.91 -40.43
CA ASP A 301 39.25 63.88 -40.97
C ASP A 301 40.00 62.91 -41.86
N GLU A 302 40.89 63.42 -42.72
CA GLU A 302 41.66 62.52 -43.58
C GLU A 302 42.50 61.54 -42.78
N VAL A 303 42.95 61.95 -41.58
CA VAL A 303 43.79 61.05 -40.79
C VAL A 303 42.94 60.04 -40.03
N GLN A 304 41.79 60.46 -39.51
CA GLN A 304 40.90 59.51 -38.84
C GLN A 304 40.39 58.44 -39.79
N LYS A 305 40.14 58.80 -41.06
CA LYS A 305 39.66 57.81 -42.02
C LYS A 305 40.72 56.77 -42.36
N ARG A 306 41.99 57.03 -42.08
CA ARG A 306 43.05 56.09 -42.42
C ARG A 306 43.85 55.62 -41.21
N PHE A 307 43.55 56.13 -40.01
CA PHE A 307 44.33 55.75 -38.84
C PHE A 307 43.42 55.67 -37.62
N PRO A 308 43.26 54.48 -37.01
CA PRO A 308 42.35 54.36 -35.88
C PRO A 308 42.99 54.72 -34.55
N GLY A 309 44.12 55.45 -34.60
CA GLY A 309 44.78 55.87 -33.39
C GLY A 309 44.14 57.05 -32.68
N ALA A 310 43.20 57.74 -33.34
CA ALA A 310 42.61 58.94 -32.75
C ALA A 310 41.96 58.61 -31.41
N GLY A 311 42.21 59.46 -30.41
CA GLY A 311 41.61 59.33 -29.10
C GLY A 311 42.11 58.16 -28.28
N LYS A 312 43.06 57.40 -28.78
CA LYS A 312 43.57 56.22 -28.11
C LYS A 312 44.92 56.55 -27.51
N LYS A 313 45.33 55.77 -26.51
CA LYS A 313 46.65 56.01 -25.96
C LYS A 313 47.23 54.67 -25.56
N LEU A 314 48.56 54.52 -25.67
CA LEU A 314 49.24 53.26 -25.35
C LEU A 314 50.37 53.48 -24.35
N ASP A 315 50.51 52.58 -23.39
CA ASP A 315 51.55 52.72 -22.38
C ASP A 315 52.89 52.25 -22.92
N GLY A 316 53.96 52.94 -22.54
CA GLY A 316 55.30 52.50 -22.91
C GLY A 316 55.84 51.46 -21.95
N GLY A 317 57.02 50.93 -22.29
CA GLY A 317 57.65 49.98 -21.40
C GLY A 317 56.91 48.65 -21.33
N LEU A 318 57.22 47.89 -20.29
CA LEU A 318 56.58 46.60 -20.07
C LEU A 318 55.56 46.68 -18.94
N PRO A 319 54.37 46.10 -19.14
CA PRO A 319 53.38 46.09 -18.05
C PRO A 319 53.85 45.17 -16.93
N GLY A 320 53.67 45.63 -15.70
CA GLY A 320 54.15 44.91 -14.53
C GLY A 320 55.55 45.29 -14.11
N LEU A 321 56.17 46.23 -14.83
CA LEU A 321 57.55 46.57 -14.58
C LEU A 321 57.74 48.02 -14.19
N LYS A 322 58.51 48.26 -13.14
CA LYS A 322 58.87 49.59 -12.72
C LYS A 322 59.77 50.21 -13.78
N GLU A 323 59.74 51.53 -13.91
CA GLU A 323 60.52 52.20 -14.93
C GLU A 323 62.00 51.93 -14.70
N TYR A 324 62.40 51.92 -13.44
CA TYR A 324 63.79 51.62 -13.08
C TYR A 324 64.18 50.19 -13.45
N GLN A 325 63.33 49.22 -13.16
CA GLN A 325 63.64 47.85 -13.58
C GLN A 325 63.42 47.67 -15.09
N TYR A 326 62.53 48.44 -15.74
CA TYR A 326 62.47 48.36 -17.21
C TYR A 326 63.82 48.74 -17.81
N LEU A 327 64.41 49.85 -17.32
CA LEU A 327 65.74 50.25 -17.78
C LEU A 327 66.79 49.23 -17.38
N GLN A 328 66.64 48.60 -16.22
CA GLN A 328 67.56 47.53 -15.83
C GLN A 328 67.50 46.36 -16.81
N ARG A 329 66.29 46.02 -17.25
CA ARG A 329 66.08 44.92 -18.18
C ARG A 329 66.66 45.24 -19.55
N LEU A 330 66.56 46.50 -19.97
CA LEU A 330 67.08 46.90 -21.28
C LEU A 330 68.60 46.80 -21.33
N ASN A 331 69.27 46.81 -20.17
CA ASN A 331 70.72 46.71 -20.10
C ASN A 331 71.18 45.31 -19.70
N SER A 332 70.29 44.32 -19.79
CA SER A 332 70.65 42.93 -19.54
C SER A 332 71.66 42.43 -20.56
N ILE A 333 72.34 41.34 -20.19
CA ILE A 333 73.26 40.69 -21.13
C ILE A 333 72.50 40.05 -22.28
N ASN A 334 71.21 39.77 -22.08
CA ASN A 334 70.41 39.13 -23.11
C ASN A 334 70.28 40.01 -24.35
N ARG A 335 70.40 41.33 -24.19
CA ARG A 335 70.42 42.20 -25.35
C ARG A 335 71.61 41.87 -26.25
N ALA A 336 72.80 41.71 -25.64
CA ALA A 336 73.97 41.34 -26.41
C ALA A 336 73.84 39.94 -26.99
N ARG A 337 73.16 39.03 -26.27
CA ARG A 337 72.90 37.72 -26.86
C ARG A 337 72.01 37.85 -28.10
N CYS A 338 70.98 38.70 -28.04
CA CYS A 338 70.13 38.90 -29.20
C CYS A 338 70.90 39.48 -30.37
N GLU A 339 71.82 40.41 -30.08
CA GLU A 339 72.60 41.08 -31.11
C GLU A 339 73.80 40.27 -31.59
N ASN A 340 74.14 39.15 -30.94
CA ASN A 340 75.29 38.35 -31.36
C ASN A 340 75.01 36.86 -31.56
N ASP A 341 73.88 36.34 -31.08
CA ASP A 341 73.60 34.91 -31.18
C ASP A 341 72.34 34.73 -32.03
N VAL A 342 72.53 34.25 -33.27
CA VAL A 342 71.42 34.07 -34.20
C VAL A 342 70.37 33.15 -33.60
N ASP A 343 70.81 32.03 -33.03
CA ASP A 343 69.88 31.03 -32.52
C ASP A 343 69.08 31.58 -31.35
N PHE A 344 69.75 32.34 -30.47
CA PHE A 344 69.08 32.91 -29.32
C PHE A 344 68.04 33.93 -29.74
N CYS A 345 68.42 34.83 -30.67
CA CYS A 345 67.50 35.87 -31.11
C CYS A 345 66.30 35.29 -31.84
N LEU A 346 66.54 34.32 -32.74
CA LEU A 346 65.42 33.63 -33.38
C LEU A 346 64.55 32.92 -32.35
N GLY A 347 65.13 32.42 -31.26
CA GLY A 347 64.30 31.84 -30.22
C GLY A 347 63.39 32.85 -29.55
N GLN A 348 63.96 34.01 -29.17
CA GLN A 348 63.17 35.09 -28.59
C GLN A 348 62.01 35.46 -29.52
N LEU A 349 62.34 35.75 -30.78
CA LEU A 349 61.31 36.13 -31.73
C LEU A 349 60.28 35.02 -31.92
N GLN A 350 60.71 33.76 -31.99
CA GLN A 350 59.75 32.67 -32.14
C GLN A 350 58.78 32.62 -30.97
N THR A 351 59.27 32.80 -29.74
CA THR A 351 58.37 32.75 -28.59
C THR A 351 57.37 33.91 -28.65
N ALA A 352 57.84 35.12 -28.97
CA ALA A 352 56.91 36.25 -29.09
C ALA A 352 55.86 35.98 -30.17
N HIS A 353 56.31 35.56 -31.35
CA HIS A 353 55.41 35.24 -32.45
C HIS A 353 54.37 34.19 -32.06
N HIS A 354 54.80 33.15 -31.34
CA HIS A 354 53.86 32.12 -30.92
C HIS A 354 52.84 32.67 -29.92
N GLN A 355 53.28 33.56 -29.03
CA GLN A 355 52.37 34.09 -28.03
C GLN A 355 51.34 35.02 -28.67
N THR A 356 51.72 35.73 -29.75
CA THR A 356 50.73 36.59 -30.39
C THR A 356 49.62 35.79 -31.07
N LYS A 357 49.76 34.48 -31.19
CA LYS A 357 48.66 33.67 -31.67
C LYS A 357 47.76 33.13 -30.56
N ILE A 358 48.17 33.29 -29.29
CA ILE A 358 47.42 32.79 -28.16
C ILE A 358 46.70 33.92 -27.43
N THR A 359 47.39 35.04 -27.19
CA THR A 359 46.77 36.12 -26.42
C THR A 359 45.46 36.61 -27.03
N PRO A 360 45.30 36.74 -28.35
CA PRO A 360 43.99 37.10 -28.90
C PRO A 360 42.90 36.11 -28.52
N ILE A 361 43.21 34.81 -28.55
CA ILE A 361 42.22 33.80 -28.20
C ILE A 361 41.71 34.01 -26.78
N LYS A 362 42.63 34.20 -25.82
CA LYS A 362 42.23 34.32 -24.44
C LYS A 362 41.57 35.66 -24.15
N ARG A 363 41.81 36.68 -24.99
CA ARG A 363 41.05 37.92 -24.83
C ARG A 363 39.58 37.75 -25.22
N ALA A 364 39.25 36.80 -26.09
CA ALA A 364 37.89 36.70 -26.61
C ALA A 364 36.92 36.01 -25.66
N PHE A 365 37.42 35.32 -24.64
CA PHE A 365 36.56 34.57 -23.72
C PHE A 365 36.85 35.00 -22.28
N GLN A 366 35.94 34.66 -21.38
CA GLN A 366 36.18 34.93 -19.98
C GLN A 366 37.45 34.23 -19.52
N SER A 367 38.11 34.83 -18.54
CA SER A 367 39.35 34.24 -18.09
C SER A 367 39.07 33.10 -17.11
N SER A 368 40.10 32.31 -16.88
CA SER A 368 40.04 31.25 -15.88
C SER A 368 41.32 31.34 -15.07
N SER A 369 41.20 31.19 -13.76
CA SER A 369 42.40 31.23 -12.92
C SER A 369 42.93 29.86 -12.57
N GLU A 370 42.06 28.86 -12.43
CA GLU A 370 42.45 27.53 -11.96
C GLU A 370 42.71 26.57 -13.11
N LYS A 371 43.86 25.89 -13.05
CA LYS A 371 44.24 24.93 -14.06
C LYS A 371 43.67 23.52 -13.80
N ALA A 372 43.29 23.22 -12.56
CA ALA A 372 42.79 21.90 -12.23
C ALA A 372 41.35 21.69 -12.71
N ARG A 373 40.97 20.42 -12.86
CA ARG A 373 39.57 20.10 -13.06
C ARG A 373 38.77 20.56 -11.86
N ARG A 374 37.52 20.96 -12.12
CA ARG A 374 36.65 21.36 -11.02
C ARG A 374 36.38 20.19 -10.08
N GLN A 375 35.75 20.51 -8.95
CA GLN A 375 35.31 19.51 -8.00
C GLN A 375 34.05 18.81 -8.49
N PRO A 376 33.73 17.65 -7.91
CA PRO A 376 32.60 16.88 -8.45
C PRO A 376 31.30 17.60 -8.21
N ASN A 377 30.38 17.50 -9.17
CA ASN A 377 29.01 17.95 -8.93
C ASN A 377 28.19 16.83 -8.30
N MSE A 378 26.94 17.16 -8.00
CA MSE A 378 25.94 16.20 -7.51
C MSE A 378 25.93 14.90 -8.31
O MSE A 378 26.15 13.81 -7.77
CB MSE A 378 24.57 16.85 -7.58
CG MSE A 378 24.02 17.36 -6.29
SE MSE A 378 22.26 18.15 -6.62
CE MSE A 378 21.80 17.25 -8.29
N ASP A 379 25.66 15.05 -9.60
CA ASP A 379 25.42 13.90 -10.45
C ASP A 379 26.70 13.08 -10.67
N GLU A 380 27.87 13.70 -10.59
CA GLU A 380 29.10 12.92 -10.67
C GLU A 380 29.32 12.09 -9.41
N ILE A 381 29.00 12.64 -8.24
CA ILE A 381 29.09 11.88 -7.00
C ILE A 381 28.12 10.70 -7.05
N ALA A 382 26.87 10.96 -7.43
CA ALA A 382 25.89 9.89 -7.54
C ALA A 382 26.31 8.86 -8.58
N ALA A 383 26.80 9.31 -9.72
CA ALA A 383 27.25 8.38 -10.75
C ALA A 383 28.38 7.50 -10.25
N ALA A 384 29.33 8.09 -9.53
CA ALA A 384 30.41 7.29 -8.95
C ALA A 384 29.85 6.23 -8.01
N ARG A 385 28.83 6.59 -7.20
CA ARG A 385 28.23 5.60 -6.29
C ARG A 385 27.56 4.47 -7.06
N ILE A 386 26.79 4.80 -8.10
CA ILE A 386 26.13 3.78 -8.91
C ILE A 386 27.16 2.89 -9.58
N VAL A 387 28.31 3.47 -9.96
CA VAL A 387 29.34 2.66 -10.61
C VAL A 387 29.99 1.71 -9.60
N GLN A 388 30.27 2.21 -8.39
CA GLN A 388 30.81 1.33 -7.37
C GLN A 388 29.84 0.21 -7.03
N GLN A 389 28.55 0.50 -7.07
CA GLN A 389 27.55 -0.50 -6.71
C GLN A 389 27.40 -1.56 -7.79
N ILE A 390 27.30 -1.13 -9.06
CA ILE A 390 27.31 -2.10 -10.15
C ILE A 390 28.55 -2.97 -10.08
N MSE A 391 29.70 -2.36 -9.79
CA MSE A 391 30.96 -3.09 -9.73
C MSE A 391 30.98 -4.14 -8.60
O MSE A 391 31.38 -5.30 -8.83
CB MSE A 391 32.13 -2.12 -9.52
CG MSE A 391 32.46 -1.25 -10.73
SE MSE A 391 32.76 -2.28 -12.33
CE MSE A 391 34.52 -2.96 -11.88
N ALA A 392 30.57 -3.75 -7.40
CA ALA A 392 30.63 -4.63 -6.25
C ALA A 392 29.66 -5.80 -6.36
N ASN A 393 28.56 -5.59 -7.08
CA ASN A 393 27.49 -6.58 -7.18
C ASN A 393 27.12 -6.71 -8.66
N PRO A 394 27.89 -7.49 -9.42
CA PRO A 394 27.63 -7.61 -10.87
C PRO A 394 26.43 -8.46 -11.21
N ASP A 395 25.82 -9.13 -10.23
CA ASP A 395 24.60 -9.90 -10.47
C ASP A 395 23.49 -9.05 -11.06
N CYS A 396 23.60 -7.72 -10.93
CA CYS A 396 22.58 -6.79 -11.39
C CYS A 396 22.64 -6.51 -12.89
N ILE A 397 23.64 -7.01 -13.61
CA ILE A 397 23.79 -6.70 -15.02
C ILE A 397 23.01 -7.73 -15.82
N HIS A 398 21.95 -7.28 -16.48
CA HIS A 398 21.19 -8.09 -17.39
C HIS A 398 21.56 -7.69 -18.82
N ASP A 399 20.86 -8.23 -19.80
CA ASP A 399 21.26 -8.03 -21.19
C ASP A 399 20.70 -6.76 -21.79
N ASP A 400 19.65 -6.21 -21.18
CA ASP A 400 18.94 -5.05 -21.68
C ASP A 400 19.03 -3.87 -20.74
N HIS A 401 19.45 -4.11 -19.50
CA HIS A 401 19.38 -3.10 -18.45
C HIS A 401 20.25 -3.56 -17.29
N VAL A 402 20.47 -2.63 -16.36
CA VAL A 402 20.97 -2.95 -15.03
C VAL A 402 19.82 -2.77 -14.06
N PHE A 403 19.67 -3.70 -13.12
CA PHE A 403 18.62 -3.63 -12.11
C PHE A 403 19.30 -3.50 -10.76
N LEU A 404 19.25 -2.33 -10.16
CA LEU A 404 19.98 -2.10 -8.93
C LEU A 404 19.08 -1.45 -7.90
N ASN A 405 19.00 -2.06 -6.73
CA ASN A 405 18.24 -1.56 -5.58
C ASN A 405 16.86 -1.05 -6.00
N GLY A 406 16.18 -1.84 -6.83
CA GLY A 406 14.82 -1.56 -7.21
C GLY A 406 14.62 -0.55 -8.32
N GLN A 407 15.69 -0.08 -8.94
CA GLN A 407 15.62 0.83 -10.07
C GLN A 407 16.21 0.15 -11.30
N LYS A 408 15.72 0.55 -12.47
CA LYS A 408 16.11 -0.07 -13.73
C LYS A 408 16.83 0.99 -14.57
N LEU A 409 18.12 0.80 -14.77
CA LEU A 409 18.94 1.71 -15.57
C LEU A 409 19.09 1.11 -16.96
N GLU A 410 18.62 1.85 -17.98
CA GLU A 410 18.68 1.37 -19.34
C GLU A 410 19.82 2.05 -20.09
N GLU A 411 19.94 1.72 -21.38
CA GLU A 411 21.07 2.19 -22.19
C GLU A 411 21.31 3.68 -22.07
N LYS A 412 20.26 4.48 -22.25
CA LYS A 412 20.50 5.91 -22.31
C LYS A 412 20.95 6.46 -20.95
N PHE A 413 20.61 5.83 -19.84
CA PHE A 413 21.12 6.35 -18.58
C PHE A 413 22.65 6.36 -18.60
N PHE A 414 23.25 5.30 -19.13
CA PHE A 414 24.70 5.21 -19.22
C PHE A 414 25.27 6.05 -20.36
N ARG A 415 24.54 6.21 -21.47
CA ARG A 415 25.00 7.18 -22.46
C ARG A 415 24.92 8.61 -21.94
N ASP A 416 23.96 8.87 -21.05
CA ASP A 416 23.87 10.15 -20.35
C ASP A 416 25.05 10.38 -19.44
N LEU A 417 25.48 9.33 -18.75
CA LEU A 417 26.67 9.47 -17.92
C LEU A 417 27.88 9.77 -18.81
N LEU A 418 28.03 9.01 -19.90
CA LEU A 418 29.11 9.27 -20.86
C LEU A 418 29.04 10.67 -21.45
N ALA A 419 27.86 11.28 -21.54
CA ALA A 419 27.75 12.58 -22.21
C ALA A 419 27.86 13.76 -21.26
N LYS A 420 27.42 13.63 -20.00
CA LYS A 420 27.26 14.78 -19.12
C LYS A 420 28.23 14.81 -17.95
N CYS A 421 28.82 13.68 -17.57
CA CYS A 421 29.76 13.68 -16.47
C CYS A 421 31.18 13.79 -16.99
N ASP A 422 32.00 14.53 -16.24
CA ASP A 422 33.45 14.42 -16.38
C ASP A 422 33.86 13.07 -15.81
N MSE A 423 34.08 12.09 -16.67
CA MSE A 423 34.34 10.74 -16.20
C MSE A 423 35.73 10.62 -15.58
O MSE A 423 36.03 9.63 -14.90
CB MSE A 423 34.14 9.74 -17.34
CG MSE A 423 32.68 9.64 -17.76
SE MSE A 423 31.60 8.36 -16.71
CE MSE A 423 30.98 9.45 -15.30
N ALA A 424 36.57 11.63 -15.78
CA ALA A 424 37.81 11.72 -15.02
C ALA A 424 37.53 12.10 -13.58
N ILE A 425 36.67 13.11 -13.38
CA ILE A 425 36.25 13.48 -12.04
C ILE A 425 35.56 12.31 -11.35
N VAL A 426 34.72 11.59 -12.08
CA VAL A 426 34.09 10.41 -11.51
C VAL A 426 35.13 9.37 -11.15
N GLY A 427 36.10 9.12 -12.04
CA GLY A 427 37.14 8.17 -11.72
C GLY A 427 37.91 8.56 -10.48
N SER A 428 38.00 9.85 -10.19
CA SER A 428 38.69 10.31 -9.00
C SER A 428 37.95 9.96 -7.73
N LEU A 429 36.70 9.51 -7.83
CA LEU A 429 35.88 9.15 -6.68
C LEU A 429 35.81 7.65 -6.43
N LEU A 430 36.41 6.83 -7.29
CA LEU A 430 36.44 5.38 -7.08
C LEU A 430 37.67 4.99 -6.26
N ASN A 431 37.70 3.74 -5.84
CA ASN A 431 38.72 3.25 -4.90
C ASN A 431 39.37 1.99 -5.45
N ASP A 432 40.38 1.50 -4.72
CA ASP A 432 41.13 0.34 -5.17
C ASP A 432 40.28 -0.93 -5.20
N THR A 433 39.22 -1.01 -4.38
CA THR A 433 38.36 -2.20 -4.40
C THR A 433 37.44 -2.24 -5.62
N ASP A 434 37.03 -1.09 -6.16
CA ASP A 434 36.32 -1.11 -7.44
C ASP A 434 37.23 -1.65 -8.54
N ILE A 435 38.49 -1.17 -8.55
CA ILE A 435 39.51 -1.70 -9.45
C ILE A 435 39.60 -3.21 -9.29
N ARG A 436 39.70 -3.66 -8.04
CA ARG A 436 39.81 -5.09 -7.78
C ARG A 436 38.55 -5.84 -8.26
N ASN A 437 37.39 -5.18 -8.16
CA ASN A 437 36.14 -5.78 -8.61
C ASN A 437 36.04 -5.87 -10.12
N ILE A 438 36.97 -5.25 -10.85
CA ILE A 438 36.98 -5.46 -12.30
C ILE A 438 37.05 -6.95 -12.62
N ASP A 439 37.88 -7.70 -11.89
CA ASP A 439 38.02 -9.14 -12.16
C ASP A 439 36.68 -9.86 -12.05
N THR A 440 35.88 -9.51 -11.04
CA THR A 440 34.56 -10.11 -10.88
C THR A 440 33.66 -9.71 -12.05
N LEU A 441 33.63 -8.42 -12.39
CA LEU A 441 32.81 -7.97 -13.52
C LEU A 441 33.15 -8.73 -14.79
N MSE A 442 34.44 -8.90 -15.07
CA MSE A 442 34.91 -9.63 -16.23
C MSE A 442 34.45 -11.08 -16.18
O MSE A 442 34.07 -11.63 -17.22
CB MSE A 442 36.43 -9.56 -16.32
CG MSE A 442 36.93 -8.21 -16.78
SE MSE A 442 35.98 -7.54 -18.37
CE MSE A 442 37.39 -6.40 -19.10
N GLN A 443 34.46 -11.69 -14.99
CA GLN A 443 33.93 -13.06 -14.88
C GLN A 443 32.46 -13.10 -15.29
N HIS A 444 31.65 -12.20 -14.72
CA HIS A 444 30.23 -12.15 -15.08
C HIS A 444 30.05 -11.91 -16.58
N GLU A 445 30.96 -11.17 -17.20
CA GLU A 445 30.90 -10.88 -18.63
C GLU A 445 31.84 -11.76 -19.44
N ARG A 446 32.07 -12.99 -18.97
CA ARG A 446 33.06 -13.88 -19.57
C ARG A 446 32.85 -14.05 -21.07
N ASN A 447 31.58 -14.18 -21.48
CA ASN A 447 31.23 -14.42 -22.88
C ASN A 447 30.45 -13.29 -23.51
N THR A 448 30.41 -12.12 -22.87
CA THR A 448 29.94 -10.93 -23.55
C THR A 448 30.88 -10.62 -24.71
N GLU A 449 30.33 -10.44 -25.90
CA GLU A 449 31.15 -10.26 -27.08
C GLU A 449 31.23 -8.79 -27.45
N PHE A 450 32.45 -8.29 -27.57
CA PHE A 450 32.69 -6.95 -28.07
C PHE A 450 32.95 -7.03 -29.57
N HIS A 451 32.63 -5.94 -30.26
CA HIS A 451 32.79 -5.81 -31.69
C HIS A 451 33.64 -4.58 -31.99
N SER A 452 34.76 -4.79 -32.66
CA SER A 452 35.49 -3.66 -33.23
C SER A 452 34.58 -2.87 -34.18
N THR A 453 34.93 -1.60 -34.38
CA THR A 453 34.21 -0.81 -35.36
C THR A 453 34.63 -1.19 -36.76
N ASP A 454 35.69 -1.97 -36.90
CA ASP A 454 36.13 -2.53 -38.16
C ASP A 454 35.32 -3.80 -38.43
N ALA A 455 34.50 -3.78 -39.48
CA ALA A 455 33.59 -4.89 -39.74
C ALA A 455 34.31 -6.10 -40.28
N LYS A 456 35.57 -5.97 -40.63
CA LYS A 456 36.35 -7.12 -41.04
C LYS A 456 37.00 -7.84 -39.88
N ALA A 457 36.77 -7.39 -38.65
CA ALA A 457 37.22 -8.07 -37.45
C ALA A 457 36.10 -8.91 -36.85
N LYS A 458 36.48 -10.04 -36.26
CA LYS A 458 35.54 -10.97 -35.64
C LYS A 458 35.27 -10.54 -34.20
N PRO A 459 34.09 -10.90 -33.68
CA PRO A 459 33.78 -10.57 -32.30
C PRO A 459 34.74 -11.26 -31.34
N VAL A 460 35.12 -10.54 -30.29
CA VAL A 460 35.96 -11.06 -29.21
C VAL A 460 35.10 -11.13 -27.96
N LYS A 461 35.31 -12.16 -27.15
CA LYS A 461 34.61 -12.26 -25.87
C LYS A 461 35.41 -11.50 -24.83
N LEU A 462 34.76 -10.55 -24.16
CA LEU A 462 35.41 -9.63 -23.25
C LEU A 462 36.06 -10.32 -22.05
N GLY A 463 35.21 -10.86 -21.16
CA GLY A 463 35.71 -11.45 -19.92
C GLY A 463 36.74 -12.54 -20.15
N GLU A 464 36.46 -13.43 -21.12
CA GLU A 464 37.40 -14.51 -21.41
C GLU A 464 38.78 -13.95 -21.78
N THR A 465 38.81 -13.02 -22.73
CA THR A 465 40.08 -12.45 -23.16
C THR A 465 40.76 -11.73 -22.00
N TRP A 466 39.99 -11.06 -21.15
CA TRP A 466 40.56 -10.45 -19.96
C TRP A 466 41.29 -11.50 -19.12
N GLU A 467 40.66 -12.66 -18.90
CA GLU A 467 41.25 -13.64 -17.98
C GLU A 467 42.41 -14.38 -18.63
N LYS A 468 42.33 -14.67 -19.92
CA LYS A 468 43.31 -15.54 -20.57
C LYS A 468 44.40 -14.78 -21.31
N THR A 469 44.26 -13.49 -21.51
CA THR A 469 45.29 -12.84 -22.31
C THR A 469 45.78 -11.54 -21.71
N ILE A 470 44.91 -10.78 -21.04
CA ILE A 470 45.28 -9.45 -20.58
C ILE A 470 45.80 -9.49 -19.15
N ARG A 471 45.03 -10.08 -18.25
CA ARG A 471 45.26 -9.95 -16.82
C ARG A 471 46.46 -10.77 -16.37
N SER A 472 47.32 -10.18 -15.54
CA SER A 472 48.64 -10.78 -15.30
C SER A 472 48.89 -11.09 -13.83
N GLY A 473 47.86 -11.15 -13.00
CA GLY A 473 48.05 -11.31 -11.56
C GLY A 473 48.39 -10.02 -10.82
N GLY A 474 48.89 -10.19 -9.59
CA GLY A 474 49.39 -9.08 -8.81
C GLY A 474 48.33 -8.35 -8.01
N GLY A 475 48.73 -7.19 -7.48
CA GLY A 475 47.85 -6.32 -6.74
C GLY A 475 47.15 -5.29 -7.62
N VAL A 476 46.53 -4.30 -6.96
CA VAL A 476 45.68 -3.33 -7.66
C VAL A 476 46.46 -2.60 -8.74
N THR A 477 47.67 -2.11 -8.42
CA THR A 477 48.44 -1.34 -9.39
C THR A 477 48.66 -2.15 -10.66
N GLN A 478 48.93 -3.44 -10.51
CA GLN A 478 49.08 -4.31 -11.65
C GLN A 478 47.79 -4.40 -12.44
N ILE A 479 46.64 -4.42 -11.76
CA ILE A 479 45.36 -4.41 -12.46
C ILE A 479 45.22 -3.14 -13.26
N LYS A 480 45.54 -2.00 -12.64
CA LYS A 480 45.42 -0.73 -13.32
C LYS A 480 46.25 -0.74 -14.60
N HIS A 481 47.50 -1.21 -14.51
CA HIS A 481 48.34 -1.33 -15.69
C HIS A 481 47.75 -2.28 -16.72
N ASP A 482 47.15 -3.39 -16.26
CA ASP A 482 46.54 -4.35 -17.18
C ASP A 482 45.36 -3.73 -17.93
N LEU A 483 44.50 -3.01 -17.22
CA LEU A 483 43.40 -2.27 -17.83
C LEU A 483 43.92 -1.29 -18.87
N ILE A 484 44.90 -0.48 -18.49
CA ILE A 484 45.50 0.47 -19.43
C ILE A 484 46.03 -0.26 -20.65
N PHE A 485 46.60 -1.45 -20.44
CA PHE A 485 47.11 -2.26 -21.54
C PHE A 485 45.99 -2.79 -22.43
N LEU A 486 44.86 -3.16 -21.84
CA LEU A 486 43.70 -3.52 -22.65
C LEU A 486 43.35 -2.36 -23.56
N MSE A 487 43.29 -1.16 -23.01
CA MSE A 487 43.03 0.02 -23.83
C MSE A 487 44.07 0.23 -24.92
O MSE A 487 43.73 0.50 -26.07
CB MSE A 487 42.97 1.26 -22.98
CG MSE A 487 43.13 2.52 -23.77
SE MSE A 487 42.88 4.05 -22.62
CE MSE A 487 44.75 4.41 -22.22
N GLN A 488 45.33 0.10 -24.53
CA GLN A 488 46.40 0.47 -25.45
C GLN A 488 46.57 -0.55 -26.56
N ASN A 489 46.18 -1.80 -26.32
CA ASN A 489 46.66 -2.88 -27.17
C ASN A 489 45.56 -3.56 -27.99
N ASP A 490 44.29 -3.47 -27.57
CA ASP A 490 43.21 -4.25 -28.19
C ASP A 490 42.25 -3.33 -28.92
N ALA A 491 42.36 -3.32 -30.25
CA ALA A 491 41.54 -2.42 -31.07
C ALA A 491 40.06 -2.81 -31.04
N TRP A 492 39.76 -4.11 -30.94
CA TRP A 492 38.38 -4.57 -30.84
C TRP A 492 37.68 -4.01 -29.61
N TYR A 493 38.45 -3.57 -28.62
CA TYR A 493 37.92 -2.94 -27.42
C TYR A 493 37.94 -1.41 -27.51
N HIS A 494 39.09 -0.82 -27.80
CA HIS A 494 39.14 0.64 -27.67
C HIS A 494 38.42 1.36 -28.80
N THR A 495 38.29 0.76 -29.99
CA THR A 495 37.57 1.47 -31.04
C THR A 495 36.07 1.54 -30.72
N ARG A 496 35.50 0.44 -30.23
CA ARG A 496 34.11 0.43 -29.79
C ARG A 496 33.92 1.37 -28.61
N VAL A 497 34.83 1.33 -27.63
CA VAL A 497 34.69 2.15 -26.43
C VAL A 497 34.71 3.62 -26.80
N ASN A 498 35.69 4.03 -27.62
CA ASN A 498 35.81 5.41 -28.03
C ASN A 498 34.58 5.87 -28.82
N ALA A 499 34.16 5.08 -29.81
CA ALA A 499 32.98 5.45 -30.59
C ALA A 499 31.77 5.67 -29.69
N ILE A 500 31.56 4.77 -28.72
CA ILE A 500 30.42 4.91 -27.83
C ILE A 500 30.56 6.14 -26.94
N ALA A 501 31.75 6.36 -26.37
CA ALA A 501 31.94 7.48 -25.46
C ALA A 501 31.69 8.81 -26.17
N GLN A 502 32.08 8.90 -27.44
CA GLN A 502 31.92 10.10 -28.23
C GLN A 502 30.57 10.19 -28.94
N ASN A 503 29.67 9.24 -28.69
CA ASN A 503 28.31 9.24 -29.26
C ASN A 503 28.35 9.26 -30.79
N ARG A 504 29.22 8.42 -31.36
CA ARG A 504 29.35 8.34 -32.81
C ARG A 504 29.40 6.89 -33.25
N ASP A 505 28.88 5.99 -32.43
CA ASP A 505 28.92 4.57 -32.69
C ASP A 505 27.68 4.14 -33.47
N LYS A 506 27.84 3.08 -34.27
CA LYS A 506 26.73 2.45 -34.98
C LYS A 506 26.60 1.01 -34.51
N ASP A 507 25.37 0.63 -34.13
CA ASP A 507 24.98 -0.78 -33.93
C ASP A 507 25.72 -1.42 -32.76
N SER A 508 25.71 -0.75 -31.62
CA SER A 508 26.34 -1.25 -30.42
C SER A 508 25.31 -1.97 -29.55
N THR A 509 25.79 -2.96 -28.82
CA THR A 509 24.99 -3.67 -27.84
C THR A 509 24.88 -2.87 -26.54
N PHE A 510 23.83 -3.16 -25.77
CA PHE A 510 23.69 -2.54 -24.46
C PHE A 510 24.93 -2.79 -23.61
N LYS A 511 25.42 -4.03 -23.61
CA LYS A 511 26.58 -4.36 -22.77
C LYS A 511 27.83 -3.62 -23.20
N GLU A 512 28.00 -3.37 -24.51
CA GLU A 512 29.11 -2.53 -24.94
C GLU A 512 29.00 -1.12 -24.36
N VAL A 513 27.79 -0.56 -24.37
CA VAL A 513 27.58 0.79 -23.81
C VAL A 513 27.88 0.79 -22.31
N LEU A 514 27.36 -0.20 -21.59
CA LEU A 514 27.57 -0.26 -20.14
C LEU A 514 29.05 -0.40 -19.81
N ILE A 515 29.73 -1.33 -20.47
CA ILE A 515 31.16 -1.51 -20.27
C ILE A 515 31.90 -0.20 -20.52
N THR A 516 31.51 0.53 -21.57
CA THR A 516 32.14 1.82 -21.83
C THR A 516 31.91 2.79 -20.67
N ALA A 517 30.66 2.85 -20.19
CA ALA A 517 30.32 3.76 -19.09
C ALA A 517 31.06 3.42 -17.81
N LEU A 518 31.29 2.12 -17.55
CA LEU A 518 31.96 1.71 -16.33
C LEU A 518 33.46 1.91 -16.44
N MSE A 519 34.02 1.66 -17.60
CA MSE A 519 35.44 1.55 -17.67
C MSE A 519 36.14 2.81 -18.11
O MSE A 519 37.35 2.92 -17.90
CB MSE A 519 35.80 0.39 -18.57
CG MSE A 519 35.17 -0.86 -18.00
SE MSE A 519 36.42 -2.29 -18.14
CE MSE A 519 37.11 -2.38 -16.37
N THR A 520 35.40 3.76 -18.67
CA THR A 520 35.99 5.07 -18.86
C THR A 520 36.43 5.70 -17.54
N PRO A 521 35.58 5.79 -16.50
CA PRO A 521 36.09 6.32 -15.22
C PRO A 521 37.13 5.42 -14.58
N LEU A 522 36.97 4.11 -14.69
CA LEU A 522 37.93 3.20 -14.08
C LEU A 522 39.28 3.31 -14.77
N THR A 523 39.27 3.46 -16.09
CA THR A 523 40.52 3.69 -16.80
C THR A 523 41.15 5.01 -16.39
N ASN A 524 40.33 6.06 -16.24
CA ASN A 524 40.84 7.33 -15.79
C ASN A 524 41.48 7.21 -14.41
N LYS A 525 40.82 6.51 -13.47
CA LYS A 525 41.42 6.31 -12.16
C LYS A 525 42.75 5.57 -12.28
N SER A 526 42.81 4.53 -13.12
CA SER A 526 44.06 3.80 -13.28
C SER A 526 45.17 4.73 -13.76
N LEU A 527 44.86 5.58 -14.75
CA LEU A 527 45.86 6.49 -15.30
C LEU A 527 46.30 7.53 -14.27
N MSE A 528 45.35 8.15 -13.59
CA MSE A 528 45.71 9.18 -12.61
C MSE A 528 46.51 8.57 -11.47
O MSE A 528 47.43 9.19 -10.96
CB MSE A 528 44.46 9.88 -12.06
CG MSE A 528 43.41 10.16 -13.10
SE MSE A 528 41.90 11.24 -12.50
CE MSE A 528 40.73 9.79 -11.96
N ASP A 529 46.17 7.33 -11.10
CA ASP A 529 46.86 6.71 -9.98
C ASP A 529 48.27 6.27 -10.35
N THR A 530 48.49 5.86 -11.61
CA THR A 530 49.78 5.25 -11.95
C THR A 530 50.76 6.18 -12.64
N SER A 531 50.30 7.22 -13.32
CA SER A 531 51.19 8.06 -14.11
C SER A 531 52.01 8.97 -13.21
N ARG A 532 53.32 9.06 -13.49
CA ARG A 532 54.21 9.93 -12.76
C ARG A 532 54.93 10.96 -13.63
N SER A 533 55.03 10.72 -14.94
CA SER A 533 55.74 11.62 -15.83
C SER A 533 55.25 13.06 -15.68
N PRO A 534 56.11 14.05 -15.81
CA PRO A 534 55.62 15.43 -15.89
C PRO A 534 54.80 15.64 -17.16
N ALA A 535 53.73 16.41 -17.03
CA ALA A 535 52.82 16.58 -18.15
C ALA A 535 53.58 17.19 -19.31
N PRO A 536 53.60 16.56 -20.48
CA PRO A 536 54.16 17.23 -21.65
C PRO A 536 53.25 18.36 -22.11
N LYS A 537 53.85 19.30 -22.83
CA LYS A 537 53.13 20.48 -23.29
C LYS A 537 52.93 20.50 -24.79
N THR A 538 53.48 19.52 -25.51
CA THR A 538 53.15 19.26 -26.90
C THR A 538 52.83 17.78 -27.04
N LEU A 539 51.66 17.48 -27.58
CA LEU A 539 51.28 16.11 -27.89
C LEU A 539 50.77 16.04 -29.32
N PHE A 540 50.81 14.84 -29.89
CA PHE A 540 50.40 14.62 -31.25
C PHE A 540 49.35 13.52 -31.27
N ARG A 541 48.26 13.76 -31.98
CA ARG A 541 47.19 12.79 -32.10
C ARG A 541 46.84 12.61 -33.57
N GLY A 542 46.83 11.37 -34.02
CA GLY A 542 46.63 11.05 -35.42
C GLY A 542 45.23 10.50 -35.65
N LEU A 543 44.64 10.88 -36.77
CA LEU A 543 43.33 10.40 -37.15
C LEU A 543 43.33 10.13 -38.64
N ASP A 544 42.50 9.15 -39.03
CA ASP A 544 42.29 8.81 -40.43
C ASP A 544 40.86 9.21 -40.75
N LEU A 545 40.72 10.38 -41.35
CA LEU A 545 39.43 10.99 -41.62
C LEU A 545 39.11 10.91 -43.11
N SER A 546 37.81 10.97 -43.43
CA SER A 546 37.42 11.05 -44.82
C SER A 546 37.82 12.41 -45.40
N GLU A 547 38.00 12.44 -46.72
CA GLU A 547 38.34 13.71 -47.38
C GLU A 547 37.25 14.75 -47.15
N GLU A 548 35.97 14.35 -47.16
CA GLU A 548 34.91 15.32 -46.87
C GLU A 548 35.09 15.97 -45.50
N PHE A 549 35.19 15.13 -44.47
CA PHE A 549 35.28 15.63 -43.10
C PHE A 549 36.53 16.45 -42.90
N LYS A 550 37.66 15.97 -43.45
CA LYS A 550 38.90 16.72 -43.29
C LYS A 550 38.79 18.11 -43.92
N ASN A 551 38.23 18.20 -45.13
CA ASN A 551 38.11 19.51 -45.73
C ASN A 551 37.20 20.43 -44.92
N LYS A 552 36.12 19.89 -44.38
CA LYS A 552 35.28 20.68 -43.48
C LYS A 552 36.11 21.22 -42.32
N LEU A 553 36.92 20.37 -41.68
CA LEU A 553 37.75 20.82 -40.56
C LEU A 553 38.77 21.87 -41.00
N ILE A 554 39.33 21.70 -42.20
CA ILE A 554 40.27 22.68 -42.71
C ILE A 554 39.60 24.03 -42.83
N ASN A 555 38.39 24.06 -43.41
CA ASN A 555 37.66 25.31 -43.54
C ASN A 555 37.41 25.94 -42.17
N GLN A 556 36.91 25.16 -41.21
CA GLN A 556 36.61 25.72 -39.90
C GLN A 556 37.86 26.31 -39.26
N ALA A 557 38.98 25.58 -39.32
CA ALA A 557 40.20 26.06 -38.70
C ALA A 557 40.70 27.33 -39.37
N GLU A 558 40.64 27.40 -40.70
CA GLU A 558 41.11 28.60 -41.39
C GLU A 558 40.23 29.80 -41.10
N THR A 559 38.92 29.60 -40.98
CA THR A 559 38.05 30.71 -40.61
C THR A 559 38.41 31.24 -39.22
N ILE A 560 38.54 30.31 -38.26
CA ILE A 560 38.92 30.70 -36.90
C ILE A 560 40.23 31.49 -36.92
N ILE A 561 41.26 30.96 -37.58
CA ILE A 561 42.56 31.62 -37.55
C ILE A 561 42.47 32.99 -38.20
N ALA A 562 41.80 33.06 -39.36
CA ALA A 562 41.67 34.32 -40.07
C ALA A 562 40.87 35.35 -39.28
N ASN A 563 40.11 34.92 -38.27
CA ASN A 563 39.35 35.86 -37.46
C ASN A 563 39.88 35.95 -36.04
N THR A 564 41.17 35.66 -35.88
CA THR A 564 41.91 35.88 -34.64
C THR A 564 43.13 36.73 -34.98
N THR A 565 43.14 37.97 -34.50
CA THR A 565 44.19 38.91 -34.86
C THR A 565 44.60 39.70 -33.63
N GLU A 566 45.88 40.05 -33.55
CA GLU A 566 46.29 41.04 -32.58
C GLU A 566 45.78 42.42 -33.00
N HIS A 567 45.85 43.37 -32.08
CA HIS A 567 45.39 44.72 -32.35
C HIS A 567 46.13 45.71 -31.47
N LEU A 568 46.16 46.96 -31.93
CA LEU A 568 46.60 48.11 -31.14
C LEU A 568 45.42 48.89 -30.55
N PHE A 569 44.49 49.30 -31.42
CA PHE A 569 43.41 50.20 -31.05
C PHE A 569 42.02 49.58 -31.18
N THR A 570 41.84 48.60 -32.06
CA THR A 570 40.51 48.10 -32.44
C THR A 570 40.42 46.63 -32.05
N ASP A 571 39.71 46.35 -30.97
CA ASP A 571 39.56 44.99 -30.45
C ASP A 571 38.45 44.28 -31.22
N LEU A 572 38.80 43.25 -31.98
CA LEU A 572 37.82 42.40 -32.65
C LEU A 572 37.58 41.09 -31.90
N SER A 573 37.70 41.10 -30.58
CA SER A 573 37.50 39.89 -29.79
C SER A 573 36.14 39.26 -30.03
N THR A 574 35.11 40.10 -30.21
CA THR A 574 33.75 39.58 -30.37
C THR A 574 33.62 38.70 -31.59
N GLU A 575 34.31 39.06 -32.68
CA GLU A 575 34.26 38.24 -33.88
C GLU A 575 35.04 36.94 -33.69
N ALA A 576 36.16 36.99 -32.96
CA ALA A 576 36.87 35.75 -32.64
C ALA A 576 35.97 34.82 -31.83
N PHE A 577 35.22 35.36 -30.88
CA PHE A 577 34.28 34.56 -30.10
C PHE A 577 33.21 33.96 -31.00
N LYS A 578 32.66 34.77 -31.92
CA LYS A 578 31.61 34.30 -32.83
C LYS A 578 32.12 33.15 -33.70
N GLN A 579 33.30 33.30 -34.30
CA GLN A 579 33.79 32.29 -35.23
C GLN A 579 34.29 31.05 -34.51
N ILE A 580 34.89 31.22 -33.33
CA ILE A 580 35.32 30.05 -32.57
C ILE A 580 34.11 29.22 -32.17
N LYS A 581 33.02 29.88 -31.76
CA LYS A 581 31.85 29.10 -31.37
C LYS A 581 31.11 28.52 -32.57
N LEU A 582 31.18 29.15 -33.74
CA LEU A 582 30.62 28.51 -34.92
C LEU A 582 31.44 27.31 -35.37
N ASN A 583 32.77 27.40 -35.28
CA ASN A 583 33.65 26.46 -35.98
C ASN A 583 34.47 25.57 -35.08
N ASP A 584 34.27 25.58 -33.76
CA ASP A 584 35.13 24.77 -32.92
C ASP A 584 34.86 23.29 -33.17
N PHE A 585 35.93 22.50 -33.24
CA PHE A 585 35.82 21.04 -33.34
C PHE A 585 36.53 20.35 -32.20
N SER A 586 36.52 20.97 -31.02
CA SER A 586 37.08 20.33 -29.83
C SER A 586 36.51 18.94 -29.59
N GLN A 587 35.29 18.74 -30.05
CA GLN A 587 34.55 17.52 -29.75
C GLN A 587 35.28 16.30 -30.27
N VAL A 588 35.90 16.38 -31.44
CA VAL A 588 36.46 15.17 -32.01
C VAL A 588 37.57 14.64 -31.12
N SER A 589 37.95 15.40 -30.08
CA SER A 589 38.95 14.96 -29.11
C SER A 589 38.37 14.79 -27.71
N ALA A 590 37.05 14.70 -27.55
CA ALA A 590 36.43 14.80 -26.24
C ALA A 590 35.75 13.50 -25.82
N ARG A 591 35.35 13.45 -24.53
CA ARG A 591 34.42 12.47 -23.97
C ARG A 591 35.03 11.09 -23.73
N THR A 592 36.25 10.87 -24.20
CA THR A 592 36.87 9.55 -24.10
C THR A 592 38.34 9.73 -23.71
N CYS A 593 38.99 8.61 -23.39
CA CYS A 593 40.42 8.64 -23.05
C CYS A 593 41.20 8.61 -24.34
N ALA A 594 41.41 9.81 -24.88
CA ALA A 594 41.96 9.98 -26.22
C ALA A 594 43.46 9.75 -26.24
N SER A 595 43.90 9.00 -27.25
CA SER A 595 45.26 8.51 -27.36
C SER A 595 46.13 9.50 -28.13
N THR A 596 47.28 9.83 -27.54
CA THR A 596 48.21 10.82 -28.09
C THR A 596 49.64 10.35 -27.89
N SER A 597 50.58 10.98 -28.61
CA SER A 597 51.99 10.68 -28.46
C SER A 597 52.81 11.96 -28.47
N THR A 598 53.93 11.94 -27.74
CA THR A 598 54.89 13.03 -27.83
C THR A 598 55.79 12.95 -29.05
N ASN A 599 55.73 11.88 -29.82
CA ASN A 599 56.54 11.73 -31.01
C ASN A 599 55.61 11.73 -32.22
N ILE A 600 55.68 12.81 -33.00
CA ILE A 600 54.81 12.99 -34.17
C ILE A 600 54.94 11.82 -35.13
N GLU A 601 56.06 11.09 -35.08
CA GLU A 601 56.27 10.02 -36.02
C GLU A 601 55.38 8.82 -35.72
N VAL A 602 54.91 8.69 -34.48
CA VAL A 602 53.96 7.62 -34.13
C VAL A 602 52.70 7.81 -34.98
N PRO A 603 52.00 8.95 -34.93
CA PRO A 603 50.81 9.10 -35.79
C PRO A 603 51.16 9.24 -37.26
N ARG A 604 52.28 9.88 -37.59
CA ARG A 604 52.58 10.18 -38.98
C ARG A 604 53.10 8.96 -39.73
N THR A 605 54.06 8.24 -39.13
CA THR A 605 54.75 7.15 -39.79
C THR A 605 54.26 5.77 -39.37
N ILE A 606 53.99 5.56 -38.07
CA ILE A 606 53.62 4.22 -37.63
C ILE A 606 52.18 3.91 -38.05
N PHE A 607 51.26 4.86 -37.85
CA PHE A 607 49.86 4.64 -38.16
C PHE A 607 49.43 5.26 -39.48
N GLY A 608 50.25 6.11 -40.07
CA GLY A 608 49.92 6.66 -41.38
C GLY A 608 48.69 7.54 -41.38
N SER A 609 48.48 8.33 -40.33
CA SER A 609 47.33 9.21 -40.28
C SER A 609 47.41 10.28 -41.35
N ASN A 610 46.27 10.64 -41.92
CA ASN A 610 46.21 11.79 -42.80
C ASN A 610 45.85 13.07 -42.06
N THR A 611 45.49 12.98 -40.78
CA THR A 611 45.21 14.13 -39.94
C THR A 611 46.04 14.02 -38.67
N ILE A 612 46.78 15.07 -38.34
CA ILE A 612 47.54 15.10 -37.10
C ILE A 612 47.17 16.38 -36.36
N PHE A 613 46.67 16.23 -35.14
CA PHE A 613 46.44 17.35 -34.24
C PHE A 613 47.70 17.53 -33.41
N GLU A 614 48.39 18.66 -33.60
CA GLU A 614 49.46 19.08 -32.71
C GLU A 614 48.82 19.87 -31.57
N ILE A 615 48.60 19.20 -30.45
CA ILE A 615 47.90 19.78 -29.30
C ILE A 615 48.94 20.41 -28.38
N LEU A 616 48.81 21.72 -28.17
CA LEU A 616 49.69 22.44 -27.27
C LEU A 616 48.94 22.87 -26.03
N ASP A 617 49.59 22.70 -24.87
CA ASP A 617 48.99 22.90 -23.56
C ASP A 617 49.97 23.72 -22.71
N PRO A 618 50.22 24.97 -23.08
CA PRO A 618 51.22 25.76 -22.34
C PRO A 618 50.79 26.09 -20.93
N ASP A 619 49.49 26.20 -20.67
CA ASP A 619 48.97 26.53 -19.35
C ASP A 619 48.59 25.31 -18.55
N GLY A 620 48.95 24.11 -19.01
CA GLY A 620 48.75 22.91 -18.22
C GLY A 620 47.30 22.65 -17.89
N LEU A 621 46.43 22.59 -18.89
CA LEU A 621 45.02 22.39 -18.65
C LEU A 621 44.52 21.00 -19.02
N LEU A 622 45.32 20.20 -19.72
CA LEU A 622 44.85 18.91 -20.23
C LEU A 622 45.09 17.74 -19.28
N HIS A 623 46.11 17.82 -18.44
CA HIS A 623 46.42 16.77 -17.47
C HIS A 623 46.62 15.39 -18.09
N PRO A 624 47.42 15.26 -19.16
CA PRO A 624 47.63 13.96 -19.78
C PRO A 624 48.32 12.98 -18.84
N LYS A 625 48.13 11.68 -19.09
CA LYS A 625 48.73 10.65 -18.23
C LYS A 625 49.46 9.61 -19.06
N GLN A 626 50.55 9.10 -18.51
CA GLN A 626 51.41 8.19 -19.25
C GLN A 626 50.69 6.86 -19.49
N VAL A 627 50.75 6.36 -20.73
CA VAL A 627 50.15 5.09 -21.08
C VAL A 627 51.28 4.11 -21.41
N GLY A 628 51.40 3.07 -20.61
CA GLY A 628 52.37 2.04 -20.92
C GLY A 628 53.80 2.46 -20.61
N THR A 629 54.73 1.89 -21.37
CA THR A 629 56.15 2.16 -21.20
C THR A 629 56.64 3.18 -22.23
N HIS A 630 57.75 3.81 -21.90
CA HIS A 630 58.30 4.89 -22.70
C HIS A 630 59.76 4.64 -23.03
N VAL A 631 60.10 3.37 -23.27
CA VAL A 631 61.42 3.05 -23.77
C VAL A 631 61.56 3.58 -25.20
N SER A 632 62.81 3.62 -25.66
CA SER A 632 63.05 3.96 -27.06
C SER A 632 62.38 2.93 -27.96
N GLY A 633 61.73 3.41 -29.02
CA GLY A 633 61.00 2.54 -29.91
C GLY A 633 59.57 2.31 -29.50
N SER A 634 59.15 2.83 -28.35
CA SER A 634 57.79 2.75 -27.89
C SER A 634 56.93 3.82 -28.54
N GLU A 635 55.63 3.81 -28.23
CA GLU A 635 54.71 4.78 -28.78
C GLU A 635 54.70 6.12 -28.04
N SER A 636 55.44 6.22 -26.93
CA SER A 636 55.51 7.44 -26.11
C SER A 636 54.12 8.04 -25.91
N GLU A 637 53.20 7.18 -25.50
CA GLU A 637 51.78 7.50 -25.49
C GLU A 637 51.36 8.16 -24.19
N TYR A 638 50.47 9.14 -24.32
CA TYR A 638 49.77 9.77 -23.21
C TYR A 638 48.29 9.78 -23.55
N SER A 639 47.45 9.71 -22.53
CA SER A 639 46.00 9.80 -22.69
C SER A 639 45.51 11.13 -22.14
N ILE A 640 44.59 11.78 -22.87
CA ILE A 640 43.94 13.00 -22.41
C ILE A 640 42.43 12.76 -22.38
N TYR A 641 41.79 13.17 -21.28
CA TYR A 641 40.33 13.20 -21.18
C TYR A 641 39.96 14.67 -21.05
N LEU A 642 39.46 15.24 -22.15
CA LEU A 642 39.34 16.68 -22.30
C LEU A 642 38.40 17.26 -21.25
N PRO A 643 38.82 18.24 -20.46
CA PRO A 643 37.91 18.87 -19.51
C PRO A 643 36.74 19.56 -20.22
N GLU A 644 35.61 19.65 -19.52
CA GLU A 644 34.39 20.14 -20.14
C GLU A 644 34.53 21.59 -20.61
N ASP A 645 35.42 22.35 -19.99
CA ASP A 645 35.54 23.78 -20.25
C ASP A 645 36.84 24.15 -20.94
N VAL A 646 37.49 23.18 -21.59
CA VAL A 646 38.73 23.42 -22.32
C VAL A 646 38.48 23.15 -23.79
N ALA A 647 38.82 24.10 -24.65
CA ALA A 647 38.72 23.98 -26.08
C ALA A 647 40.11 23.91 -26.70
N LEU A 648 40.23 23.14 -27.77
CA LEU A 648 41.47 23.09 -28.53
C LEU A 648 41.25 23.95 -29.77
N VAL A 649 41.74 25.18 -29.67
CA VAL A 649 41.50 26.24 -30.65
C VAL A 649 42.60 26.18 -31.69
N PRO A 650 42.28 26.21 -32.97
CA PRO A 650 43.32 26.13 -34.00
C PRO A 650 44.04 27.45 -34.15
N ILE A 651 45.36 27.36 -34.28
CA ILE A 651 46.18 28.53 -34.59
C ILE A 651 46.95 28.37 -35.89
N LYS A 652 47.01 27.16 -36.46
CA LYS A 652 47.72 26.99 -37.72
C LYS A 652 47.28 25.69 -38.38
N VAL A 653 47.31 25.67 -39.71
CA VAL A 653 46.99 24.49 -40.51
C VAL A 653 48.08 24.35 -41.56
N SER A 654 48.75 23.20 -41.59
CA SER A 654 49.86 22.98 -42.50
C SER A 654 49.59 21.79 -43.39
N PHE A 655 49.94 21.93 -44.67
CA PHE A 655 50.01 20.79 -45.55
C PHE A 655 51.35 20.10 -45.31
N ASP A 656 51.31 18.79 -45.06
CA ASP A 656 52.49 18.07 -44.58
C ASP A 656 52.96 17.00 -45.53
N GLY A 657 52.45 16.95 -46.75
CA GLY A 657 52.81 15.89 -47.68
C GLY A 657 51.70 14.85 -47.83
N LYS A 658 52.12 13.66 -48.26
CA LYS A 658 51.14 12.62 -48.51
C LYS A 658 51.44 11.39 -47.67
N THR A 659 50.39 10.60 -47.46
CA THR A 659 50.47 9.38 -46.68
C THR A 659 51.19 8.31 -47.48
N GLY A 660 51.38 7.15 -46.85
CA GLY A 660 51.85 6.00 -47.60
C GLY A 660 50.86 5.57 -48.68
N LYS A 661 49.57 5.82 -48.46
CA LYS A 661 48.52 5.48 -49.39
C LYS A 661 48.23 6.57 -50.41
N GLY A 662 48.97 7.68 -50.37
CA GLY A 662 48.87 8.73 -51.36
C GLY A 662 47.88 9.84 -51.07
N LYS A 663 47.17 9.81 -49.95
CA LYS A 663 46.27 10.89 -49.63
C LYS A 663 47.02 12.05 -48.97
N ASP A 664 46.40 13.23 -48.99
CA ASP A 664 47.02 14.41 -48.40
C ASP A 664 47.02 14.34 -46.88
N ARG A 665 48.11 14.80 -46.26
CA ARG A 665 48.25 14.83 -44.81
C ARG A 665 48.32 16.28 -44.35
N HIS A 666 47.56 16.61 -43.30
CA HIS A 666 47.51 17.95 -42.74
C HIS A 666 47.78 17.91 -41.24
N ILE A 667 48.42 18.97 -40.74
CA ILE A 667 48.70 19.15 -39.32
C ILE A 667 47.93 20.37 -38.82
N PHE A 668 46.98 20.16 -37.90
CA PHE A 668 46.31 21.25 -37.21
C PHE A 668 47.00 21.50 -35.88
N THR A 669 47.49 22.71 -35.68
CA THR A 669 48.09 23.07 -34.40
C THR A 669 47.01 23.70 -33.53
N LEU A 670 46.73 23.07 -32.39
CA LEU A 670 45.66 23.50 -31.50
C LEU A 670 46.20 23.89 -30.14
N VAL A 671 45.62 24.93 -29.56
CA VAL A 671 46.01 25.40 -28.24
C VAL A 671 44.85 25.16 -27.28
N ALA A 672 45.15 24.55 -26.14
CA ALA A 672 44.12 24.33 -25.14
C ALA A 672 43.86 25.63 -24.41
N VAL A 673 42.58 25.97 -24.27
CA VAL A 673 42.14 27.24 -23.71
C VAL A 673 40.96 26.96 -22.80
N LYS A 674 41.03 27.41 -21.55
CA LYS A 674 40.02 27.13 -20.56
C LYS A 674 39.20 28.38 -20.27
N SER A 675 37.87 28.25 -20.33
CA SER A 675 37.04 29.40 -20.01
C SER A 675 35.65 28.97 -19.60
N PRO A 676 35.03 29.65 -18.62
CA PRO A 676 33.59 29.44 -18.37
C PRO A 676 32.71 29.51 -19.60
N ASP A 677 33.14 30.23 -20.65
CA ASP A 677 32.35 30.28 -21.87
C ASP A 677 32.22 28.93 -22.55
N PHE A 678 33.15 28.01 -22.28
CA PHE A 678 33.12 26.69 -22.91
C PHE A 678 32.38 25.66 -22.07
N THR A 679 31.89 26.04 -20.89
CA THR A 679 31.16 25.12 -20.06
C THR A 679 29.85 24.69 -20.75
N PRO A 680 29.53 23.39 -20.72
CA PRO A 680 28.21 22.95 -21.17
C PRO A 680 27.16 23.08 -20.06
N ARG A 681 25.91 23.19 -20.51
CA ARG A 681 24.78 23.24 -19.62
C ARG A 681 24.04 21.92 -19.73
N HIS A 682 23.91 21.26 -18.59
CA HIS A 682 23.25 19.96 -18.49
C HIS A 682 22.25 20.05 -17.34
N GLU A 683 21.03 19.57 -17.59
CA GLU A 683 20.04 19.44 -16.52
C GLU A 683 20.59 18.55 -15.42
N SER A 684 20.43 18.97 -14.16
CA SER A 684 20.82 18.12 -13.05
C SER A 684 19.82 16.97 -12.90
N GLY A 685 20.22 15.96 -12.13
CA GLY A 685 19.30 14.92 -11.71
C GLY A 685 19.38 13.62 -12.49
N TYR A 686 20.09 13.59 -13.61
CA TYR A 686 20.08 12.38 -14.44
C TYR A 686 20.62 11.17 -13.68
N ALA A 687 21.54 11.38 -12.74
CA ALA A 687 22.05 10.29 -11.93
C ALA A 687 21.65 10.39 -10.48
N VAL A 688 21.51 11.62 -9.96
CA VAL A 688 21.14 11.79 -8.55
C VAL A 688 19.79 11.14 -8.28
N GLY A 689 18.83 11.32 -9.20
CA GLY A 689 17.49 10.82 -9.03
C GLY A 689 17.43 9.33 -8.74
N PRO A 690 17.93 8.53 -9.69
CA PRO A 690 17.91 7.07 -9.48
C PRO A 690 18.62 6.62 -8.21
N LEU A 691 19.74 7.26 -7.84
CA LEU A 691 20.38 6.90 -6.58
C LEU A 691 19.47 7.17 -5.38
N LEU A 692 18.80 8.32 -5.37
CA LEU A 692 17.90 8.61 -4.25
C LEU A 692 16.75 7.63 -4.20
N LYS A 693 16.21 7.24 -5.37
CA LYS A 693 15.16 6.23 -5.36
C LYS A 693 15.69 4.86 -4.91
N MSE A 694 16.96 4.57 -5.16
CA MSE A 694 17.55 3.33 -4.64
C MSE A 694 17.63 3.35 -3.12
O MSE A 694 17.50 2.30 -2.47
CB MSE A 694 18.95 3.10 -5.23
CG MSE A 694 18.95 2.58 -6.66
SE MSE A 694 20.67 2.86 -7.55
CE MSE A 694 21.83 2.66 -5.99
N GLN A 695 17.86 4.53 -2.54
CA GLN A 695 18.07 4.60 -1.10
C GLN A 695 16.83 4.92 -0.30
N THR A 696 15.64 4.79 -0.86
CA THR A 696 14.44 5.01 -0.06
C THR A 696 14.28 3.82 0.87
N PRO A 697 14.18 4.02 2.19
CA PRO A 697 14.32 2.88 3.11
C PRO A 697 13.07 2.04 3.21
N LYS A 698 13.25 0.72 3.15
CA LYS A 698 12.23 -0.26 3.47
C LYS A 698 12.19 -0.40 4.99
N LEU A 699 11.13 0.10 5.62
CA LEU A 699 11.04 0.10 7.08
C LEU A 699 10.15 -1.06 7.54
N GLU A 700 10.66 -2.28 7.43
CA GLU A 700 9.79 -3.41 7.73
C GLU A 700 9.60 -3.60 9.23
N GLU A 701 10.56 -3.17 10.06
CA GLU A 701 10.37 -3.28 11.50
C GLU A 701 9.29 -2.32 12.00
N ILE A 702 9.09 -1.20 11.29
CA ILE A 702 8.04 -0.29 11.69
C ILE A 702 6.68 -0.87 11.31
N GLN A 703 6.58 -1.43 10.10
CA GLN A 703 5.30 -1.94 9.64
C GLN A 703 4.93 -3.25 10.32
N ARG A 704 5.90 -3.94 10.92
CA ARG A 704 5.50 -5.05 11.76
C ARG A 704 5.22 -4.61 13.19
N LEU A 705 5.70 -3.43 13.60
CA LEU A 705 5.18 -2.84 14.83
C LEU A 705 3.69 -2.50 14.69
N VAL A 706 3.30 -1.88 13.58
CA VAL A 706 1.89 -1.57 13.42
C VAL A 706 1.08 -2.85 13.20
N GLU A 707 1.64 -3.84 12.48
CA GLU A 707 0.89 -5.08 12.30
C GLU A 707 0.66 -5.78 13.65
N GLN A 708 1.60 -5.61 14.60
CA GLN A 708 1.32 -6.11 15.95
C GLN A 708 0.29 -5.23 16.67
N ALA A 709 0.21 -3.95 16.35
CA ALA A 709 -0.76 -3.08 17.00
C ALA A 709 -2.21 -3.32 16.56
N ARG A 710 -2.45 -4.07 15.47
CA ARG A 710 -3.81 -4.31 15.01
C ARG A 710 -4.27 -5.75 15.24
N GLU A 711 -3.64 -6.48 16.17
CA GLU A 711 -4.08 -7.84 16.41
C GLU A 711 -5.15 -7.90 17.50
N GLU A 712 -6.21 -8.66 17.21
CA GLU A 712 -7.37 -8.73 18.08
C GLU A 712 -7.08 -9.49 19.38
N PRO A 713 -7.58 -8.99 20.50
CA PRO A 713 -7.51 -9.74 21.76
C PRO A 713 -8.49 -10.91 21.75
N ASP A 714 -8.17 -11.93 22.54
CA ASP A 714 -9.01 -13.13 22.65
C ASP A 714 -10.10 -12.86 23.68
N LEU A 715 -11.15 -12.15 23.24
CA LEU A 715 -12.24 -11.81 24.15
C LEU A 715 -13.05 -13.06 24.52
N GLU A 716 -13.16 -13.99 23.59
CA GLU A 716 -13.84 -15.25 23.87
C GLU A 716 -13.14 -15.99 24.99
N ARG A 717 -11.81 -15.90 25.05
CA ARG A 717 -11.05 -16.55 26.12
C ARG A 717 -11.37 -15.93 27.48
N VAL A 718 -11.47 -14.60 27.55
CA VAL A 718 -11.78 -13.96 28.83
C VAL A 718 -13.20 -14.32 29.26
N PHE A 719 -14.13 -14.39 28.30
CA PHE A 719 -15.51 -14.73 28.63
C PHE A 719 -15.65 -16.19 29.06
N ASN A 720 -14.94 -17.10 28.39
CA ASN A 720 -14.91 -18.49 28.79
C ASN A 720 -14.26 -18.63 30.16
N LEU A 721 -13.18 -17.89 30.38
CA LEU A 721 -12.49 -17.94 31.67
C LEU A 721 -13.41 -17.48 32.78
N GLN A 722 -14.32 -16.54 32.49
CA GLN A 722 -15.27 -16.12 33.51
C GLN A 722 -16.19 -17.28 33.89
N SER A 723 -16.58 -18.09 32.91
CA SER A 723 -17.38 -19.28 33.18
C SER A 723 -16.60 -20.31 33.97
N ARG A 724 -15.32 -20.51 33.65
CA ARG A 724 -14.51 -21.44 34.42
C ARG A 724 -14.26 -20.95 35.85
N VAL A 725 -13.98 -19.66 36.03
CA VAL A 725 -13.94 -19.10 37.38
C VAL A 725 -15.25 -19.34 38.11
N ALA A 726 -16.36 -19.27 37.39
CA ALA A 726 -17.67 -19.49 38.01
C ALA A 726 -17.88 -20.96 38.39
N ARG A 727 -17.71 -21.88 37.45
CA ARG A 727 -17.90 -23.31 37.71
C ARG A 727 -16.87 -23.85 38.71
N GLN A 728 -15.65 -23.32 38.68
CA GLN A 728 -14.67 -23.65 39.70
C GLN A 728 -14.97 -22.93 41.01
N ALA A 729 -15.73 -21.83 40.92
CA ALA A 729 -16.12 -21.08 42.11
C ALA A 729 -17.25 -21.76 42.86
N LYS A 730 -18.14 -22.46 42.15
CA LYS A 730 -19.26 -23.15 42.79
C LYS A 730 -18.79 -24.18 43.82
N PHE A 731 -17.62 -24.76 43.58
CA PHE A 731 -17.06 -25.76 44.49
C PHE A 731 -15.82 -25.24 45.19
N SER A 732 -15.84 -25.25 46.53
CA SER A 732 -14.72 -24.78 47.31
C SER A 732 -13.59 -25.80 47.33
N THR A 733 -12.38 -25.34 47.62
CA THR A 733 -11.22 -26.21 47.68
C THR A 733 -10.29 -25.82 48.83
N GLU A 734 -9.78 -24.59 48.79
CA GLU A 734 -8.88 -24.10 49.82
C GLU A 734 -9.60 -23.14 50.77
N SER A 735 -9.21 -23.16 52.03
CA SER A 735 -9.81 -22.29 53.04
C SER A 735 -8.95 -21.06 53.29
N GLY A 736 -9.17 -19.98 52.54
CA GLY A 736 -10.18 -19.92 51.49
C GLY A 736 -9.56 -19.79 50.10
N TYR A 737 -10.27 -20.29 49.10
CA TYR A 737 -9.81 -20.21 47.72
C TYR A 737 -10.89 -19.70 46.79
N LYS A 738 -12.14 -20.10 47.06
CA LYS A 738 -13.27 -19.67 46.24
C LYS A 738 -13.85 -18.34 46.70
N THR A 739 -13.72 -17.98 47.99
CA THR A 739 -13.99 -16.60 48.36
C THR A 739 -12.96 -15.67 47.70
N PHE A 740 -11.74 -16.17 47.51
CA PHE A 740 -10.74 -15.43 46.76
C PHE A 740 -11.14 -15.29 45.30
N LEU A 741 -11.75 -16.32 44.72
CA LEU A 741 -12.16 -16.23 43.32
C LEU A 741 -13.31 -15.25 43.14
N ASN A 742 -14.31 -15.34 44.02
CA ASN A 742 -15.47 -14.45 43.95
C ASN A 742 -15.06 -13.02 44.27
N GLU A 743 -14.09 -12.85 45.17
CA GLU A 743 -13.70 -11.53 45.68
C GLU A 743 -12.66 -10.84 44.79
N LYS A 744 -11.58 -11.52 44.43
CA LYS A 744 -10.42 -10.89 43.82
C LYS A 744 -10.19 -11.17 42.33
N VAL A 745 -10.73 -12.25 41.77
CA VAL A 745 -10.41 -12.62 40.39
C VAL A 745 -11.60 -12.38 39.46
N ALA A 746 -12.81 -12.75 39.87
CA ALA A 746 -13.96 -12.54 38.99
C ALA A 746 -14.20 -11.06 38.71
N PRO A 747 -14.00 -10.13 39.66
CA PRO A 747 -14.12 -8.71 39.29
C PRO A 747 -13.07 -8.29 38.29
N VAL A 748 -11.83 -8.77 38.43
CA VAL A 748 -10.78 -8.40 37.48
C VAL A 748 -11.12 -8.92 36.09
N LEU A 749 -11.71 -10.12 36.01
CA LEU A 749 -12.08 -10.65 34.70
C LEU A 749 -13.24 -9.88 34.09
N GLU A 750 -14.23 -9.50 34.90
CA GLU A 750 -15.28 -8.62 34.42
C GLU A 750 -14.71 -7.29 33.91
N GLN A 751 -13.94 -6.60 34.75
CA GLN A 751 -13.39 -5.30 34.38
C GLN A 751 -12.49 -5.40 33.14
N SER A 752 -11.70 -6.47 33.05
CA SER A 752 -10.85 -6.69 31.87
C SER A 752 -11.73 -6.86 30.63
N LEU A 753 -12.80 -7.64 30.76
CA LEU A 753 -13.68 -7.83 29.62
C LEU A 753 -14.32 -6.52 29.20
N ASN A 754 -14.80 -5.72 30.15
CA ASN A 754 -15.41 -4.43 29.83
C ASN A 754 -14.42 -3.46 29.21
N GLY A 755 -13.19 -3.44 29.74
CA GLY A 755 -12.16 -2.62 29.14
C GLY A 755 -11.87 -3.02 27.70
N LEU A 756 -11.75 -4.32 27.46
CA LEU A 756 -11.49 -4.83 26.11
C LEU A 756 -12.68 -4.67 25.18
N LEU A 757 -13.91 -4.65 25.72
CA LEU A 757 -15.09 -4.52 24.87
C LEU A 757 -15.14 -3.15 24.24
N ASP A 758 -14.81 -2.14 25.04
CA ASP A 758 -14.50 -0.80 24.59
C ASP A 758 -13.00 -0.85 24.28
N ASN A 759 -12.36 0.26 23.99
CA ASN A 759 -10.91 0.25 23.99
C ASN A 759 -10.41 1.30 24.97
N ASN A 760 -11.06 1.33 26.11
CA ASN A 760 -10.75 2.33 27.13
C ASN A 760 -9.49 1.90 27.88
N VAL A 761 -8.41 2.64 27.64
CA VAL A 761 -7.13 2.37 28.26
C VAL A 761 -7.10 2.80 29.72
N THR A 762 -8.00 3.71 30.12
CA THR A 762 -8.09 4.07 31.54
C THR A 762 -8.50 2.85 32.35
N ILE A 763 -9.53 2.13 31.87
CA ILE A 763 -10.03 0.97 32.59
C ILE A 763 -8.95 -0.11 32.64
N LEU A 764 -8.37 -0.45 31.49
CA LEU A 764 -7.39 -1.53 31.46
C LEU A 764 -6.17 -1.15 32.29
N GLY A 765 -5.78 0.13 32.25
CA GLY A 765 -4.65 0.58 33.03
C GLY A 765 -4.86 0.47 34.53
N LYS A 766 -6.12 0.53 34.99
CA LYS A 766 -6.32 0.40 36.43
C LYS A 766 -6.64 -1.04 36.87
N VAL A 767 -7.27 -1.83 35.99
CA VAL A 767 -7.41 -3.24 36.31
C VAL A 767 -6.07 -3.95 36.25
N LEU A 768 -5.10 -3.41 35.50
CA LEU A 768 -3.75 -3.94 35.55
C LEU A 768 -3.24 -3.96 36.99
N SER A 769 -3.44 -2.86 37.72
CA SER A 769 -3.07 -2.86 39.13
C SER A 769 -4.01 -3.73 39.95
N ALA A 770 -5.21 -4.01 39.45
CA ALA A 770 -6.12 -4.83 40.25
C ALA A 770 -5.87 -6.33 40.13
N PHE A 771 -5.04 -6.78 39.19
CA PHE A 771 -4.72 -8.20 39.11
C PHE A 771 -3.99 -8.64 40.38
N PRO A 772 -4.39 -9.74 41.01
CA PRO A 772 -3.72 -10.17 42.25
C PRO A 772 -2.26 -10.53 42.02
N SER A 773 -1.45 -10.31 43.07
CA SER A 773 -0.03 -10.57 43.05
C SER A 773 0.27 -12.08 42.99
N ASP A 774 1.55 -12.39 42.73
CA ASP A 774 2.00 -13.78 42.74
C ASP A 774 1.98 -14.36 44.15
N GLY A 775 2.24 -13.53 45.16
CA GLY A 775 2.22 -14.02 46.53
C GLY A 775 0.83 -14.31 47.03
N GLN A 776 -0.16 -13.56 46.56
CA GLN A 776 -1.54 -13.84 46.90
C GLN A 776 -1.97 -15.19 46.32
N TRP A 777 -1.47 -15.52 45.11
CA TRP A 777 -1.77 -16.81 44.49
C TRP A 777 -0.99 -17.94 45.15
N SER A 778 0.19 -17.65 45.72
CA SER A 778 0.96 -18.70 46.39
C SER A 778 0.20 -19.34 47.54
N ALA A 779 -0.93 -18.75 47.97
CA ALA A 779 -1.73 -19.29 49.06
C ALA A 779 -2.49 -20.58 48.73
N PHE A 780 -2.69 -20.86 47.44
CA PHE A 780 -3.45 -22.03 47.00
C PHE A 780 -2.57 -22.99 46.21
N ASN A 781 -2.65 -24.28 46.53
CA ASN A 781 -1.76 -25.26 45.95
C ASN A 781 -2.45 -26.31 45.07
N SER A 782 -3.69 -26.06 44.65
CA SER A 782 -4.37 -27.09 43.88
C SER A 782 -3.99 -27.01 42.41
N VAL A 783 -4.25 -28.11 41.70
CA VAL A 783 -3.93 -28.19 40.28
C VAL A 783 -4.74 -27.16 39.52
N GLU A 784 -6.00 -26.96 39.92
CA GLU A 784 -6.86 -25.97 39.28
C GLU A 784 -6.48 -24.56 39.69
N ALA A 785 -5.94 -24.40 40.89
CA ALA A 785 -5.46 -23.09 41.33
C ALA A 785 -4.27 -22.66 40.49
N ARG A 786 -3.28 -23.55 40.32
CA ARG A 786 -2.14 -23.22 39.47
C ARG A 786 -2.56 -23.09 38.00
N GLN A 787 -3.46 -23.96 37.53
CA GLN A 787 -3.97 -23.79 36.16
C GLN A 787 -4.51 -22.39 35.97
N MSE A 788 -5.26 -21.93 36.96
CA MSE A 788 -5.99 -20.68 36.86
C MSE A 788 -5.01 -19.51 37.01
O MSE A 788 -5.22 -18.45 36.42
CB MSE A 788 -7.08 -20.64 37.94
CG MSE A 788 -7.63 -19.30 38.18
SE MSE A 788 -8.71 -18.84 36.65
CE MSE A 788 -9.87 -20.35 36.47
N LYS A 789 -3.93 -19.65 37.79
CA LYS A 789 -2.96 -18.54 37.82
C LYS A 789 -2.26 -18.44 36.48
N ILE A 790 -2.02 -19.57 35.80
CA ILE A 790 -1.49 -19.50 34.45
C ILE A 790 -2.46 -18.76 33.54
N GLN A 791 -3.76 -19.07 33.64
CA GLN A 791 -4.75 -18.37 32.81
C GLN A 791 -4.79 -16.88 33.10
N MSE A 792 -4.66 -16.51 34.37
CA MSE A 792 -4.77 -15.13 34.83
C MSE A 792 -3.55 -14.35 34.39
O MSE A 792 -3.64 -13.18 34.02
CB MSE A 792 -4.92 -15.09 36.35
CG MSE A 792 -5.51 -13.81 36.93
SE MSE A 792 -7.39 -13.48 36.51
CE MSE A 792 -8.06 -15.23 36.05
N ASP A 793 -2.40 -15.01 34.42
CA ASP A 793 -1.21 -14.41 33.83
C ASP A 793 -1.46 -14.09 32.36
N ALA A 794 -2.08 -15.02 31.63
CA ALA A 794 -2.32 -14.74 30.21
C ALA A 794 -3.30 -13.58 30.02
N ILE A 795 -4.35 -13.51 30.84
CA ILE A 795 -5.28 -12.40 30.74
C ILE A 795 -4.56 -11.08 31.01
N LYS A 796 -3.68 -11.08 32.02
CA LYS A 796 -2.96 -9.86 32.38
C LYS A 796 -2.03 -9.43 31.26
N GLN A 797 -1.38 -10.38 30.61
CA GLN A 797 -0.53 -10.06 29.46
C GLN A 797 -1.34 -9.39 28.37
N MSE A 798 -2.51 -9.95 28.04
CA MSE A 798 -3.41 -9.36 27.07
C MSE A 798 -3.74 -7.89 27.39
O MSE A 798 -3.49 -6.95 26.58
CB MSE A 798 -4.69 -10.21 27.02
CG MSE A 798 -5.65 -9.92 25.89
SE MSE A 798 -7.13 -11.20 25.95
CE MSE A 798 -6.43 -12.41 27.29
N VAL A 799 -4.29 -7.69 28.60
CA VAL A 799 -4.64 -6.36 29.07
C VAL A 799 -3.42 -5.43 28.99
N GLU A 800 -2.26 -5.93 29.40
CA GLU A 800 -1.05 -5.12 29.45
C GLU A 800 -0.61 -4.66 28.06
N LYS A 801 -0.65 -5.56 27.08
CA LYS A 801 -0.25 -5.18 25.73
C LYS A 801 -1.19 -4.12 25.17
N LYS A 802 -2.47 -4.20 25.51
CA LYS A 802 -3.39 -3.18 24.99
C LYS A 802 -3.27 -1.86 25.74
N ALA A 803 -3.03 -1.92 27.06
CA ALA A 803 -2.88 -0.71 27.85
C ALA A 803 -1.58 0.03 27.51
N VAL A 804 -0.51 -0.71 27.25
CA VAL A 804 0.76 -0.06 26.94
C VAL A 804 0.73 0.51 25.53
N LEU A 805 0.26 -0.28 24.55
CA LEU A 805 0.25 0.23 23.19
C LEU A 805 -0.72 1.39 23.03
N GLU A 806 -1.98 1.20 23.42
CA GLU A 806 -2.95 2.24 23.17
C GLU A 806 -2.90 3.37 24.19
N GLY A 807 -2.27 3.17 25.34
CA GLY A 807 -2.26 4.24 26.33
C GLY A 807 -0.94 4.98 26.47
N GLN A 808 0.14 4.41 25.93
CA GLN A 808 1.43 5.06 26.10
C GLN A 808 2.23 5.15 24.80
N ILE A 809 2.44 4.03 24.11
CA ILE A 809 3.37 4.02 22.99
C ILE A 809 2.77 4.72 21.78
N LEU A 810 1.58 4.31 21.37
CA LEU A 810 0.99 4.88 20.16
C LEU A 810 0.66 6.36 20.30
N PRO A 811 0.18 6.86 21.44
CA PRO A 811 0.10 8.33 21.57
C PRO A 811 1.45 9.00 21.55
N ALA A 812 2.47 8.39 22.18
CA ALA A 812 3.81 8.97 22.13
C ALA A 812 4.31 9.10 20.70
N LEU A 813 4.05 8.09 19.86
CA LEU A 813 4.49 8.17 18.48
C LEU A 813 3.64 9.16 17.68
N ALA A 814 2.37 9.30 18.02
CA ALA A 814 1.54 10.29 17.35
C ALA A 814 2.01 11.72 17.64
N GLN A 815 2.28 12.02 18.92
CA GLN A 815 2.79 13.36 19.26
C GLN A 815 4.20 13.59 18.72
N CYS A 816 5.05 12.55 18.75
CA CYS A 816 6.39 12.70 18.14
C CYS A 816 6.27 13.06 16.67
N GLN A 817 5.41 12.33 15.95
CA GLN A 817 5.18 12.60 14.54
C GLN A 817 4.72 14.05 14.35
N ASN A 818 3.71 14.46 15.13
CA ASN A 818 3.19 15.82 15.02
C ASN A 818 4.27 16.87 15.29
N ALA A 819 5.18 16.58 16.24
CA ALA A 819 6.24 17.53 16.54
C ALA A 819 7.29 17.63 15.44
N LEU A 820 7.52 16.54 14.70
CA LEU A 820 8.48 16.63 13.59
C LEU A 820 7.82 17.24 12.35
N GLU A 821 6.53 17.01 12.18
CA GLU A 821 5.74 17.58 11.11
C GLU A 821 5.49 19.07 11.32
N LYS A 822 5.74 19.56 12.54
CA LYS A 822 5.89 20.98 12.82
C LYS A 822 7.37 21.37 12.97
N GLN A 823 8.29 20.49 12.58
CA GLN A 823 9.73 20.74 12.61
C GLN A 823 10.30 20.91 14.02
N ASN A 824 9.49 20.61 15.04
CA ASN A 824 9.87 20.74 16.44
C ASN A 824 10.56 19.44 16.88
N ILE A 825 11.83 19.29 16.47
CA ILE A 825 12.57 18.06 16.74
C ILE A 825 12.71 17.85 18.25
N ALA A 826 12.94 18.93 19.00
CA ALA A 826 13.13 18.80 20.45
C ALA A 826 11.86 18.27 21.12
N GLY A 827 10.70 18.74 20.67
CA GLY A 827 9.45 18.17 21.16
C GLY A 827 9.22 16.77 20.65
N ALA A 828 9.76 16.45 19.47
CA ALA A 828 9.65 15.10 18.91
C ALA A 828 10.35 14.06 19.79
N LEU A 829 11.58 14.35 20.23
CA LEU A 829 12.23 13.44 21.17
C LEU A 829 11.59 13.52 22.55
N GLN A 830 11.08 14.70 22.90
CA GLN A 830 10.34 14.88 24.16
C GLN A 830 9.16 13.93 24.24
N ALA A 831 8.47 13.71 23.11
CA ALA A 831 7.34 12.80 23.09
C ALA A 831 7.73 11.36 23.44
N LEU A 832 8.91 10.92 22.98
CA LEU A 832 9.30 9.54 23.29
C LEU A 832 9.86 9.39 24.70
N ARG A 833 10.73 10.29 25.15
CA ARG A 833 11.33 9.98 26.44
C ARG A 833 10.47 10.42 27.61
N ASN A 834 9.62 11.43 27.44
CA ASN A 834 8.75 11.87 28.52
C ASN A 834 7.37 11.22 28.39
N ILE A 835 7.38 9.88 28.40
CA ILE A 835 6.13 9.12 28.44
C ILE A 835 5.72 8.94 29.89
N PRO A 836 4.50 9.32 30.27
CA PRO A 836 4.07 9.12 31.66
C PRO A 836 3.62 7.69 31.92
N SER A 837 3.89 7.23 33.13
CA SER A 837 3.42 5.92 33.53
C SER A 837 1.92 5.96 33.79
N LEU A 838 1.27 4.80 33.69
CA LEU A 838 -0.17 4.74 33.83
C LEU A 838 -0.58 4.88 35.29
N MET B 4 59.72 -14.68 -50.99
CA MET B 4 59.17 -13.37 -50.66
C MET B 4 59.93 -12.73 -49.50
N GLN B 5 60.19 -11.43 -49.57
CA GLN B 5 60.91 -10.73 -48.51
C GLN B 5 60.16 -9.45 -48.16
N ILE B 6 60.11 -9.13 -46.87
CA ILE B 6 59.47 -7.93 -46.37
C ILE B 6 60.43 -7.21 -45.44
N PHE B 7 60.15 -5.94 -45.21
CA PHE B 7 60.94 -5.09 -44.33
C PHE B 7 60.06 -4.58 -43.20
N VAL B 8 60.54 -4.71 -41.97
CA VAL B 8 59.88 -4.12 -40.82
C VAL B 8 60.73 -2.94 -40.37
N LYS B 9 60.14 -1.75 -40.40
CA LYS B 9 60.82 -0.52 -40.01
C LYS B 9 60.40 -0.12 -38.61
N THR B 10 61.35 0.45 -37.86
CA THR B 10 61.22 0.69 -36.45
C THR B 10 61.25 2.20 -36.21
N LEU B 11 60.91 2.62 -34.99
CA LEU B 11 61.01 4.02 -34.65
C LEU B 11 62.45 4.44 -34.38
N THR B 12 63.27 3.54 -33.85
CA THR B 12 64.67 3.84 -33.57
C THR B 12 65.52 3.96 -34.83
N GLY B 13 64.96 3.69 -36.01
CA GLY B 13 65.67 3.90 -37.26
C GLY B 13 66.01 2.62 -38.03
N LYS B 14 66.06 1.48 -37.37
CA LYS B 14 66.54 0.28 -38.04
C LYS B 14 65.51 -0.27 -39.03
N THR B 15 66.01 -0.87 -40.10
CA THR B 15 65.18 -1.51 -41.11
C THR B 15 65.55 -2.99 -41.12
N ILE B 16 64.61 -3.84 -40.72
CA ILE B 16 64.86 -5.28 -40.58
C ILE B 16 64.33 -5.97 -41.83
N THR B 17 65.18 -6.78 -42.46
CA THR B 17 64.77 -7.53 -43.63
C THR B 17 64.50 -8.97 -43.23
N LEU B 18 63.36 -9.49 -43.66
CA LEU B 18 62.92 -10.84 -43.33
C LEU B 18 62.56 -11.53 -44.62
N GLU B 19 62.95 -12.78 -44.75
CA GLU B 19 62.43 -13.60 -45.82
C GLU B 19 61.32 -14.45 -45.20
N VAL B 20 60.13 -14.37 -45.78
CA VAL B 20 58.93 -14.98 -45.25
C VAL B 20 58.23 -15.76 -46.36
N GLU B 21 57.06 -16.29 -46.04
CA GLU B 21 56.18 -16.82 -47.07
C GLU B 21 54.76 -16.36 -46.78
N PRO B 22 53.92 -16.18 -47.82
CA PRO B 22 52.63 -15.55 -47.59
C PRO B 22 51.79 -16.28 -46.56
N SER B 23 51.97 -17.60 -46.44
CA SER B 23 51.26 -18.37 -45.44
C SER B 23 51.85 -18.26 -44.03
N ASP B 24 52.90 -17.46 -43.83
CA ASP B 24 53.45 -17.31 -42.49
C ASP B 24 52.46 -16.57 -41.60
N THR B 25 52.39 -16.99 -40.34
CA THR B 25 51.51 -16.34 -39.40
C THR B 25 52.16 -15.05 -38.92
N ILE B 26 51.50 -14.33 -38.00
CA ILE B 26 52.15 -13.14 -37.45
C ILE B 26 52.97 -13.47 -36.20
N GLU B 27 52.55 -14.47 -35.42
CA GLU B 27 53.41 -15.07 -34.39
C GLU B 27 54.79 -15.36 -34.95
N ASN B 28 54.83 -16.11 -36.05
CA ASN B 28 56.09 -16.49 -36.70
C ASN B 28 56.89 -15.26 -37.11
N VAL B 29 56.25 -14.27 -37.73
CA VAL B 29 56.99 -13.09 -38.17
C VAL B 29 57.62 -12.40 -36.97
N LYS B 30 56.90 -12.34 -35.84
CA LYS B 30 57.50 -11.79 -34.63
C LYS B 30 58.61 -12.68 -34.09
N ALA B 31 58.54 -13.99 -34.34
CA ALA B 31 59.61 -14.89 -33.95
C ALA B 31 60.88 -14.63 -34.75
N LYS B 32 60.73 -14.49 -36.07
CA LYS B 32 61.84 -14.07 -36.93
C LYS B 32 62.45 -12.76 -36.45
N ILE B 33 61.60 -11.75 -36.19
CA ILE B 33 62.11 -10.49 -35.69
C ILE B 33 62.87 -10.69 -34.39
N GLN B 34 62.38 -11.61 -33.54
CA GLN B 34 63.08 -11.90 -32.30
C GLN B 34 64.45 -12.52 -32.57
N ASP B 35 64.51 -13.46 -33.52
CA ASP B 35 65.78 -14.12 -33.79
C ASP B 35 66.82 -13.15 -34.33
N LYS B 36 66.40 -12.14 -35.11
CA LYS B 36 67.43 -11.26 -35.65
C LYS B 36 67.71 -10.02 -34.81
N GLU B 37 66.75 -9.50 -34.05
CA GLU B 37 66.98 -8.28 -33.29
C GLU B 37 66.78 -8.46 -31.79
N GLY B 38 66.45 -9.67 -31.33
CA GLY B 38 66.36 -9.99 -29.92
C GLY B 38 65.19 -9.35 -29.17
N ILE B 39 64.16 -9.01 -29.91
CA ILE B 39 62.97 -8.27 -29.25
C ILE B 39 61.90 -9.38 -28.99
N PRO B 40 61.72 -9.67 -27.68
CA PRO B 40 60.71 -10.71 -27.35
C PRO B 40 59.36 -10.40 -27.95
N PRO B 41 58.74 -11.40 -28.59
CA PRO B 41 57.49 -11.14 -29.33
C PRO B 41 56.36 -10.55 -28.49
N ASP B 42 56.35 -10.78 -27.18
CA ASP B 42 55.30 -10.19 -26.35
C ASP B 42 55.37 -8.66 -26.28
N GLN B 43 56.51 -8.07 -26.67
CA GLN B 43 56.66 -6.62 -26.73
C GLN B 43 56.34 -6.03 -28.09
N GLN B 44 56.15 -6.87 -29.10
CA GLN B 44 56.08 -6.40 -30.48
C GLN B 44 54.66 -6.05 -30.87
N ALA B 45 54.48 -4.85 -31.42
CA ALA B 45 53.23 -4.43 -32.06
C ALA B 45 53.55 -4.10 -33.52
N LEU B 46 52.99 -4.90 -34.43
CA LEU B 46 53.24 -4.77 -35.85
C LEU B 46 52.05 -4.08 -36.53
N ILE B 47 52.34 -3.11 -37.38
CA ILE B 47 51.34 -2.31 -38.06
C ILE B 47 51.58 -2.44 -39.55
N PHE B 48 50.50 -2.53 -40.32
CA PHE B 48 50.62 -2.52 -41.77
C PHE B 48 49.50 -1.63 -42.31
N ALA B 49 49.89 -0.59 -43.05
CA ALA B 49 48.96 0.35 -43.66
C ALA B 49 47.99 0.91 -42.61
N GLY B 50 48.51 1.14 -41.40
CA GLY B 50 47.71 1.72 -40.34
C GLY B 50 47.03 0.71 -39.43
N LYS B 51 47.00 -0.57 -39.79
CA LYS B 51 46.27 -1.58 -39.04
C LYS B 51 47.23 -2.45 -38.22
N GLN B 52 46.82 -2.80 -37.01
CA GLN B 52 47.62 -3.69 -36.19
C GLN B 52 47.34 -5.13 -36.57
N LEU B 53 48.40 -5.91 -36.67
CA LEU B 53 48.27 -7.28 -37.12
C LEU B 53 48.12 -8.18 -35.90
N GLU B 54 47.25 -9.18 -36.02
CA GLU B 54 46.93 -10.05 -34.90
C GLU B 54 47.54 -11.43 -35.09
N ASP B 55 48.01 -11.99 -33.98
CA ASP B 55 48.56 -13.34 -33.98
C ASP B 55 47.55 -14.31 -34.56
N GLY B 56 48.04 -15.35 -35.21
CA GLY B 56 47.10 -16.32 -35.75
C GLY B 56 46.78 -16.08 -37.22
N ARG B 57 46.60 -14.82 -37.61
CA ARG B 57 46.32 -14.48 -38.99
C ARG B 57 47.62 -14.51 -39.80
N THR B 58 47.52 -14.83 -41.09
CA THR B 58 48.70 -14.98 -41.92
C THR B 58 49.04 -13.66 -42.63
N LEU B 59 50.25 -13.61 -43.20
CA LEU B 59 50.65 -12.43 -43.96
C LEU B 59 49.76 -12.23 -45.18
N SER B 60 49.37 -13.32 -45.83
CA SER B 60 48.46 -13.22 -46.97
C SER B 60 47.07 -12.76 -46.54
N ASP B 61 46.68 -13.05 -45.29
CA ASP B 61 45.37 -12.61 -44.82
C ASP B 61 45.27 -11.09 -44.84
N TYR B 62 46.34 -10.38 -44.45
CA TYR B 62 46.39 -8.93 -44.48
C TYR B 62 46.86 -8.39 -45.83
N ASN B 63 46.94 -9.23 -46.85
CA ASN B 63 47.37 -8.84 -48.18
C ASN B 63 48.77 -8.23 -48.20
N ILE B 64 49.60 -8.59 -47.22
CA ILE B 64 51.02 -8.20 -47.27
C ILE B 64 51.71 -9.05 -48.31
N GLN B 65 52.26 -8.42 -49.34
CA GLN B 65 52.92 -9.19 -50.39
C GLN B 65 54.39 -8.81 -50.50
N LYS B 66 55.03 -9.13 -51.62
CA LYS B 66 56.47 -8.99 -51.74
C LYS B 66 56.93 -7.55 -51.52
N GLU B 67 57.95 -7.40 -50.66
CA GLU B 67 58.61 -6.11 -50.39
C GLU B 67 57.67 -5.06 -49.81
N SER B 68 56.60 -5.50 -49.14
CA SER B 68 55.80 -4.57 -48.35
C SER B 68 56.59 -4.13 -47.12
N THR B 69 56.14 -3.06 -46.49
CA THR B 69 56.79 -2.52 -45.30
C THR B 69 55.84 -2.57 -44.13
N LEU B 70 56.26 -3.22 -43.05
CA LEU B 70 55.56 -3.24 -41.78
C LEU B 70 56.25 -2.26 -40.83
N HIS B 71 55.54 -1.88 -39.76
CA HIS B 71 56.06 -0.97 -38.76
C HIS B 71 56.04 -1.65 -37.40
N LEU B 72 57.08 -1.43 -36.61
CA LEU B 72 57.17 -2.10 -35.31
C LEU B 72 57.33 -1.07 -34.20
N VAL B 73 56.46 -1.18 -33.20
CA VAL B 73 56.59 -0.38 -31.99
C VAL B 73 56.61 -1.32 -30.81
N LEU B 74 57.36 -0.94 -29.79
CA LEU B 74 57.34 -1.68 -28.55
C LEU B 74 56.17 -1.20 -27.71
N ARG B 75 55.39 -2.14 -27.19
CA ARG B 75 54.20 -1.86 -26.42
C ARG B 75 54.23 -2.77 -25.20
N LEU B 76 54.35 -2.20 -24.02
CA LEU B 76 54.45 -2.96 -22.80
C LEU B 76 53.48 -2.42 -21.78
N ARG B 77 53.10 -3.28 -20.85
CA ARG B 77 52.38 -2.84 -19.67
C ARG B 77 53.25 -1.88 -18.87
N GLY B 78 52.59 -1.00 -18.12
CA GLY B 78 53.32 -0.11 -17.24
C GLY B 78 53.77 -0.83 -15.99
N GLY B 79 54.65 -0.16 -15.25
CA GLY B 79 55.25 -0.74 -14.07
C GLY B 79 56.42 -1.65 -14.39
N MET C 4 -75.82 -0.39 -2.27
CA MET C 4 -75.02 -1.43 -1.62
C MET C 4 -74.86 -1.14 -0.12
N GLN C 5 -74.91 -2.20 0.69
CA GLN C 5 -74.80 -2.10 2.13
C GLN C 5 -73.86 -3.18 2.66
N ILE C 6 -73.02 -2.84 3.64
CA ILE C 6 -72.11 -3.79 4.25
C ILE C 6 -72.23 -3.71 5.76
N PHE C 7 -71.79 -4.77 6.45
CA PHE C 7 -71.84 -4.82 7.90
C PHE C 7 -70.44 -5.01 8.45
N VAL C 8 -70.07 -4.18 9.44
CA VAL C 8 -68.82 -4.31 10.17
C VAL C 8 -69.14 -4.81 11.57
N LYS C 9 -68.57 -5.96 11.93
CA LYS C 9 -68.77 -6.59 13.22
C LYS C 9 -67.54 -6.43 14.10
N THR C 10 -67.78 -6.35 15.40
CA THR C 10 -66.81 -5.97 16.41
C THR C 10 -66.59 -7.15 17.35
N LEU C 11 -65.58 -7.05 18.21
CA LEU C 11 -65.35 -8.08 19.22
C LEU C 11 -66.33 -7.98 20.36
N THR C 12 -66.84 -6.78 20.66
CA THR C 12 -67.83 -6.63 21.73
C THR C 12 -69.18 -7.22 21.34
N GLY C 13 -69.36 -7.65 20.09
CA GLY C 13 -70.55 -8.36 19.67
C GLY C 13 -71.47 -7.60 18.74
N LYS C 14 -71.45 -6.28 18.75
CA LYS C 14 -72.44 -5.53 18.00
C LYS C 14 -72.15 -5.55 16.50
N THR C 15 -73.24 -5.51 15.73
CA THR C 15 -73.19 -5.57 14.26
C THR C 15 -73.65 -4.21 13.73
N ILE C 16 -72.70 -3.49 13.12
CA ILE C 16 -72.97 -2.14 12.64
C ILE C 16 -73.18 -2.15 11.14
N THR C 17 -74.30 -1.57 10.72
CA THR C 17 -74.69 -1.57 9.30
C THR C 17 -74.35 -0.22 8.62
N LEU C 18 -73.75 -0.28 7.42
CA LEU C 18 -73.27 0.90 6.70
C LEU C 18 -73.79 0.95 5.26
N GLU C 19 -74.11 2.16 4.79
CA GLU C 19 -74.44 2.42 3.38
C GLU C 19 -73.20 2.89 2.62
N VAL C 20 -72.79 2.16 1.59
CA VAL C 20 -71.61 2.46 0.80
C VAL C 20 -71.86 2.03 -0.66
N GLU C 21 -70.84 2.31 -1.48
CA GLU C 21 -70.65 1.79 -2.84
C GLU C 21 -69.14 1.55 -3.07
N PRO C 22 -68.76 0.71 -4.03
CA PRO C 22 -67.32 0.38 -4.19
C PRO C 22 -66.37 1.53 -4.47
N SER C 23 -66.82 2.64 -5.03
CA SER C 23 -65.84 3.70 -5.26
C SER C 23 -65.43 4.39 -3.97
N ASP C 24 -66.02 4.00 -2.85
CA ASP C 24 -65.65 4.57 -1.56
C ASP C 24 -64.30 4.04 -1.13
N THR C 25 -63.49 4.92 -0.52
CA THR C 25 -62.26 4.48 0.12
C THR C 25 -62.61 3.91 1.48
N ILE C 26 -61.58 3.59 2.26
CA ILE C 26 -61.79 3.17 3.65
C ILE C 26 -61.67 4.33 4.62
N GLU C 27 -60.92 5.40 4.27
CA GLU C 27 -61.12 6.69 4.91
C GLU C 27 -62.62 6.90 5.12
N ASN C 28 -63.39 6.76 4.04
CA ASN C 28 -64.84 6.91 4.05
C ASN C 28 -65.48 5.99 5.09
N VAL C 29 -65.12 4.71 5.06
CA VAL C 29 -65.81 3.73 5.90
C VAL C 29 -65.57 4.01 7.39
N LYS C 30 -64.34 4.33 7.78
CA LYS C 30 -64.13 4.64 9.20
C LYS C 30 -64.75 5.96 9.59
N ALA C 31 -64.92 6.88 8.63
CA ALA C 31 -65.71 8.07 8.94
C ALA C 31 -67.17 7.72 9.18
N LYS C 32 -67.74 6.85 8.33
CA LYS C 32 -69.09 6.33 8.57
C LYS C 32 -69.22 5.74 9.96
N ILE C 33 -68.31 4.83 10.30
CA ILE C 33 -68.38 4.15 11.59
C ILE C 33 -68.26 5.16 12.73
N GLN C 34 -67.46 6.22 12.54
CA GLN C 34 -67.37 7.24 13.58
C GLN C 34 -68.70 7.97 13.73
N ASP C 35 -69.34 8.31 12.61
CA ASP C 35 -70.62 9.00 12.69
C ASP C 35 -71.68 8.14 13.36
N LYS C 36 -71.63 6.83 13.18
CA LYS C 36 -72.68 5.99 13.73
C LYS C 36 -72.39 5.50 15.15
N GLU C 37 -71.12 5.35 15.53
CA GLU C 37 -70.75 4.83 16.84
C GLU C 37 -69.77 5.67 17.65
N GLY C 38 -69.34 6.82 17.15
CA GLY C 38 -68.44 7.66 17.93
C GLY C 38 -67.04 7.09 18.04
N ILE C 39 -66.61 6.33 17.04
CA ILE C 39 -65.34 5.59 17.04
C ILE C 39 -64.26 6.39 16.31
N PRO C 40 -63.33 7.03 17.03
CA PRO C 40 -62.30 7.85 16.36
C PRO C 40 -61.55 7.06 15.30
N PRO C 41 -61.44 7.61 14.08
CA PRO C 41 -60.90 6.81 12.96
C PRO C 41 -59.49 6.28 13.13
N ASP C 42 -58.59 6.98 13.82
CA ASP C 42 -57.27 6.41 14.07
C ASP C 42 -57.27 5.23 15.03
N GLN C 43 -58.37 4.96 15.73
CA GLN C 43 -58.45 3.77 16.57
C GLN C 43 -58.98 2.56 15.82
N GLN C 44 -59.43 2.74 14.58
CA GLN C 44 -60.12 1.69 13.85
C GLN C 44 -59.13 0.88 13.01
N ALA C 45 -59.17 -0.44 13.15
CA ALA C 45 -58.46 -1.35 12.25
C ALA C 45 -59.50 -2.26 11.59
N LEU C 46 -59.63 -2.14 10.27
CA LEU C 46 -60.63 -2.86 9.50
C LEU C 46 -59.99 -4.04 8.77
N ILE C 47 -60.63 -5.22 8.89
CA ILE C 47 -60.14 -6.47 8.33
C ILE C 47 -61.26 -7.09 7.49
N PHE C 48 -60.88 -7.68 6.35
CA PHE C 48 -61.82 -8.40 5.50
C PHE C 48 -61.17 -9.69 5.04
N ALA C 49 -61.83 -10.81 5.32
CA ALA C 49 -61.34 -12.12 4.90
C ALA C 49 -59.89 -12.34 5.36
N GLY C 50 -59.58 -11.83 6.55
CA GLY C 50 -58.29 -12.01 7.16
C GLY C 50 -57.26 -10.94 6.88
N LYS C 51 -57.50 -10.05 5.91
CA LYS C 51 -56.52 -9.06 5.50
C LYS C 51 -56.89 -7.69 6.03
N GLN C 52 -55.87 -6.93 6.44
CA GLN C 52 -56.09 -5.58 6.96
C GLN C 52 -56.17 -4.59 5.80
N LEU C 53 -57.14 -3.70 5.89
CA LEU C 53 -57.45 -2.74 4.84
C LEU C 53 -56.73 -1.42 5.13
N GLU C 54 -56.23 -0.78 4.08
CA GLU C 54 -55.39 0.40 4.24
C GLU C 54 -56.10 1.67 3.76
N ASP C 55 -55.89 2.77 4.50
CA ASP C 55 -56.43 4.06 4.12
C ASP C 55 -56.04 4.42 2.68
N GLY C 56 -56.93 5.13 2.01
CA GLY C 56 -56.68 5.59 0.65
C GLY C 56 -57.22 4.69 -0.41
N ARG C 57 -57.03 3.38 -0.24
CA ARG C 57 -57.55 2.47 -1.23
C ARG C 57 -59.04 2.24 -1.06
N THR C 58 -59.67 1.95 -2.18
CA THR C 58 -61.11 1.90 -2.24
C THR C 58 -61.64 0.52 -1.90
N LEU C 59 -62.93 0.50 -1.65
CA LEU C 59 -63.65 -0.69 -1.24
C LEU C 59 -63.66 -1.73 -2.35
N SER C 60 -63.79 -1.27 -3.60
CA SER C 60 -63.79 -2.18 -4.74
C SER C 60 -62.43 -2.83 -4.93
N ASP C 61 -61.37 -2.12 -4.55
CA ASP C 61 -60.02 -2.64 -4.75
C ASP C 61 -59.82 -3.93 -3.98
N TYR C 62 -60.36 -4.00 -2.77
CA TYR C 62 -60.28 -5.21 -1.98
C TYR C 62 -61.44 -6.19 -2.31
N ASN C 63 -62.23 -5.95 -3.38
CA ASN C 63 -63.36 -6.82 -3.77
C ASN C 63 -64.35 -7.10 -2.67
N ILE C 64 -64.50 -6.21 -1.71
CA ILE C 64 -65.61 -6.27 -0.79
C ILE C 64 -66.85 -5.80 -1.54
N GLN C 65 -67.76 -6.75 -1.71
CA GLN C 65 -68.99 -6.61 -2.49
C GLN C 65 -70.18 -6.46 -1.55
N LYS C 66 -71.37 -6.35 -2.11
CA LYS C 66 -72.56 -6.10 -1.31
C LYS C 66 -72.85 -7.17 -0.26
N GLU C 67 -73.23 -6.70 0.92
CA GLU C 67 -73.65 -7.58 2.00
C GLU C 67 -72.46 -8.26 2.65
N SER C 68 -71.25 -7.76 2.35
CA SER C 68 -70.07 -8.37 2.90
C SER C 68 -69.89 -7.95 4.35
N THR C 69 -69.04 -8.70 5.06
CA THR C 69 -68.79 -8.44 6.47
C THR C 69 -67.32 -8.08 6.65
N LEU C 70 -67.08 -6.89 7.18
CA LEU C 70 -65.76 -6.51 7.65
C LEU C 70 -65.76 -6.65 9.17
N HIS C 71 -64.57 -6.70 9.73
CA HIS C 71 -64.40 -6.79 11.18
C HIS C 71 -63.61 -5.58 11.61
N LEU C 72 -63.96 -4.99 12.75
CA LEU C 72 -63.22 -3.82 13.19
C LEU C 72 -62.73 -4.06 14.60
N VAL C 73 -61.45 -3.81 14.82
CA VAL C 73 -60.88 -3.91 16.16
C VAL C 73 -60.27 -2.56 16.51
N LEU C 74 -60.34 -2.22 17.79
CA LEU C 74 -59.70 -1.02 18.30
C LEU C 74 -58.23 -1.29 18.48
N ARG C 75 -57.40 -0.40 17.97
CA ARG C 75 -55.95 -0.58 18.01
C ARG C 75 -55.33 0.75 18.43
N LEU C 76 -54.71 0.75 19.60
CA LEU C 76 -54.17 1.95 20.22
C LEU C 76 -52.73 1.73 20.64
N ARG C 77 -51.99 2.84 20.69
CA ARG C 77 -50.70 2.84 21.36
C ARG C 77 -50.90 2.59 22.85
N GLY C 78 -49.88 1.97 23.47
CA GLY C 78 -49.85 1.83 24.91
C GLY C 78 -49.43 3.12 25.56
N GLY C 79 -49.60 3.17 26.89
CA GLY C 79 -49.26 4.37 27.64
C GLY C 79 -50.30 5.46 27.61
N VAL D 3 -56.76 -43.72 12.53
CA VAL D 3 -57.26 -43.00 13.70
C VAL D 3 -57.75 -41.62 13.27
N PRO D 4 -59.03 -41.35 13.48
CA PRO D 4 -59.57 -40.03 13.13
C PRO D 4 -59.25 -38.96 14.17
N THR D 5 -59.24 -37.71 13.70
CA THR D 5 -59.01 -36.56 14.57
C THR D 5 -60.25 -36.27 15.41
N TRP D 6 -60.05 -36.10 16.72
CA TRP D 6 -61.13 -35.79 17.64
C TRP D 6 -61.62 -34.36 17.42
N ASN D 7 -62.81 -34.08 17.94
CA ASN D 7 -63.45 -32.78 17.73
C ASN D 7 -63.49 -31.94 19.02
N GLY D 8 -62.73 -32.32 20.04
CA GLY D 8 -62.73 -31.57 21.28
C GLY D 8 -63.85 -31.91 22.23
N PHE D 9 -64.66 -32.94 21.92
CA PHE D 9 -65.70 -33.40 22.83
C PHE D 9 -65.08 -33.89 24.13
N SER D 10 -65.63 -33.47 25.26
CA SER D 10 -65.06 -33.83 26.54
C SER D 10 -66.15 -33.88 27.59
N LEU D 11 -66.07 -34.89 28.47
CA LEU D 11 -66.93 -34.99 29.65
C LEU D 11 -67.04 -33.68 30.41
N TYR D 12 -66.01 -32.83 30.36
CA TYR D 12 -65.95 -31.66 31.20
C TYR D 12 -66.54 -30.40 30.55
N THR D 13 -66.94 -30.48 29.28
CA THR D 13 -67.48 -29.34 28.59
C THR D 13 -68.76 -29.63 27.82
N ASP D 14 -69.14 -30.89 27.62
CA ASP D 14 -70.38 -31.17 26.91
C ASP D 14 -71.57 -30.93 27.82
N GLU D 15 -72.59 -30.26 27.30
CA GLU D 15 -73.71 -29.87 28.15
C GLU D 15 -74.69 -31.02 28.36
N THR D 16 -74.92 -31.84 27.34
CA THR D 16 -75.88 -32.93 27.43
C THR D 16 -75.48 -33.92 28.51
N VAL D 17 -74.20 -34.34 28.53
CA VAL D 17 -73.75 -35.33 29.50
C VAL D 17 -73.85 -34.76 30.91
N ARG D 18 -73.56 -33.48 31.08
CA ARG D 18 -73.64 -32.86 32.40
C ARG D 18 -75.09 -32.78 32.87
N ASN D 19 -76.01 -32.47 31.97
CA ASN D 19 -77.43 -32.50 32.31
C ASN D 19 -77.84 -33.89 32.74
N ALA D 20 -77.42 -34.92 31.98
CA ALA D 20 -77.75 -36.28 32.37
C ALA D 20 -77.24 -36.60 33.77
N ALA D 21 -76.04 -36.13 34.11
CA ALA D 21 -75.53 -36.38 35.45
C ALA D 21 -76.36 -35.65 36.51
N ARG D 22 -76.78 -34.42 36.22
CA ARG D 22 -77.63 -33.69 37.17
C ARG D 22 -78.96 -34.40 37.38
N TYR D 23 -79.61 -34.84 36.31
CA TYR D 23 -80.86 -35.56 36.46
C TYR D 23 -80.67 -36.83 37.29
N ALA D 24 -79.61 -37.58 37.00
CA ALA D 24 -79.34 -38.80 37.76
C ALA D 24 -79.15 -38.50 39.24
N TYR D 25 -78.39 -37.45 39.52
CA TYR D 25 -78.19 -36.97 40.88
C TYR D 25 -79.46 -36.45 41.55
N ASP D 26 -80.29 -35.73 40.80
CA ASP D 26 -81.41 -35.05 41.39
C ASP D 26 -82.47 -36.03 41.77
N ASN D 27 -82.69 -37.02 40.93
CA ASN D 27 -83.73 -37.98 41.15
C ASN D 27 -83.36 -39.28 41.80
N TYR D 28 -82.09 -39.59 41.97
CA TYR D 28 -81.71 -40.84 42.59
C TYR D 28 -80.56 -40.82 43.57
N LEU D 29 -79.38 -40.54 43.08
CA LEU D 29 -78.21 -40.58 43.89
C LEU D 29 -78.36 -39.44 44.77
N GLY D 30 -77.86 -39.50 45.98
CA GLY D 30 -78.02 -38.39 46.92
C GLY D 30 -79.42 -38.40 47.49
N LYS D 31 -80.14 -39.49 47.23
CA LYS D 31 -81.49 -39.68 47.75
C LYS D 31 -81.41 -40.82 48.75
N PRO D 32 -82.03 -40.66 49.91
CA PRO D 32 -81.81 -41.65 50.96
C PRO D 32 -82.21 -43.04 50.49
N TYR D 33 -81.33 -44.00 50.72
CA TYR D 33 -81.61 -45.40 50.43
C TYR D 33 -82.91 -45.85 51.07
N THR D 34 -83.78 -46.47 50.27
CA THR D 34 -85.05 -47.00 50.75
C THR D 34 -84.92 -48.43 51.25
N GLY D 35 -83.76 -49.05 51.07
CA GLY D 35 -83.50 -50.40 51.48
C GLY D 35 -82.82 -50.49 52.83
N THR D 36 -82.17 -51.63 53.07
CA THR D 36 -81.60 -51.97 54.37
C THR D 36 -80.12 -51.61 54.46
N VAL D 37 -79.29 -52.23 53.62
CA VAL D 37 -77.85 -52.28 53.85
C VAL D 37 -77.21 -50.93 53.58
N GLU D 38 -76.52 -50.41 54.60
CA GLU D 38 -75.91 -49.09 54.58
C GLU D 38 -76.86 -48.01 54.09
N ALA D 39 -78.13 -48.09 54.50
CA ALA D 39 -79.06 -47.01 54.22
C ALA D 39 -78.71 -45.78 55.05
N THR D 40 -77.92 -45.96 56.10
CA THR D 40 -77.59 -44.87 57.01
C THR D 40 -76.65 -43.89 56.31
N PRO D 41 -76.98 -42.60 56.28
CA PRO D 41 -76.10 -41.63 55.62
C PRO D 41 -74.81 -41.47 56.41
N VAL D 42 -73.81 -40.87 55.77
CA VAL D 42 -72.57 -40.54 56.46
C VAL D 42 -72.27 -39.07 56.18
N ASN D 43 -71.30 -38.53 56.90
CA ASN D 43 -71.15 -37.08 56.99
C ASN D 43 -69.69 -36.68 56.83
N PHE D 44 -69.47 -35.63 56.04
CA PHE D 44 -68.14 -35.12 55.72
C PHE D 44 -68.13 -33.61 55.95
N GLY D 45 -67.40 -33.17 56.96
CA GLY D 45 -67.25 -31.75 57.22
C GLY D 45 -68.56 -31.03 57.45
N GLY D 46 -69.60 -31.75 57.90
CA GLY D 46 -70.89 -31.16 58.17
C GLY D 46 -71.92 -31.38 57.10
N GLN D 47 -71.51 -31.77 55.89
CA GLN D 47 -72.45 -32.04 54.81
C GLN D 47 -72.74 -33.55 54.72
N MSE D 48 -74.01 -33.87 54.49
CA MSE D 48 -74.48 -35.26 54.47
C MSE D 48 -74.42 -35.86 53.05
O MSE D 48 -74.86 -35.24 52.08
CB MSE D 48 -75.93 -35.33 54.99
CG MSE D 48 -76.14 -35.50 56.52
SE MSE D 48 -75.48 -37.15 57.38
CE MSE D 48 -75.82 -36.73 59.27
N VAL D 49 -73.89 -37.08 52.93
CA VAL D 49 -73.98 -37.87 51.70
C VAL D 49 -74.76 -39.14 52.01
N TYR D 50 -75.83 -39.35 51.24
CA TYR D 50 -76.71 -40.50 51.41
C TYR D 50 -76.13 -41.76 50.80
N ARG D 51 -75.52 -41.67 49.61
CA ARG D 51 -74.95 -42.84 48.93
C ARG D 51 -73.44 -42.60 48.76
N GLN D 52 -72.70 -43.13 49.74
CA GLN D 52 -71.26 -42.92 49.86
C GLN D 52 -70.46 -43.65 48.78
N HIS D 53 -70.76 -44.93 48.55
CA HIS D 53 -69.95 -45.75 47.64
C HIS D 53 -70.47 -45.74 46.20
N HIS D 54 -71.78 -45.73 46.02
CA HIS D 54 -72.34 -45.73 44.69
C HIS D 54 -73.18 -44.48 44.48
N GLY D 55 -72.58 -43.32 44.72
CA GLY D 55 -73.28 -42.06 44.60
C GLY D 55 -72.82 -41.30 43.38
N LEU D 56 -72.70 -39.98 43.49
CA LEU D 56 -72.42 -39.17 42.31
C LEU D 56 -70.94 -39.22 41.94
N ALA D 57 -70.05 -39.09 42.93
CA ALA D 57 -68.62 -39.09 42.65
C ALA D 57 -68.20 -40.39 41.97
N HIS D 58 -68.74 -41.52 42.42
CA HIS D 58 -68.44 -42.79 41.77
C HIS D 58 -68.91 -42.79 40.33
N THR D 59 -70.12 -42.29 40.08
CA THR D 59 -70.67 -42.28 38.73
C THR D 59 -69.82 -41.40 37.81
N LEU D 60 -69.53 -40.18 38.25
CA LEU D 60 -68.71 -39.26 37.47
C LEU D 60 -67.35 -39.86 37.18
N ARG D 61 -66.76 -40.53 38.17
CA ARG D 61 -65.50 -41.22 37.93
C ARG D 61 -65.64 -42.29 36.86
N THR D 62 -66.71 -43.10 36.91
CA THR D 62 -66.92 -44.09 35.86
C THR D 62 -66.89 -43.44 34.48
N MSE D 63 -67.61 -42.34 34.34
CA MSE D 63 -67.63 -41.60 33.09
C MSE D 63 -66.23 -41.14 32.67
O MSE D 63 -65.81 -41.30 31.51
CB MSE D 63 -68.59 -40.42 33.20
CG MSE D 63 -69.89 -40.83 33.88
SE MSE D 63 -71.32 -39.50 33.84
CE MSE D 63 -71.79 -39.48 35.71
N ALA D 64 -65.49 -40.59 33.64
CA ALA D 64 -64.12 -40.16 33.38
C ALA D 64 -63.24 -41.32 32.93
N TYR D 65 -63.41 -42.49 33.56
CA TYR D 65 -62.65 -43.67 33.15
C TYR D 65 -62.95 -44.03 31.71
N ALA D 66 -64.22 -43.99 31.31
CA ALA D 66 -64.53 -44.28 29.92
C ALA D 66 -63.82 -43.31 28.98
N GLU D 67 -63.78 -42.03 29.37
CA GLU D 67 -63.13 -41.03 28.52
C GLU D 67 -61.65 -41.34 28.34
N ILE D 68 -60.92 -41.57 29.44
CA ILE D 68 -59.49 -41.80 29.30
C ILE D 68 -59.22 -43.15 28.65
N ILE D 69 -60.14 -44.12 28.81
CA ILE D 69 -59.97 -45.41 28.15
C ILE D 69 -60.03 -45.25 26.64
N VAL D 70 -60.95 -44.40 26.15
CA VAL D 70 -60.95 -44.14 24.71
C VAL D 70 -59.71 -43.35 24.29
N GLU D 71 -59.32 -42.34 25.09
CA GLU D 71 -58.13 -41.56 24.76
C GLU D 71 -56.91 -42.46 24.60
N GLU D 72 -56.66 -43.30 25.60
CA GLU D 72 -55.48 -44.14 25.60
C GLU D 72 -55.59 -45.24 24.55
N ALA D 73 -56.81 -45.70 24.27
CA ALA D 73 -57.04 -46.64 23.18
C ALA D 73 -56.60 -46.04 21.85
N ARG D 74 -57.05 -44.82 21.55
CA ARG D 74 -56.64 -44.15 20.32
C ARG D 74 -55.13 -43.96 20.28
N LYS D 75 -54.53 -43.55 21.40
CA LYS D 75 -53.07 -43.38 21.41
C LYS D 75 -52.37 -44.69 21.08
N ALA D 76 -52.87 -45.81 21.62
CA ALA D 76 -52.21 -47.09 21.42
C ALA D 76 -52.37 -47.57 19.99
N LYS D 77 -53.54 -47.33 19.38
CA LYS D 77 -53.67 -47.67 17.97
C LYS D 77 -52.77 -46.77 17.11
N LEU D 78 -52.53 -45.53 17.52
CA LEU D 78 -51.62 -44.70 16.74
C LEU D 78 -50.17 -45.13 16.93
N ARG D 79 -49.83 -45.75 18.06
CA ARG D 79 -48.48 -46.27 18.22
C ARG D 79 -48.27 -47.57 17.46
N GLY D 80 -49.33 -48.19 16.93
CA GLY D 80 -49.21 -49.44 16.22
C GLY D 80 -49.58 -50.68 17.02
N GLU D 81 -50.14 -50.53 18.21
CA GLU D 81 -50.56 -51.70 18.98
C GLU D 81 -51.81 -52.32 18.35
N SER D 82 -51.99 -53.62 18.60
CA SER D 82 -53.13 -54.37 18.10
C SER D 82 -54.11 -54.55 19.26
N LEU D 83 -55.25 -53.89 19.19
CA LEU D 83 -56.23 -53.95 20.25
C LEU D 83 -57.24 -55.04 19.95
N LYS D 84 -57.86 -55.55 21.01
CA LYS D 84 -58.86 -56.59 20.86
C LYS D 84 -60.05 -56.09 20.04
N THR D 85 -60.50 -56.94 19.13
CA THR D 85 -61.59 -56.62 18.21
C THR D 85 -62.91 -57.19 18.69
N PHE D 86 -63.99 -56.49 18.34
CA PHE D 86 -65.35 -57.00 18.55
C PHE D 86 -65.77 -57.78 17.30
N ALA D 87 -67.07 -58.10 17.22
CA ALA D 87 -67.60 -58.84 16.08
C ALA D 87 -67.43 -58.03 14.79
N ASP D 88 -67.67 -56.71 14.86
CA ASP D 88 -67.54 -55.85 13.69
C ASP D 88 -66.13 -55.83 13.14
N GLY D 89 -65.14 -56.17 13.95
CA GLY D 89 -63.79 -55.79 13.64
C GLY D 89 -63.39 -54.44 14.22
N ARG D 90 -64.28 -53.76 14.96
CA ARG D 90 -63.91 -52.50 15.58
C ARG D 90 -63.16 -52.70 16.88
N THR D 91 -62.37 -51.69 17.24
CA THR D 91 -61.66 -51.63 18.50
C THR D 91 -62.26 -50.53 19.37
N LEU D 92 -61.91 -50.53 20.65
CA LEU D 92 -62.28 -49.38 21.48
C LEU D 92 -61.76 -48.08 20.89
N ALA D 93 -60.67 -48.14 20.11
CA ALA D 93 -60.13 -46.93 19.48
C ALA D 93 -61.11 -46.32 18.48
N ASP D 94 -62.04 -47.10 17.96
CA ASP D 94 -62.97 -46.61 16.94
C ASP D 94 -64.18 -45.88 17.53
N VAL D 95 -64.26 -45.72 18.85
CA VAL D 95 -65.38 -45.02 19.45
C VAL D 95 -65.35 -43.55 19.05
N THR D 96 -66.47 -43.07 18.51
CA THR D 96 -66.63 -41.70 18.04
C THR D 96 -67.15 -40.81 19.15
N PRO D 97 -66.98 -39.49 19.02
CA PRO D 97 -67.50 -38.57 20.06
C PRO D 97 -68.98 -38.75 20.37
N GLU D 98 -69.82 -38.83 19.34
CA GLU D 98 -71.25 -39.03 19.56
C GLU D 98 -71.51 -40.33 20.30
N GLU D 99 -70.84 -41.41 19.88
CA GLU D 99 -70.99 -42.71 20.51
C GLU D 99 -70.60 -42.64 21.98
N LEU D 100 -69.52 -41.92 22.30
CA LEU D 100 -69.10 -41.80 23.68
C LEU D 100 -70.09 -40.98 24.50
N ARG D 101 -70.69 -39.95 23.90
CA ARG D 101 -71.73 -39.20 24.63
C ARG D 101 -72.87 -40.13 25.02
N LYS D 102 -73.31 -40.99 24.10
CA LYS D 102 -74.34 -41.96 24.46
C LYS D 102 -73.85 -42.92 25.55
N ILE D 103 -72.58 -43.37 25.46
CA ILE D 103 -72.01 -44.26 26.46
C ILE D 103 -72.12 -43.65 27.85
N MSE D 104 -71.53 -42.47 28.02
CA MSE D 104 -71.47 -41.79 29.30
C MSE D 104 -72.85 -41.47 29.84
O MSE D 104 -73.08 -41.60 31.04
CB MSE D 104 -70.67 -40.49 29.18
CG MSE D 104 -69.36 -40.68 28.46
SE MSE D 104 -68.04 -39.32 28.90
CE MSE D 104 -68.91 -37.78 28.10
N ILE D 105 -73.77 -41.05 28.97
CA ILE D 105 -75.14 -40.80 29.43
C ILE D 105 -75.72 -42.07 30.03
N ALA D 106 -75.52 -43.22 29.37
CA ALA D 106 -75.93 -44.49 30.00
C ALA D 106 -75.25 -44.69 31.35
N GLN D 107 -73.92 -44.49 31.40
CA GLN D 107 -73.17 -44.61 32.65
C GLN D 107 -73.76 -43.76 33.78
N ALA D 108 -74.32 -42.59 33.46
CA ALA D 108 -74.85 -41.72 34.50
C ALA D 108 -75.98 -42.39 35.27
N PHE D 109 -76.68 -43.32 34.62
CA PHE D 109 -77.83 -43.99 35.22
C PHE D 109 -77.55 -45.42 35.63
N PHE D 110 -76.31 -45.90 35.40
CA PHE D 110 -76.01 -47.32 35.58
C PHE D 110 -76.25 -47.81 36.99
N VAL D 111 -76.21 -46.92 37.98
CA VAL D 111 -76.34 -47.31 39.38
C VAL D 111 -77.50 -46.59 40.06
N THR D 112 -78.14 -45.63 39.40
CA THR D 112 -79.28 -44.92 39.98
C THR D 112 -80.36 -45.86 40.50
N GLY D 113 -80.50 -47.04 39.90
CA GLY D 113 -81.52 -47.99 40.26
C GLY D 113 -81.30 -48.79 41.51
N ARG D 114 -80.29 -48.46 42.32
CA ARG D 114 -80.04 -49.17 43.56
C ARG D 114 -80.97 -48.68 44.66
N ASP D 115 -81.54 -49.62 45.41
CA ASP D 115 -82.31 -49.28 46.61
C ASP D 115 -81.49 -49.30 47.87
N ASP D 116 -80.36 -50.02 47.87
CA ASP D 116 -79.41 -50.02 48.98
C ASP D 116 -78.06 -50.46 48.41
N GLU D 117 -77.15 -50.83 49.30
CA GLU D 117 -75.83 -51.28 48.91
C GLU D 117 -75.68 -52.79 48.92
N GLU D 118 -76.77 -53.53 48.73
CA GLU D 118 -76.66 -54.98 48.72
C GLU D 118 -76.12 -55.47 47.39
N SER D 119 -75.18 -56.41 47.47
CA SER D 119 -74.40 -56.92 46.34
C SER D 119 -74.78 -58.34 45.93
N SER D 120 -74.80 -59.27 46.89
CA SER D 120 -74.93 -60.70 46.60
C SER D 120 -76.26 -61.02 45.92
N LYS D 121 -77.34 -60.42 46.38
CA LYS D 121 -78.68 -60.61 45.88
C LYS D 121 -79.15 -59.26 45.36
N ASN D 122 -80.35 -59.24 44.79
CA ASN D 122 -81.03 -58.05 44.28
C ASN D 122 -80.31 -57.41 43.09
N TYR D 123 -79.38 -58.13 42.48
CA TYR D 123 -78.62 -57.55 41.37
C TYR D 123 -79.54 -57.28 40.18
N GLU D 124 -80.27 -58.31 39.75
CA GLU D 124 -81.22 -58.20 38.64
C GLU D 124 -82.20 -57.06 38.85
N LYS D 125 -82.75 -56.95 40.06
CA LYS D 125 -83.77 -55.95 40.35
C LYS D 125 -83.20 -54.54 40.26
N TYR D 126 -82.07 -54.30 40.92
CA TYR D 126 -81.49 -52.96 40.93
C TYR D 126 -81.18 -52.48 39.52
N HIS D 127 -80.68 -53.37 38.66
CA HIS D 127 -80.41 -52.86 37.31
C HIS D 127 -81.67 -52.71 36.46
N GLU D 128 -82.75 -53.44 36.77
CA GLU D 128 -84.02 -53.13 36.15
C GLU D 128 -84.47 -51.72 36.50
N GLN D 129 -84.31 -51.36 37.78
CA GLN D 129 -84.71 -50.03 38.22
C GLN D 129 -83.82 -48.96 37.59
N SER D 130 -82.53 -49.27 37.39
CA SER D 130 -81.65 -48.34 36.69
C SER D 130 -82.13 -48.10 35.27
N ARG D 131 -82.48 -49.17 34.55
CA ARG D 131 -83.00 -49.02 33.20
C ARG D 131 -84.29 -48.22 33.19
N ASP D 132 -85.19 -48.47 34.14
CA ASP D 132 -86.43 -47.70 34.20
C ASP D 132 -86.13 -46.22 34.39
N ALA D 133 -85.15 -45.91 35.25
CA ALA D 133 -84.73 -44.53 35.43
C ALA D 133 -84.22 -43.93 34.13
N PHE D 134 -83.39 -44.69 33.41
CA PHE D 134 -82.80 -44.17 32.18
C PHE D 134 -83.88 -43.84 31.16
N LEU D 135 -84.81 -44.76 30.93
CA LEU D 135 -85.84 -44.53 29.93
C LEU D 135 -86.81 -43.43 30.37
N LYS D 136 -87.06 -43.30 31.67
CA LYS D 136 -87.83 -42.16 32.16
C LYS D 136 -87.13 -40.84 31.78
N TYR D 137 -85.81 -40.77 32.00
CA TYR D 137 -85.07 -39.58 31.65
C TYR D 137 -85.14 -39.30 30.14
N VAL D 138 -84.96 -40.35 29.33
CA VAL D 138 -85.05 -40.18 27.88
C VAL D 138 -86.41 -39.64 27.48
N GLU D 139 -87.47 -40.23 28.03
CA GLU D 139 -88.82 -39.83 27.63
C GLU D 139 -89.09 -38.37 27.99
N GLU D 140 -88.69 -37.98 29.20
CA GLU D 140 -89.03 -36.65 29.71
C GLU D 140 -88.21 -35.56 29.00
N ASN D 141 -87.09 -35.92 28.34
CA ASN D 141 -86.33 -35.02 27.49
C ASN D 141 -86.24 -35.53 26.04
N LYS D 142 -87.28 -36.26 25.60
CA LYS D 142 -87.32 -36.74 24.21
C LYS D 142 -87.06 -35.64 23.20
N SER D 143 -87.63 -34.45 23.42
CA SER D 143 -87.38 -33.33 22.53
C SER D 143 -85.88 -33.12 22.29
N THR D 144 -85.15 -32.85 23.37
CA THR D 144 -83.73 -32.53 23.28
C THR D 144 -82.85 -33.67 22.77
N LEU D 145 -83.17 -34.87 23.24
CA LEU D 145 -82.36 -36.05 23.06
C LEU D 145 -82.39 -36.70 21.73
N ILE D 146 -83.56 -36.63 21.11
CA ILE D 146 -83.83 -37.37 19.88
C ILE D 146 -84.15 -36.42 18.70
N PRO D 147 -83.55 -36.66 17.55
CA PRO D 147 -82.59 -37.77 17.39
C PRO D 147 -81.15 -37.33 17.62
N ASP D 148 -80.95 -36.06 17.94
CA ASP D 148 -79.64 -35.48 17.96
C ASP D 148 -78.61 -36.25 18.78
N VAL D 149 -79.00 -36.80 19.92
CA VAL D 149 -78.10 -37.56 20.71
C VAL D 149 -78.25 -39.01 20.43
N PHE D 150 -79.45 -39.47 20.53
CA PHE D 150 -79.83 -40.83 20.16
C PHE D 150 -80.52 -40.75 18.81
N LYS D 151 -80.11 -41.62 17.88
CA LYS D 151 -80.64 -41.62 16.53
C LYS D 151 -82.12 -41.93 16.47
N ASP D 152 -82.56 -42.90 17.27
CA ASP D 152 -83.99 -43.24 17.31
C ASP D 152 -84.27 -43.97 18.61
N GLU D 153 -85.49 -44.48 18.72
CA GLU D 153 -85.95 -45.18 19.92
C GLU D 153 -85.23 -46.52 20.13
N LYS D 154 -84.73 -47.13 19.05
CA LYS D 154 -84.01 -48.40 19.17
C LYS D 154 -82.57 -48.20 19.63
N ASP D 155 -81.94 -47.10 19.19
CA ASP D 155 -80.71 -46.63 19.82
C ASP D 155 -80.88 -46.59 21.33
N VAL D 156 -81.92 -45.90 21.77
CA VAL D 156 -82.20 -45.74 23.19
C VAL D 156 -82.39 -47.10 23.84
N LYS D 157 -83.03 -48.03 23.14
CA LYS D 157 -83.19 -49.35 23.74
C LYS D 157 -81.87 -50.12 23.78
N PHE D 158 -80.95 -49.87 22.85
CA PHE D 158 -79.64 -50.51 22.93
C PHE D 158 -78.92 -50.08 24.21
N TYR D 159 -78.85 -48.77 24.46
CA TYR D 159 -78.13 -48.35 25.66
C TYR D 159 -78.90 -48.72 26.92
N ALA D 160 -80.23 -48.69 26.88
CA ALA D 160 -81.03 -49.20 27.98
C ALA D 160 -80.73 -50.67 28.23
N ASP D 161 -80.52 -51.43 27.14
CA ASP D 161 -80.20 -52.85 27.28
C ASP D 161 -78.86 -53.05 27.96
N VAL D 162 -77.87 -52.22 27.61
CA VAL D 162 -76.58 -52.33 28.29
C VAL D 162 -76.74 -52.03 29.78
N ILE D 163 -77.56 -51.03 30.12
CA ILE D 163 -77.77 -50.72 31.53
C ILE D 163 -78.46 -51.88 32.25
N GLU D 164 -79.50 -52.45 31.64
CA GLU D 164 -80.21 -53.56 32.28
C GLU D 164 -79.27 -54.70 32.58
N ASP D 165 -78.41 -55.02 31.64
CA ASP D 165 -77.40 -56.03 31.88
C ASP D 165 -77.98 -57.35 32.25
N LYS D 166 -79.03 -57.77 31.56
CA LYS D 166 -79.68 -59.00 31.92
C LYS D 166 -78.77 -60.15 31.81
N ASP D 167 -78.07 -60.28 30.70
CA ASP D 167 -77.36 -61.52 30.46
C ASP D 167 -75.88 -61.45 30.65
N HIS D 168 -75.43 -60.33 31.18
CA HIS D 168 -74.04 -60.11 31.49
C HIS D 168 -73.16 -60.22 30.28
N LYS D 169 -73.60 -59.64 29.18
CA LYS D 169 -72.80 -59.60 27.99
C LYS D 169 -71.87 -58.42 28.04
N TRP D 170 -70.89 -58.54 28.91
CA TRP D 170 -69.93 -57.53 29.20
C TRP D 170 -68.96 -57.20 28.07
N ALA D 171 -68.73 -58.10 27.16
CA ALA D 171 -67.80 -57.89 26.07
C ALA D 171 -68.39 -57.82 24.67
N ASP D 172 -69.65 -57.52 24.53
CA ASP D 172 -70.31 -57.57 23.23
C ASP D 172 -69.91 -56.41 22.34
N SER D 173 -69.85 -55.20 22.88
CA SER D 173 -69.69 -54.00 22.09
C SER D 173 -68.84 -53.01 22.89
N PRO D 174 -68.41 -51.92 22.27
CA PRO D 174 -67.76 -50.85 23.05
C PRO D 174 -68.62 -50.34 24.20
N ALA D 175 -69.94 -50.24 24.01
CA ALA D 175 -70.79 -49.76 25.09
C ALA D 175 -70.74 -50.68 26.29
N HIS D 176 -70.82 -51.99 26.05
CA HIS D 176 -70.81 -52.96 27.14
C HIS D 176 -69.48 -52.90 27.88
N VAL D 177 -68.37 -52.92 27.13
CA VAL D 177 -67.04 -52.89 27.72
C VAL D 177 -66.84 -51.62 28.54
N LEU D 178 -67.14 -50.47 27.94
CA LEU D 178 -66.89 -49.19 28.61
C LEU D 178 -67.75 -49.03 29.85
N VAL D 179 -69.03 -49.42 29.78
CA VAL D 179 -69.88 -49.21 30.94
C VAL D 179 -69.50 -50.17 32.06
N ASN D 180 -69.28 -51.45 31.73
CA ASN D 180 -69.01 -52.43 32.77
C ASN D 180 -67.62 -52.27 33.36
N GLN D 181 -66.60 -52.11 32.51
CA GLN D 181 -65.25 -51.91 33.03
C GLN D 181 -65.08 -50.52 33.59
N GLY D 182 -65.85 -49.55 33.10
CA GLY D 182 -65.91 -48.25 33.75
C GLY D 182 -66.38 -48.36 35.19
N HIS D 183 -67.39 -49.21 35.44
CA HIS D 183 -67.82 -49.39 36.81
C HIS D 183 -66.82 -50.27 37.57
N MSE D 184 -66.14 -51.17 36.87
CA MSE D 184 -65.19 -52.10 37.47
C MSE D 184 -63.94 -51.41 38.02
O MSE D 184 -63.49 -51.72 39.13
CB MSE D 184 -64.78 -53.15 36.43
CG MSE D 184 -63.99 -54.32 36.96
SE MSE D 184 -63.06 -55.26 35.50
CE MSE D 184 -61.88 -53.83 34.89
N VAL D 185 -63.41 -50.47 37.25
CA VAL D 185 -62.20 -49.76 37.64
C VAL D 185 -62.39 -49.03 38.97
N ASP D 186 -63.61 -48.57 39.24
CA ASP D 186 -63.82 -47.86 40.50
C ASP D 186 -63.64 -48.75 41.72
N LEU D 187 -63.73 -50.03 41.55
CA LEU D 187 -63.68 -50.92 42.67
C LEU D 187 -62.34 -51.04 43.25
N VAL D 188 -61.38 -50.48 42.59
CA VAL D 188 -60.02 -50.82 42.85
C VAL D 188 -59.65 -49.92 43.97
N ARG D 189 -60.56 -49.77 44.89
CA ARG D 189 -60.35 -48.82 45.96
C ARG D 189 -60.47 -49.38 47.30
N VAL D 190 -61.69 -49.81 47.60
CA VAL D 190 -62.07 -50.51 48.80
C VAL D 190 -61.43 -51.88 48.96
N LYS D 191 -61.38 -52.65 47.89
CA LYS D 191 -60.95 -54.01 48.02
C LYS D 191 -59.54 -54.08 48.55
N GLN D 192 -59.35 -54.88 49.60
CA GLN D 192 -58.05 -55.42 50.04
C GLN D 192 -58.11 -56.88 49.57
N PRO D 193 -56.94 -57.51 49.41
CA PRO D 193 -55.64 -56.82 49.36
C PRO D 193 -55.49 -56.14 48.01
N PRO D 194 -54.70 -55.08 47.93
CA PRO D 194 -54.54 -54.27 46.70
C PRO D 194 -53.89 -54.95 45.49
N GLU D 195 -52.83 -55.73 45.69
CA GLU D 195 -52.05 -56.24 44.62
C GLU D 195 -52.89 -57.17 43.84
N SER D 196 -53.69 -57.96 44.51
CA SER D 196 -54.49 -58.95 43.84
C SER D 196 -55.57 -58.41 42.98
N TYR D 197 -56.26 -57.44 43.51
CA TYR D 197 -57.28 -56.76 42.79
C TYR D 197 -56.80 -55.88 41.69
N LEU D 198 -55.82 -55.04 41.96
CA LEU D 198 -55.25 -54.24 40.88
C LEU D 198 -54.74 -55.13 39.75
N GLU D 199 -54.12 -56.27 40.09
CA GLU D 199 -53.65 -57.15 39.02
C GLU D 199 -54.81 -57.74 38.25
N TYR D 200 -55.89 -58.08 38.94
CA TYR D 200 -57.04 -58.68 38.26
C TYR D 200 -57.75 -57.68 37.35
N TYR D 201 -58.17 -56.54 37.90
CA TYR D 201 -58.79 -55.53 37.05
C TYR D 201 -57.88 -55.17 35.88
N PHE D 202 -56.58 -55.03 36.14
CA PHE D 202 -55.61 -54.81 35.07
C PHE D 202 -55.68 -55.90 34.01
N SER D 203 -55.90 -57.16 34.43
CA SER D 203 -56.00 -58.30 33.52
C SER D 203 -57.14 -58.12 32.56
N GLN D 204 -58.21 -57.54 33.08
CA GLN D 204 -59.43 -57.49 32.31
C GLN D 204 -59.48 -56.30 31.41
N LEU D 205 -58.84 -55.20 31.80
CA LEU D 205 -58.79 -54.08 30.89
C LEU D 205 -57.74 -54.29 29.81
N GLN D 206 -56.61 -54.88 30.19
CA GLN D 206 -55.42 -54.95 29.34
C GLN D 206 -55.67 -55.38 27.90
N PRO D 207 -56.42 -56.46 27.61
CA PRO D 207 -56.54 -56.87 26.20
C PRO D 207 -57.15 -55.82 25.28
N TRP D 208 -57.98 -54.92 25.81
CA TRP D 208 -58.74 -54.02 24.96
C TRP D 208 -57.96 -52.79 24.54
N ILE D 209 -56.95 -52.38 25.30
CA ILE D 209 -56.26 -51.12 25.02
C ILE D 209 -54.75 -51.29 25.09
N GLY D 210 -54.27 -52.42 25.61
CA GLY D 210 -52.86 -52.64 25.73
C GLY D 210 -52.30 -52.27 27.10
N SER D 211 -51.08 -52.74 27.36
CA SER D 211 -50.47 -52.56 28.69
C SER D 211 -50.14 -51.10 28.98
N THR D 212 -49.42 -50.44 28.06
CA THR D 212 -49.17 -49.00 28.20
C THR D 212 -50.44 -48.25 28.55
N ALA D 213 -51.50 -48.45 27.77
CA ALA D 213 -52.76 -47.75 28.00
C ALA D 213 -53.35 -48.10 29.36
N THR D 214 -53.37 -49.39 29.71
CA THR D 214 -53.91 -49.80 31.00
C THR D 214 -53.15 -49.15 32.17
N GLU D 215 -51.83 -49.13 32.09
CA GLU D 215 -51.03 -48.44 33.10
C GLU D 215 -51.44 -46.98 33.20
N ALA D 216 -51.62 -46.32 32.06
CA ALA D 216 -52.03 -44.92 32.10
C ALA D 216 -53.41 -44.77 32.73
N VAL D 217 -54.33 -45.68 32.41
CA VAL D 217 -55.68 -45.61 32.97
C VAL D 217 -55.61 -45.67 34.49
N PHE D 218 -54.89 -46.66 35.04
CA PHE D 218 -54.95 -46.81 36.49
C PHE D 218 -54.15 -45.72 37.21
N ALA D 219 -53.08 -45.20 36.59
CA ALA D 219 -52.39 -44.06 37.19
C ALA D 219 -53.29 -42.83 37.23
N THR D 220 -53.93 -42.51 36.10
CA THR D 220 -54.89 -41.43 36.09
C THR D 220 -56.01 -41.70 37.09
N GLN D 221 -56.39 -42.96 37.24
CA GLN D 221 -57.39 -43.35 38.22
C GLN D 221 -57.00 -42.92 39.62
N ARG D 222 -55.75 -43.18 40.03
CA ARG D 222 -55.37 -42.73 41.37
C ARG D 222 -55.35 -41.21 41.46
N GLN D 223 -54.99 -40.52 40.38
CA GLN D 223 -55.12 -39.06 40.44
C GLN D 223 -56.57 -38.63 40.62
N PHE D 224 -57.52 -39.34 39.99
CA PHE D 224 -58.93 -39.02 40.15
C PHE D 224 -59.40 -39.28 41.57
N PHE D 225 -58.95 -40.39 42.17
CA PHE D 225 -59.22 -40.65 43.59
C PHE D 225 -58.78 -39.46 44.44
N HIS D 226 -57.56 -38.97 44.21
CA HIS D 226 -57.10 -37.80 44.96
C HIS D 226 -58.01 -36.61 44.72
N ALA D 227 -58.44 -36.40 43.46
CA ALA D 227 -59.20 -35.20 43.16
C ALA D 227 -60.62 -35.23 43.71
N THR D 228 -61.16 -36.42 43.99
CA THR D 228 -62.49 -36.56 44.57
C THR D 228 -62.44 -37.05 46.01
N TYR D 229 -61.29 -36.94 46.66
CA TYR D 229 -61.15 -37.17 48.10
C TYR D 229 -61.47 -38.61 48.49
N GLU D 230 -60.98 -39.56 47.69
CA GLU D 230 -61.05 -40.98 48.00
C GLU D 230 -59.67 -41.47 48.39
N ALA D 231 -59.61 -42.39 49.34
CA ALA D 231 -58.31 -42.85 49.83
C ALA D 231 -57.60 -43.66 48.76
N VAL D 232 -56.28 -43.56 48.73
CA VAL D 232 -55.44 -44.19 47.72
C VAL D 232 -54.56 -45.21 48.44
N ALA D 233 -54.69 -46.46 48.05
CA ALA D 233 -53.94 -47.53 48.69
C ALA D 233 -52.50 -47.56 48.20
N GLY D 234 -51.66 -48.27 48.93
CA GLY D 234 -50.34 -48.63 48.46
C GLY D 234 -50.39 -49.87 47.60
N PHE D 235 -49.19 -50.34 47.25
CA PHE D 235 -49.01 -51.56 46.46
C PHE D 235 -47.60 -52.06 46.78
N ASP D 236 -47.49 -53.33 47.22
CA ASP D 236 -46.20 -53.88 47.62
C ASP D 236 -46.01 -55.22 46.93
N SER D 237 -45.06 -55.27 45.99
CA SER D 237 -44.79 -56.50 45.26
C SER D 237 -44.30 -57.60 46.18
N GLU D 238 -43.67 -57.23 47.30
CA GLU D 238 -43.11 -58.17 48.27
C GLU D 238 -44.05 -58.46 49.46
N ASN D 239 -45.30 -57.97 49.42
CA ASN D 239 -46.23 -58.22 50.52
C ASN D 239 -46.41 -59.70 50.78
N LYS D 240 -46.47 -60.07 52.06
CA LYS D 240 -46.52 -61.47 52.46
C LYS D 240 -47.91 -61.94 52.90
N GLU D 241 -48.95 -61.15 52.64
CA GLU D 241 -50.32 -61.60 52.81
C GLU D 241 -50.65 -62.68 51.77
N PRO D 242 -51.72 -63.45 51.98
CA PRO D 242 -52.09 -64.47 50.98
C PRO D 242 -52.82 -63.86 49.79
N HIS D 243 -52.48 -64.37 48.60
CA HIS D 243 -53.14 -63.94 47.37
C HIS D 243 -54.62 -64.29 47.40
N LEU D 244 -55.43 -63.39 46.84
CA LEU D 244 -56.88 -63.59 46.73
C LEU D 244 -57.23 -63.74 45.26
N VAL D 245 -57.75 -64.91 44.89
CA VAL D 245 -58.22 -65.15 43.54
C VAL D 245 -59.57 -64.45 43.39
N VAL D 246 -59.62 -63.42 42.55
CA VAL D 246 -60.74 -62.48 42.61
C VAL D 246 -62.02 -63.11 42.07
N ASP D 247 -61.94 -63.89 41.00
CA ASP D 247 -63.12 -64.57 40.47
C ASP D 247 -63.50 -65.77 41.34
N GLY D 248 -64.48 -65.57 42.23
CA GLY D 248 -64.87 -66.60 43.15
C GLY D 248 -64.30 -66.41 44.53
N LEU D 249 -63.52 -65.35 44.72
CA LEU D 249 -62.87 -65.02 45.97
C LEU D 249 -62.18 -66.25 46.57
N GLY D 250 -61.36 -66.92 45.76
CA GLY D 250 -60.68 -68.13 46.17
C GLY D 250 -59.21 -67.90 46.48
N ARG D 251 -58.48 -69.02 46.59
CA ARG D 251 -57.07 -68.99 46.96
C ARG D 251 -56.34 -70.08 46.17
N TYR D 252 -55.00 -70.01 46.19
CA TYR D 252 -54.14 -71.01 45.60
C TYR D 252 -53.25 -71.59 46.69
N VAL D 253 -52.88 -72.85 46.53
CA VAL D 253 -52.02 -73.52 47.52
C VAL D 253 -50.87 -74.25 46.84
N ILE D 254 -50.09 -74.98 47.63
CA ILE D 254 -48.95 -75.72 47.11
C ILE D 254 -48.89 -77.13 47.69
N GLY D 255 -49.22 -77.25 48.98
CA GLY D 255 -49.20 -78.53 49.65
C GLY D 255 -47.82 -79.13 49.72
N GLN D 256 -47.76 -80.45 49.84
CA GLN D 256 -46.48 -81.17 49.93
C GLN D 256 -45.50 -80.64 48.88
N ASP D 257 -45.82 -80.87 47.60
CA ASP D 257 -44.97 -80.43 46.51
C ASP D 257 -44.61 -78.95 46.66
N GLY D 258 -43.31 -78.67 46.63
CA GLY D 258 -42.83 -77.31 46.76
C GLY D 258 -43.59 -76.33 45.89
N ASN D 259 -43.93 -76.78 44.68
CA ASN D 259 -44.66 -75.95 43.74
C ASN D 259 -46.05 -75.61 44.26
N PRO D 260 -46.75 -74.71 43.58
CA PRO D 260 -48.17 -74.51 43.84
C PRO D 260 -48.99 -75.56 43.10
N ILE D 261 -50.13 -75.85 43.71
CA ILE D 261 -51.07 -76.83 43.20
C ILE D 261 -51.78 -76.38 41.93
N ARG D 262 -51.48 -77.07 40.84
CA ARG D 262 -52.04 -76.76 39.53
C ARG D 262 -52.89 -77.92 39.02
N GLU D 263 -53.93 -77.59 38.24
CA GLU D 263 -54.75 -78.59 37.56
C GLU D 263 -53.89 -79.49 36.69
N LEU D 276 -53.26 -73.03 37.01
CA LEU D 276 -53.35 -73.01 38.46
C LEU D 276 -54.66 -73.69 38.90
N LYS D 277 -54.64 -74.41 40.01
CA LYS D 277 -55.83 -75.08 40.52
C LYS D 277 -56.54 -74.15 41.48
N PHE D 278 -57.83 -73.94 41.20
CA PHE D 278 -58.65 -73.05 42.01
C PHE D 278 -59.01 -73.75 43.30
N PHE D 279 -58.98 -73.01 44.40
CA PHE D 279 -59.34 -73.57 45.69
C PHE D 279 -60.31 -72.63 46.36
N SER D 280 -61.39 -73.18 46.90
CA SER D 280 -62.31 -72.38 47.69
C SER D 280 -61.66 -72.06 49.04
N GLN D 281 -62.14 -71.00 49.69
CA GLN D 281 -61.64 -70.71 51.03
C GLN D 281 -62.22 -71.65 52.08
N LYS D 282 -63.36 -72.29 51.79
CA LYS D 282 -63.96 -73.22 52.74
C LYS D 282 -63.26 -74.58 52.76
N LYS D 283 -62.46 -74.89 51.75
CA LYS D 283 -61.80 -76.19 51.67
C LYS D 283 -60.50 -76.16 52.46
N LYS D 284 -60.42 -76.98 53.51
CA LYS D 284 -59.27 -77.11 54.38
C LYS D 284 -58.46 -78.34 53.99
N LEU D 285 -57.15 -78.19 53.74
CA LEU D 285 -56.40 -79.38 53.33
C LEU D 285 -55.14 -79.68 54.18
N GLU D 286 -54.25 -80.51 53.62
CA GLU D 286 -53.31 -81.43 54.29
C GLU D 286 -52.12 -80.79 55.01
N GLU D 287 -51.23 -81.60 55.57
CA GLU D 287 -50.16 -81.07 56.41
C GLU D 287 -49.21 -80.19 55.62
N ASN D 288 -48.82 -79.06 56.21
CA ASN D 288 -47.75 -78.27 55.64
C ASN D 288 -48.13 -77.82 54.24
N GLN D 289 -49.42 -77.69 54.02
CA GLN D 289 -49.99 -77.11 52.83
C GLN D 289 -50.50 -75.76 53.28
N ARG D 290 -50.20 -74.68 52.54
CA ARG D 290 -50.66 -73.35 52.93
C ARG D 290 -51.08 -72.59 51.68
N TYR D 291 -51.63 -71.40 51.87
CA TYR D 291 -52.04 -70.60 50.72
C TYR D 291 -50.85 -69.95 50.04
N MSE D 292 -51.01 -69.67 48.75
CA MSE D 292 -50.02 -68.89 48.01
C MSE D 292 -50.10 -67.43 48.44
O MSE D 292 -51.18 -66.88 48.60
CB MSE D 292 -50.25 -69.02 46.51
CG MSE D 292 -49.32 -68.17 45.67
SE MSE D 292 -49.58 -68.44 43.77
CE MSE D 292 -48.09 -69.63 43.41
N ARG D 293 -48.94 -66.81 48.65
CA ARG D 293 -48.89 -65.44 49.09
C ARG D 293 -48.96 -64.49 47.90
N VAL D 294 -49.28 -63.23 48.20
CA VAL D 294 -49.31 -62.20 47.17
C VAL D 294 -47.99 -62.13 46.42
N ASP D 295 -46.88 -62.03 47.15
CA ASP D 295 -45.57 -61.90 46.53
C ASP D 295 -45.30 -63.03 45.54
N GLU D 296 -45.54 -64.28 45.93
CA GLU D 296 -45.21 -65.38 45.02
C GLU D 296 -46.19 -65.44 43.85
N TYR D 297 -47.42 -64.96 44.02
CA TYR D 297 -48.31 -64.86 42.87
C TYR D 297 -47.75 -63.89 41.85
N LEU D 298 -47.31 -62.70 42.30
CA LEU D 298 -46.80 -61.72 41.35
C LEU D 298 -45.44 -62.11 40.77
N LYS D 299 -44.75 -63.09 41.35
CA LYS D 299 -43.49 -63.57 40.82
C LYS D 299 -43.63 -64.74 39.88
N LEU D 300 -44.86 -65.22 39.61
CA LEU D 300 -45.03 -66.25 38.60
C LEU D 300 -44.87 -65.65 37.21
N ASP D 301 -44.31 -66.43 36.30
CA ASP D 301 -44.01 -65.91 34.96
C ASP D 301 -45.29 -65.53 34.22
N GLU D 302 -46.35 -66.32 34.36
CA GLU D 302 -47.62 -66.00 33.72
C GLU D 302 -48.11 -64.62 34.14
N VAL D 303 -47.81 -64.21 35.37
CA VAL D 303 -48.28 -62.93 35.88
C VAL D 303 -47.38 -61.79 35.41
N GLN D 304 -46.06 -62.01 35.44
CA GLN D 304 -45.12 -60.99 34.98
C GLN D 304 -45.31 -60.68 33.50
N LYS D 305 -45.62 -61.70 32.70
CA LYS D 305 -45.80 -61.51 31.27
C LYS D 305 -47.03 -60.66 30.95
N ARG D 306 -47.96 -60.52 31.89
CA ARG D 306 -49.19 -59.76 31.66
C ARG D 306 -49.37 -58.63 32.66
N PHE D 307 -48.48 -58.49 33.63
CA PHE D 307 -48.59 -57.49 34.67
C PHE D 307 -47.20 -57.00 35.05
N PRO D 308 -46.91 -55.72 34.83
CA PRO D 308 -45.57 -55.20 35.13
C PRO D 308 -45.40 -54.81 36.59
N GLY D 309 -46.25 -55.34 37.47
CA GLY D 309 -46.19 -55.02 38.89
C GLY D 309 -45.09 -55.70 39.67
N ALA D 310 -44.43 -56.70 39.10
CA ALA D 310 -43.40 -57.43 39.84
C ALA D 310 -42.29 -56.49 40.31
N GLY D 311 -41.87 -56.68 41.57
CA GLY D 311 -40.76 -55.93 42.12
C GLY D 311 -41.02 -54.45 42.35
N LYS D 312 -42.22 -53.97 42.11
CA LYS D 312 -42.53 -52.55 42.21
C LYS D 312 -43.35 -52.27 43.47
N LYS D 313 -43.30 -51.02 43.93
CA LYS D 313 -44.10 -50.61 45.06
C LYS D 313 -44.57 -49.18 44.84
N LEU D 314 -45.77 -48.85 45.32
CA LEU D 314 -46.29 -47.49 45.20
C LEU D 314 -46.79 -47.04 46.57
N ASP D 315 -46.54 -45.79 46.91
CA ASP D 315 -46.93 -45.29 48.22
C ASP D 315 -48.41 -44.94 48.26
N GLY D 316 -49.04 -45.18 49.40
CA GLY D 316 -50.40 -44.76 49.60
C GLY D 316 -50.50 -43.32 50.05
N GLY D 317 -51.73 -42.83 50.11
CA GLY D 317 -51.89 -41.46 50.56
C GLY D 317 -51.35 -40.47 49.55
N LEU D 318 -51.15 -39.25 50.03
CA LEU D 318 -50.61 -38.19 49.19
C LEU D 318 -49.17 -37.88 49.58
N PRO D 319 -48.28 -37.71 48.61
CA PRO D 319 -46.91 -37.32 48.94
C PRO D 319 -46.87 -35.89 49.47
N GLY D 320 -46.12 -35.69 50.54
CA GLY D 320 -46.07 -34.41 51.22
C GLY D 320 -47.10 -34.23 52.31
N LEU D 321 -47.93 -35.25 52.53
CA LEU D 321 -49.00 -35.15 53.51
C LEU D 321 -48.81 -36.15 54.65
N LYS D 322 -48.91 -35.66 55.87
CA LYS D 322 -48.82 -36.50 57.05
C LYS D 322 -50.05 -37.38 57.14
N GLU D 323 -49.93 -38.51 57.85
CA GLU D 323 -51.04 -39.44 57.95
C GLU D 323 -52.20 -38.72 58.61
N TYR D 324 -51.89 -37.90 59.61
CA TYR D 324 -52.91 -37.05 60.23
C TYR D 324 -53.45 -36.01 59.25
N GLN D 325 -52.57 -35.40 58.45
CA GLN D 325 -53.03 -34.40 57.47
C GLN D 325 -53.83 -35.04 56.33
N TYR D 326 -53.37 -36.20 55.83
CA TYR D 326 -54.09 -36.89 54.76
C TYR D 326 -55.47 -37.32 55.23
N LEU D 327 -55.55 -37.93 56.42
CA LEU D 327 -56.85 -38.34 56.95
C LEU D 327 -57.74 -37.13 57.19
N GLN D 328 -57.15 -36.01 57.63
CA GLN D 328 -57.92 -34.77 57.79
C GLN D 328 -58.50 -34.31 56.46
N ARG D 329 -57.72 -34.41 55.39
CA ARG D 329 -58.19 -34.03 54.06
C ARG D 329 -59.30 -34.96 53.59
N LEU D 330 -59.22 -36.25 53.93
CA LEU D 330 -60.27 -37.20 53.54
C LEU D 330 -61.63 -36.95 54.19
N ASN D 331 -61.68 -36.29 55.35
CA ASN D 331 -62.95 -35.98 56.01
C ASN D 331 -63.33 -34.52 55.80
N SER D 332 -62.69 -33.84 54.84
CA SER D 332 -63.05 -32.48 54.49
C SER D 332 -64.46 -32.43 53.89
N ILE D 333 -65.04 -31.24 53.92
CA ILE D 333 -66.34 -31.01 53.31
C ILE D 333 -66.27 -31.13 51.80
N ASN D 334 -65.08 -30.99 51.22
CA ASN D 334 -64.93 -31.11 49.78
C ASN D 334 -65.30 -32.50 49.30
N ARG D 335 -65.18 -33.50 50.16
CA ARG D 335 -65.65 -34.84 49.81
C ARG D 335 -67.16 -34.82 49.55
N ALA D 336 -67.91 -34.21 50.46
CA ALA D 336 -69.36 -34.12 50.28
C ALA D 336 -69.71 -33.20 49.11
N ARG D 337 -68.90 -32.18 48.86
CA ARG D 337 -69.10 -31.35 47.67
C ARG D 337 -68.95 -32.19 46.41
N CYS D 338 -67.97 -33.09 46.39
CA CYS D 338 -67.81 -34.00 45.25
C CYS D 338 -68.99 -34.94 45.13
N GLU D 339 -69.53 -35.41 46.26
CA GLU D 339 -70.65 -36.34 46.24
C GLU D 339 -72.01 -35.67 46.04
N ASN D 340 -72.10 -34.34 46.11
CA ASN D 340 -73.38 -33.65 45.97
C ASN D 340 -73.42 -32.53 44.94
N ASP D 341 -72.27 -32.05 44.45
CA ASP D 341 -72.23 -30.90 43.53
C ASP D 341 -71.63 -31.35 42.20
N VAL D 342 -72.48 -31.48 41.18
CA VAL D 342 -72.03 -31.95 39.88
C VAL D 342 -70.92 -31.06 39.32
N ASP D 343 -71.13 -29.74 39.37
CA ASP D 343 -70.16 -28.83 38.75
C ASP D 343 -68.83 -28.86 39.48
N PHE D 344 -68.88 -28.95 40.81
CA PHE D 344 -67.65 -28.96 41.60
C PHE D 344 -66.85 -30.24 41.34
N CYS D 345 -67.54 -31.40 41.34
CA CYS D 345 -66.86 -32.67 41.13
C CYS D 345 -66.27 -32.76 39.73
N LEU D 346 -67.04 -32.35 38.71
CA LEU D 346 -66.50 -32.30 37.36
C LEU D 346 -65.30 -31.36 37.26
N GLY D 347 -65.32 -30.27 38.03
CA GLY D 347 -64.16 -29.38 38.03
C GLY D 347 -62.92 -30.04 38.59
N GLN D 348 -63.07 -30.75 39.72
CA GLN D 348 -61.95 -31.51 40.28
C GLN D 348 -61.40 -32.51 39.26
N LEU D 349 -62.28 -33.35 38.71
CA LEU D 349 -61.84 -34.35 37.76
C LEU D 349 -61.17 -33.70 36.55
N GLN D 350 -61.73 -32.60 36.05
CA GLN D 350 -61.15 -31.92 34.90
C GLN D 350 -59.75 -31.42 35.20
N THR D 351 -59.52 -30.85 36.38
CA THR D 351 -58.18 -30.37 36.70
C THR D 351 -57.19 -31.53 36.77
N ALA D 352 -57.60 -32.65 37.38
CA ALA D 352 -56.72 -33.81 37.41
C ALA D 352 -56.41 -34.31 36.00
N HIS D 353 -57.45 -34.45 35.17
CA HIS D 353 -57.29 -34.92 33.80
C HIS D 353 -56.32 -34.04 33.01
N HIS D 354 -56.47 -32.71 33.16
CA HIS D 354 -55.56 -31.81 32.46
C HIS D 354 -54.14 -31.97 32.99
N GLN D 355 -53.99 -32.19 34.29
CA GLN D 355 -52.65 -32.32 34.83
C GLN D 355 -51.96 -33.59 34.36
N THR D 356 -52.73 -34.68 34.16
CA THR D 356 -52.09 -35.90 33.68
C THR D 356 -51.54 -35.79 32.27
N LYS D 357 -51.88 -34.73 31.52
CA LYS D 357 -51.27 -34.56 30.21
C LYS D 357 -49.98 -33.76 30.27
N ILE D 358 -49.65 -33.17 31.41
CA ILE D 358 -48.47 -32.34 31.55
C ILE D 358 -47.35 -33.06 32.30
N THR D 359 -47.65 -33.73 33.43
CA THR D 359 -46.58 -34.34 34.20
C THR D 359 -45.72 -35.35 33.43
N PRO D 360 -46.24 -36.15 32.48
CA PRO D 360 -45.32 -36.99 31.69
C PRO D 360 -44.32 -36.18 30.90
N ILE D 361 -44.78 -35.09 30.29
CA ILE D 361 -43.92 -34.22 29.48
C ILE D 361 -42.72 -33.76 30.31
N LYS D 362 -42.98 -33.19 31.48
CA LYS D 362 -41.86 -32.67 32.25
C LYS D 362 -41.08 -33.79 32.93
N ARG D 363 -41.69 -34.96 33.10
CA ARG D 363 -40.92 -36.11 33.56
C ARG D 363 -39.89 -36.53 32.51
N ALA D 364 -40.15 -36.25 31.23
CA ALA D 364 -39.27 -36.72 30.17
C ALA D 364 -38.03 -35.87 29.94
N PHE D 365 -37.96 -34.64 30.47
CA PHE D 365 -36.82 -33.76 30.21
C PHE D 365 -36.21 -33.29 31.53
N GLN D 366 -34.95 -32.86 31.47
CA GLN D 366 -34.34 -32.32 32.68
C GLN D 366 -35.06 -31.04 33.10
N SER D 367 -35.21 -30.86 34.40
CA SER D 367 -35.90 -29.68 34.88
C SER D 367 -34.93 -28.51 35.03
N SER D 368 -35.51 -27.32 35.20
CA SER D 368 -34.75 -26.11 35.50
C SER D 368 -35.47 -25.35 36.61
N SER D 369 -34.68 -24.75 37.50
CA SER D 369 -35.26 -23.96 38.58
C SER D 369 -35.38 -22.50 38.20
N GLU D 370 -34.65 -22.04 37.18
CA GLU D 370 -34.68 -20.66 36.75
C GLU D 370 -35.74 -20.50 35.66
N LYS D 371 -36.69 -19.59 35.89
CA LYS D 371 -37.73 -19.31 34.90
C LYS D 371 -37.33 -18.20 33.92
N ALA D 372 -36.37 -17.35 34.30
CA ALA D 372 -35.91 -16.24 33.48
C ALA D 372 -35.01 -16.72 32.35
N ARG D 373 -34.90 -15.87 31.32
CA ARG D 373 -33.91 -16.09 30.27
C ARG D 373 -32.50 -16.13 30.86
N ARG D 374 -31.63 -16.91 30.24
CA ARG D 374 -30.24 -16.93 30.69
C ARG D 374 -29.58 -15.56 30.49
N GLN D 375 -28.39 -15.42 31.07
CA GLN D 375 -27.59 -14.23 30.87
C GLN D 375 -26.89 -14.29 29.51
N PRO D 376 -26.40 -13.16 29.00
CA PRO D 376 -25.89 -13.14 27.62
C PRO D 376 -24.64 -13.98 27.43
N ASN D 377 -24.56 -14.62 26.27
CA ASN D 377 -23.31 -15.20 25.80
C ASN D 377 -22.52 -14.15 25.02
N MSE D 378 -21.27 -14.46 24.70
CA MSE D 378 -20.32 -13.49 24.17
C MSE D 378 -20.79 -12.84 22.87
O MSE D 378 -20.61 -11.62 22.64
CB MSE D 378 -18.96 -14.16 23.97
CG MSE D 378 -17.76 -13.22 23.87
SE MSE D 378 -17.67 -11.75 25.16
CE MSE D 378 -17.49 -10.31 23.86
N ASP D 379 -21.41 -13.63 22.00
CA ASP D 379 -21.82 -13.13 20.70
C ASP D 379 -23.07 -12.27 20.79
N GLU D 380 -23.91 -12.49 21.80
CA GLU D 380 -25.04 -11.59 22.01
C GLU D 380 -24.57 -10.23 22.50
N ILE D 381 -23.56 -10.21 23.37
CA ILE D 381 -22.97 -8.95 23.81
C ILE D 381 -22.36 -8.21 22.62
N ALA D 382 -21.54 -8.90 21.84
CA ALA D 382 -20.93 -8.27 20.68
C ALA D 382 -21.99 -7.77 19.69
N ALA D 383 -23.02 -8.59 19.42
CA ALA D 383 -24.07 -8.16 18.51
C ALA D 383 -24.78 -6.92 19.04
N ALA D 384 -25.04 -6.89 20.34
CA ALA D 384 -25.64 -5.70 20.94
C ALA D 384 -24.79 -4.46 20.69
N ARG D 385 -23.46 -4.61 20.79
CA ARG D 385 -22.59 -3.47 20.53
C ARG D 385 -22.67 -3.03 19.07
N ILE D 386 -22.65 -3.99 18.15
CA ILE D 386 -22.71 -3.67 16.72
C ILE D 386 -24.01 -2.95 16.38
N VAL D 387 -25.11 -3.34 17.03
CA VAL D 387 -26.39 -2.69 16.77
C VAL D 387 -26.38 -1.28 17.36
N GLN D 388 -25.77 -1.10 18.54
CA GLN D 388 -25.68 0.25 19.09
C GLN D 388 -24.85 1.16 18.20
N GLN D 389 -23.80 0.63 17.57
CA GLN D 389 -22.95 1.47 16.73
C GLN D 389 -23.65 1.81 15.41
N ILE D 390 -24.25 0.82 14.76
CA ILE D 390 -25.05 1.11 13.57
C ILE D 390 -26.11 2.16 13.90
N MSE D 391 -26.81 1.98 15.01
CA MSE D 391 -27.84 2.93 15.44
C MSE D 391 -27.25 4.32 15.64
O MSE D 391 -27.90 5.33 15.36
CB MSE D 391 -28.52 2.48 16.74
CG MSE D 391 -29.40 1.25 16.61
SE MSE D 391 -30.74 1.42 15.21
CE MSE D 391 -31.97 2.62 16.13
N ALA D 392 -26.01 4.35 16.12
CA ALA D 392 -25.37 5.62 16.42
C ALA D 392 -24.94 6.36 15.16
N ASN D 393 -24.62 5.64 14.09
CA ASN D 393 -24.16 6.28 12.86
C ASN D 393 -24.84 5.62 11.67
N PRO D 394 -26.04 6.09 11.29
CA PRO D 394 -26.74 5.46 10.15
C PRO D 394 -26.11 5.78 8.80
N ASP D 395 -25.14 6.70 8.74
CA ASP D 395 -24.43 6.97 7.49
C ASP D 395 -23.77 5.73 6.93
N CYS D 396 -23.55 4.71 7.77
CA CYS D 396 -22.86 3.49 7.38
C CYS D 396 -23.76 2.52 6.63
N ILE D 397 -25.04 2.80 6.50
CA ILE D 397 -25.95 1.89 5.82
C ILE D 397 -26.02 2.27 4.35
N HIS D 398 -25.56 1.37 3.50
CA HIS D 398 -25.72 1.53 2.06
C HIS D 398 -26.82 0.58 1.60
N ASP D 399 -27.11 0.58 0.31
CA ASP D 399 -28.08 -0.39 -0.19
C ASP D 399 -27.60 -1.83 -0.12
N ASP D 400 -26.37 -2.04 -0.58
CA ASP D 400 -25.75 -3.37 -0.60
C ASP D 400 -25.37 -4.01 0.73
N HIS D 401 -24.79 -3.20 1.62
CA HIS D 401 -24.08 -3.71 2.78
C HIS D 401 -23.95 -2.66 3.87
N VAL D 402 -23.59 -3.07 5.08
CA VAL D 402 -23.27 -2.08 6.12
C VAL D 402 -21.76 -1.93 6.16
N PHE D 403 -21.27 -0.69 6.17
CA PHE D 403 -19.83 -0.42 6.24
C PHE D 403 -19.53 0.37 7.51
N LEU D 404 -18.95 -0.30 8.50
CA LEU D 404 -18.72 0.29 9.81
C LEU D 404 -17.30 0.00 10.25
N ASN D 405 -16.58 1.04 10.65
CA ASN D 405 -15.18 0.96 11.09
C ASN D 405 -14.35 0.05 10.19
N GLY D 406 -14.52 0.26 8.89
CA GLY D 406 -13.73 -0.40 7.88
C GLY D 406 -14.10 -1.83 7.57
N GLN D 407 -15.14 -2.35 8.20
CA GLN D 407 -15.57 -3.71 7.98
C GLN D 407 -16.95 -3.72 7.33
N LYS D 408 -17.21 -4.78 6.59
CA LYS D 408 -18.37 -4.82 5.71
C LYS D 408 -19.24 -6.01 6.12
N LEU D 409 -20.43 -5.72 6.65
CA LEU D 409 -21.41 -6.73 7.07
C LEU D 409 -22.54 -6.77 6.05
N GLU D 410 -22.73 -7.92 5.40
CA GLU D 410 -23.79 -8.03 4.42
C GLU D 410 -24.93 -8.86 4.97
N GLU D 411 -25.93 -9.11 4.11
CA GLU D 411 -27.19 -9.75 4.46
C GLU D 411 -26.97 -10.98 5.34
N LYS D 412 -25.96 -11.78 4.98
CA LYS D 412 -25.70 -13.04 5.67
C LYS D 412 -25.40 -12.84 7.15
N PHE D 413 -24.65 -11.78 7.49
CA PHE D 413 -24.30 -11.55 8.87
C PHE D 413 -25.53 -11.25 9.73
N PHE D 414 -26.44 -10.44 9.20
CA PHE D 414 -27.62 -10.07 9.98
C PHE D 414 -28.65 -11.19 10.05
N ARG D 415 -28.78 -11.99 8.99
CA ARG D 415 -29.63 -13.18 9.12
C ARG D 415 -29.02 -14.16 10.11
N ASP D 416 -27.68 -14.17 10.23
CA ASP D 416 -27.04 -15.00 11.24
C ASP D 416 -27.35 -14.50 12.64
N LEU D 417 -27.40 -13.17 12.83
CA LEU D 417 -27.80 -12.64 14.14
C LEU D 417 -29.24 -13.00 14.46
N LEU D 418 -30.16 -12.80 13.51
CA LEU D 418 -31.55 -13.19 13.76
C LEU D 418 -31.68 -14.69 14.03
N ALA D 419 -30.76 -15.51 13.52
CA ALA D 419 -30.91 -16.95 13.67
C ALA D 419 -30.25 -17.51 14.92
N LYS D 420 -29.18 -16.88 15.40
CA LYS D 420 -28.39 -17.45 16.49
C LYS D 420 -28.46 -16.70 17.81
N CYS D 421 -28.82 -15.43 17.80
CA CYS D 421 -28.90 -14.65 19.04
C CYS D 421 -30.32 -14.69 19.60
N ASP D 422 -30.42 -14.72 20.93
CA ASP D 422 -31.68 -14.38 21.58
C ASP D 422 -31.84 -12.87 21.48
N MSE D 423 -32.64 -12.44 20.51
CA MSE D 423 -32.76 -11.00 20.23
C MSE D 423 -33.41 -10.25 21.39
O MSE D 423 -33.25 -9.03 21.50
CB MSE D 423 -33.56 -10.78 18.95
CG MSE D 423 -32.74 -10.92 17.67
SE MSE D 423 -30.99 -10.02 17.72
CE MSE D 423 -30.72 -9.78 15.80
N ALA D 424 -34.12 -10.97 22.26
CA ALA D 424 -34.61 -10.36 23.48
C ALA D 424 -33.47 -10.08 24.44
N ILE D 425 -32.57 -11.07 24.62
CA ILE D 425 -31.39 -10.85 25.45
C ILE D 425 -30.54 -9.73 24.88
N VAL D 426 -30.40 -9.68 23.56
CA VAL D 426 -29.69 -8.57 22.92
C VAL D 426 -30.38 -7.26 23.27
N GLY D 427 -31.71 -7.23 23.15
CA GLY D 427 -32.46 -6.02 23.46
C GLY D 427 -32.27 -5.58 24.90
N SER D 428 -32.00 -6.53 25.80
CA SER D 428 -31.78 -6.17 27.19
C SER D 428 -30.43 -5.48 27.40
N LEU D 429 -29.56 -5.49 26.40
CA LEU D 429 -28.26 -4.85 26.48
C LEU D 429 -28.23 -3.49 25.81
N LEU D 430 -29.32 -3.07 25.18
CA LEU D 430 -29.42 -1.75 24.59
C LEU D 430 -29.99 -0.78 25.63
N ASN D 431 -29.89 0.51 25.33
CA ASN D 431 -30.26 1.54 26.29
C ASN D 431 -31.14 2.59 25.63
N ASP D 432 -31.53 3.59 26.43
CA ASP D 432 -32.44 4.63 25.97
C ASP D 432 -31.86 5.48 24.86
N THR D 433 -30.53 5.53 24.73
CA THR D 433 -29.94 6.28 23.63
C THR D 433 -30.12 5.55 22.31
N ASP D 434 -30.03 4.22 22.34
CA ASP D 434 -30.34 3.41 21.16
C ASP D 434 -31.80 3.58 20.76
N ILE D 435 -32.70 3.57 21.75
CA ILE D 435 -34.11 3.87 21.47
C ILE D 435 -34.25 5.22 20.79
N ARG D 436 -33.62 6.25 21.37
CA ARG D 436 -33.76 7.61 20.84
C ARG D 436 -33.20 7.72 19.43
N ASN D 437 -32.17 6.94 19.10
CA ASN D 437 -31.55 6.97 17.78
C ASN D 437 -32.40 6.29 16.69
N ILE D 438 -33.52 5.68 17.08
CA ILE D 438 -34.45 5.17 16.08
C ILE D 438 -34.88 6.27 15.12
N ASP D 439 -35.18 7.46 15.65
CA ASP D 439 -35.61 8.56 14.81
C ASP D 439 -34.55 8.93 13.77
N THR D 440 -33.29 8.98 14.18
CA THR D 440 -32.24 9.32 13.22
C THR D 440 -32.09 8.24 12.16
N LEU D 441 -32.12 6.99 12.53
CA LEU D 441 -32.03 5.96 11.53
C LEU D 441 -33.16 5.99 10.58
N MSE D 442 -34.33 6.34 11.09
CA MSE D 442 -35.50 6.50 10.26
C MSE D 442 -35.22 7.61 9.30
O MSE D 442 -35.64 7.51 8.12
CB MSE D 442 -36.70 6.86 11.12
CG MSE D 442 -37.24 5.63 11.85
SE MSE D 442 -37.51 4.16 10.56
CE MSE D 442 -38.49 2.94 11.74
N GLN D 443 -34.56 8.66 9.75
CA GLN D 443 -34.35 9.82 8.89
C GLN D 443 -33.66 9.33 7.69
N HIS D 444 -32.65 8.57 7.98
CA HIS D 444 -31.71 8.20 7.02
C HIS D 444 -32.33 7.25 6.08
N GLU D 445 -33.47 6.71 6.41
CA GLU D 445 -34.03 5.70 5.57
C GLU D 445 -35.37 6.19 5.18
N ARG D 446 -35.46 7.47 4.92
CA ARG D 446 -36.71 8.10 4.69
C ARG D 446 -37.43 7.51 3.55
N ASN D 447 -36.70 7.20 2.50
CA ASN D 447 -37.30 6.70 1.30
C ASN D 447 -37.06 5.26 1.06
N THR D 448 -36.43 4.55 1.96
CA THR D 448 -36.34 3.10 1.82
C THR D 448 -37.73 2.47 1.76
N GLU D 449 -37.90 1.58 0.80
CA GLU D 449 -39.20 0.99 0.52
C GLU D 449 -39.28 -0.40 1.16
N PHE D 450 -40.29 -0.62 1.97
CA PHE D 450 -40.59 -1.93 2.50
C PHE D 450 -41.66 -2.57 1.61
N HIS D 451 -41.64 -3.90 1.56
CA HIS D 451 -42.59 -4.66 0.76
C HIS D 451 -43.31 -5.64 1.67
N SER D 452 -44.63 -5.49 1.75
CA SER D 452 -45.45 -6.50 2.39
C SER D 452 -45.24 -7.84 1.67
N THR D 453 -45.51 -8.92 2.40
CA THR D 453 -45.46 -10.22 1.76
C THR D 453 -46.66 -10.46 0.86
N ASP D 454 -47.66 -9.58 0.93
CA ASP D 454 -48.78 -9.58 0.00
C ASP D 454 -48.32 -8.80 -1.23
N ALA D 455 -48.20 -9.48 -2.37
CA ALA D 455 -47.63 -8.86 -3.55
C ALA D 455 -48.56 -7.87 -4.21
N LYS D 456 -49.84 -7.85 -3.83
CA LYS D 456 -50.82 -6.86 -4.27
C LYS D 456 -50.82 -5.60 -3.40
N ALA D 457 -49.93 -5.52 -2.41
CA ALA D 457 -49.78 -4.34 -1.58
C ALA D 457 -48.72 -3.44 -2.17
N LYS D 458 -48.98 -2.13 -2.08
CA LYS D 458 -48.09 -1.13 -2.65
C LYS D 458 -46.86 -1.01 -1.78
N PRO D 459 -45.70 -0.71 -2.36
CA PRO D 459 -44.53 -0.52 -1.48
C PRO D 459 -44.69 0.77 -0.68
N VAL D 460 -44.27 0.72 0.58
CA VAL D 460 -44.42 1.88 1.46
C VAL D 460 -43.08 2.32 2.06
N LYS D 461 -42.63 3.51 1.69
CA LYS D 461 -41.41 4.07 2.24
C LYS D 461 -41.43 3.92 3.76
N LEU D 462 -40.28 3.76 4.37
CA LEU D 462 -40.22 3.46 5.78
C LEU D 462 -40.09 4.67 6.61
N GLY D 463 -38.89 5.20 6.65
CA GLY D 463 -38.64 6.45 7.30
C GLY D 463 -39.69 7.49 7.10
N GLU D 464 -40.12 7.73 5.89
CA GLU D 464 -41.16 8.69 5.66
C GLU D 464 -42.34 8.36 6.52
N THR D 465 -42.93 7.22 6.30
CA THR D 465 -44.14 6.85 6.98
C THR D 465 -44.03 6.92 8.49
N TRP D 466 -42.91 6.50 9.01
CA TRP D 466 -42.60 6.62 10.43
C TRP D 466 -42.83 8.03 10.94
N GLU D 467 -42.33 9.03 10.22
CA GLU D 467 -42.42 10.41 10.69
C GLU D 467 -43.80 10.99 10.45
N LYS D 468 -44.38 10.62 9.31
CA LYS D 468 -45.69 11.13 8.88
C LYS D 468 -46.87 10.70 9.73
N THR D 469 -46.87 9.43 10.14
CA THR D 469 -48.04 8.76 10.70
C THR D 469 -47.81 8.10 12.06
N ILE D 470 -46.58 7.63 12.32
CA ILE D 470 -46.33 6.84 13.53
C ILE D 470 -45.87 7.72 14.69
N ARG D 471 -44.76 8.45 14.49
CA ARG D 471 -44.02 9.05 15.59
C ARG D 471 -44.74 10.29 16.12
N SER D 472 -44.86 10.38 17.45
CA SER D 472 -45.77 11.31 18.11
C SER D 472 -45.05 12.22 19.11
N GLY D 473 -43.73 12.36 19.01
CA GLY D 473 -43.01 13.17 19.98
C GLY D 473 -42.72 12.46 21.29
N GLY D 474 -42.42 13.28 22.31
CA GLY D 474 -42.26 12.79 23.67
C GLY D 474 -40.89 12.24 24.00
N GLY D 475 -40.81 11.59 25.16
CA GLY D 475 -39.58 10.96 25.61
C GLY D 475 -39.45 9.53 25.14
N VAL D 476 -38.44 8.84 25.68
CA VAL D 476 -38.06 7.52 25.19
C VAL D 476 -39.23 6.55 25.27
N THR D 477 -39.97 6.57 26.38
CA THR D 477 -41.10 5.65 26.52
C THR D 477 -42.12 5.86 25.39
N GLN D 478 -42.36 7.13 25.02
CA GLN D 478 -43.23 7.41 23.88
C GLN D 478 -42.69 6.80 22.60
N ILE D 479 -41.37 6.85 22.40
CA ILE D 479 -40.78 6.20 21.23
C ILE D 479 -41.04 4.71 21.26
N LYS D 480 -40.84 4.09 22.43
CA LYS D 480 -41.08 2.66 22.59
C LYS D 480 -42.51 2.29 22.20
N HIS D 481 -43.48 3.06 22.69
CA HIS D 481 -44.86 2.83 22.31
C HIS D 481 -45.06 3.03 20.81
N ASP D 482 -44.40 4.02 20.22
CA ASP D 482 -44.54 4.27 18.78
C ASP D 482 -44.01 3.09 17.96
N LEU D 483 -42.82 2.60 18.30
CA LEU D 483 -42.28 1.41 17.65
C LEU D 483 -43.24 0.22 17.77
N ILE D 484 -43.67 -0.08 19.00
CA ILE D 484 -44.62 -1.16 19.22
C ILE D 484 -45.85 -0.97 18.35
N PHE D 485 -46.29 0.28 18.19
CA PHE D 485 -47.45 0.56 17.36
C PHE D 485 -47.17 0.29 15.89
N LEU D 486 -45.97 0.66 15.41
CA LEU D 486 -45.58 0.34 14.05
C LEU D 486 -45.70 -1.15 13.80
N MSE D 487 -45.18 -1.95 14.73
CA MSE D 487 -45.28 -3.39 14.61
C MSE D 487 -46.73 -3.87 14.65
O MSE D 487 -47.10 -4.77 13.89
CB MSE D 487 -44.47 -4.06 15.74
CG MSE D 487 -44.44 -5.57 15.67
SE MSE D 487 -44.40 -6.32 17.45
CE MSE D 487 -46.28 -6.09 17.90
N GLN D 488 -47.56 -3.28 15.51
CA GLN D 488 -48.91 -3.78 15.69
C GLN D 488 -49.83 -3.42 14.53
N ASN D 489 -49.52 -2.33 13.81
CA ASN D 489 -50.49 -1.68 12.95
C ASN D 489 -50.16 -1.76 11.47
N ASP D 490 -48.91 -1.94 11.09
CA ASP D 490 -48.50 -1.79 9.70
C ASP D 490 -48.11 -3.16 9.16
N ALA D 491 -49.03 -3.78 8.41
CA ALA D 491 -48.79 -5.13 7.92
C ALA D 491 -47.68 -5.16 6.89
N TRP D 492 -47.54 -4.07 6.12
CA TRP D 492 -46.44 -3.96 5.17
C TRP D 492 -45.10 -4.02 5.87
N TYR D 493 -45.08 -3.74 7.18
CA TYR D 493 -43.87 -3.82 7.99
C TYR D 493 -43.76 -5.15 8.74
N HIS D 494 -44.80 -5.52 9.50
CA HIS D 494 -44.60 -6.68 10.36
C HIS D 494 -44.58 -7.98 9.57
N THR D 495 -45.22 -8.04 8.40
CA THR D 495 -45.17 -9.30 7.65
C THR D 495 -43.77 -9.53 7.08
N ARG D 496 -43.16 -8.50 6.51
CA ARG D 496 -41.79 -8.64 6.02
C ARG D 496 -40.84 -8.93 7.18
N VAL D 497 -40.99 -8.20 8.28
CA VAL D 497 -40.07 -8.35 9.41
C VAL D 497 -40.14 -9.77 9.98
N ASN D 498 -41.36 -10.24 10.27
CA ASN D 498 -41.52 -11.57 10.82
C ASN D 498 -41.02 -12.63 9.85
N ALA D 499 -41.41 -12.53 8.57
CA ALA D 499 -40.93 -13.49 7.58
C ALA D 499 -39.41 -13.58 7.56
N ILE D 500 -38.73 -12.43 7.63
CA ILE D 500 -37.27 -12.43 7.61
C ILE D 500 -36.71 -13.04 8.89
N ALA D 501 -37.25 -12.67 10.05
CA ALA D 501 -36.70 -13.16 11.31
C ALA D 501 -36.80 -14.67 11.41
N GLN D 502 -37.87 -15.25 10.88
CA GLN D 502 -38.05 -16.68 10.93
C GLN D 502 -37.38 -17.38 9.74
N ASN D 503 -36.69 -16.63 8.89
CA ASN D 503 -35.96 -17.18 7.74
C ASN D 503 -36.89 -17.94 6.81
N ARG D 504 -38.03 -17.32 6.52
CA ARG D 504 -39.05 -17.89 5.65
C ARG D 504 -39.56 -16.87 4.64
N ASP D 505 -38.74 -15.87 4.33
CA ASP D 505 -39.07 -14.76 3.45
C ASP D 505 -38.66 -15.05 2.01
N LYS D 506 -39.39 -14.45 1.07
CA LYS D 506 -39.06 -14.51 -0.34
C LYS D 506 -38.80 -13.09 -0.86
N ASP D 507 -37.67 -12.91 -1.53
CA ASP D 507 -37.41 -11.69 -2.31
C ASP D 507 -37.36 -10.47 -1.41
N SER D 508 -36.57 -10.54 -0.35
CA SER D 508 -36.40 -9.41 0.54
C SER D 508 -35.18 -8.61 0.12
N THR D 509 -35.26 -7.29 0.27
CA THR D 509 -34.10 -6.45 0.02
C THR D 509 -33.19 -6.49 1.24
N PHE D 510 -31.92 -6.18 1.01
CA PHE D 510 -30.97 -6.17 2.12
C PHE D 510 -31.42 -5.21 3.21
N LYS D 511 -31.92 -4.03 2.83
CA LYS D 511 -32.35 -3.06 3.83
C LYS D 511 -33.46 -3.62 4.69
N GLU D 512 -34.35 -4.42 4.10
CA GLU D 512 -35.39 -5.07 4.89
C GLU D 512 -34.80 -6.04 5.91
N VAL D 513 -33.79 -6.83 5.50
CA VAL D 513 -33.15 -7.77 6.41
C VAL D 513 -32.46 -7.01 7.55
N LEU D 514 -31.71 -5.96 7.20
CA LEU D 514 -31.03 -5.16 8.21
C LEU D 514 -32.01 -4.52 9.18
N ILE D 515 -33.04 -3.86 8.65
CA ILE D 515 -34.05 -3.25 9.51
C ILE D 515 -34.64 -4.29 10.46
N THR D 516 -34.91 -5.50 9.97
CA THR D 516 -35.42 -6.53 10.87
C THR D 516 -34.38 -6.85 11.94
N ALA D 517 -33.12 -6.98 11.55
CA ALA D 517 -32.06 -7.31 12.50
C ALA D 517 -31.90 -6.24 13.57
N LEU D 518 -32.06 -4.96 13.21
CA LEU D 518 -31.91 -3.88 14.17
C LEU D 518 -33.15 -3.68 15.01
N MSE D 519 -34.33 -3.94 14.45
CA MSE D 519 -35.59 -3.59 15.10
C MSE D 519 -36.07 -4.69 16.04
O MSE D 519 -36.72 -4.39 17.04
CB MSE D 519 -36.66 -3.28 14.05
CG MSE D 519 -36.45 -1.95 13.30
SE MSE D 519 -36.39 -0.36 14.45
CE MSE D 519 -34.45 -0.16 14.58
N THR D 520 -35.77 -5.96 15.72
CA THR D 520 -36.20 -7.04 16.60
C THR D 520 -35.67 -6.88 18.02
N PRO D 521 -34.37 -6.66 18.26
CA PRO D 521 -33.93 -6.43 19.65
C PRO D 521 -34.48 -5.13 20.24
N LEU D 522 -34.56 -4.06 19.45
CA LEU D 522 -35.06 -2.79 19.96
C LEU D 522 -36.55 -2.88 20.28
N THR D 523 -37.31 -3.62 19.46
CA THR D 523 -38.71 -3.87 19.77
C THR D 523 -38.83 -4.66 21.06
N ASN D 524 -37.99 -5.70 21.23
CA ASN D 524 -38.04 -6.47 22.47
C ASN D 524 -37.75 -5.58 23.67
N LYS D 525 -36.76 -4.68 23.56
CA LYS D 525 -36.50 -3.75 24.66
C LYS D 525 -37.71 -2.88 24.96
N SER D 526 -38.35 -2.35 23.91
CA SER D 526 -39.53 -1.50 24.12
C SER D 526 -40.61 -2.25 24.86
N LEU D 527 -40.88 -3.50 24.46
CA LEU D 527 -41.93 -4.29 25.11
C LEU D 527 -41.56 -4.59 26.56
N MSE D 528 -40.33 -5.00 26.81
CA MSE D 528 -39.92 -5.35 28.18
C MSE D 528 -40.03 -4.14 29.10
O MSE D 528 -40.56 -4.25 30.22
CB MSE D 528 -38.48 -5.89 28.18
CG MSE D 528 -38.33 -7.18 27.37
SE MSE D 528 -36.53 -7.95 27.38
CE MSE D 528 -35.72 -7.00 25.89
N ASP D 529 -39.57 -3.00 28.61
CA ASP D 529 -39.56 -1.78 29.41
C ASP D 529 -40.96 -1.24 29.64
N THR D 530 -41.88 -1.40 28.68
CA THR D 530 -43.18 -0.75 28.77
C THR D 530 -44.29 -1.65 29.31
N SER D 531 -44.16 -2.97 29.26
CA SER D 531 -45.25 -3.83 29.70
C SER D 531 -45.34 -3.81 31.22
N ARG D 532 -46.57 -3.71 31.74
CA ARG D 532 -46.82 -3.65 33.18
C ARG D 532 -47.68 -4.81 33.68
N SER D 533 -48.45 -5.40 32.76
CA SER D 533 -49.30 -6.55 32.99
C SER D 533 -48.56 -7.69 33.65
N PRO D 534 -49.18 -8.41 34.60
CA PRO D 534 -48.68 -9.75 34.93
C PRO D 534 -49.02 -10.68 33.77
N ALA D 535 -48.08 -11.56 33.45
CA ALA D 535 -48.23 -12.37 32.25
C ALA D 535 -49.48 -13.25 32.33
N PRO D 536 -50.36 -13.21 31.33
CA PRO D 536 -51.45 -14.20 31.27
C PRO D 536 -50.86 -15.57 31.00
N LYS D 537 -51.62 -16.59 31.38
CA LYS D 537 -51.15 -17.97 31.28
C LYS D 537 -51.88 -18.77 30.21
N THR D 538 -52.83 -18.16 29.51
CA THR D 538 -53.39 -18.71 28.28
C THR D 538 -53.34 -17.64 27.20
N LEU D 539 -52.72 -17.97 26.07
CA LEU D 539 -52.73 -17.08 24.92
C LEU D 539 -53.14 -17.88 23.69
N PHE D 540 -53.59 -17.16 22.67
CA PHE D 540 -54.05 -17.78 21.43
C PHE D 540 -53.33 -17.11 20.27
N ARG D 541 -52.82 -17.91 19.34
CA ARG D 541 -52.13 -17.36 18.18
C ARG D 541 -52.69 -18.00 16.91
N GLY D 542 -53.03 -17.16 15.95
CA GLY D 542 -53.71 -17.60 14.73
C GLY D 542 -52.75 -17.62 13.57
N LEU D 543 -52.92 -18.61 12.71
CA LEU D 543 -52.11 -18.78 11.52
C LEU D 543 -52.96 -19.25 10.35
N ASP D 544 -52.54 -18.84 9.15
CA ASP D 544 -53.12 -19.27 7.89
C ASP D 544 -52.08 -20.14 7.19
N LEU D 545 -52.19 -21.46 7.36
CA LEU D 545 -51.20 -22.42 6.86
C LEU D 545 -51.73 -23.15 5.63
N SER D 546 -50.82 -23.63 4.80
CA SER D 546 -51.23 -24.47 3.68
C SER D 546 -51.75 -25.80 4.19
N GLU D 547 -52.61 -26.44 3.39
CA GLU D 547 -53.21 -27.70 3.81
C GLU D 547 -52.15 -28.75 4.09
N GLU D 548 -51.13 -28.84 3.25
CA GLU D 548 -50.04 -29.78 3.47
C GLU D 548 -49.29 -29.47 4.77
N PHE D 549 -48.90 -28.20 4.98
CA PHE D 549 -48.14 -27.88 6.19
C PHE D 549 -48.97 -28.17 7.43
N LYS D 550 -50.24 -27.80 7.41
CA LYS D 550 -51.11 -28.08 8.54
C LYS D 550 -51.18 -29.58 8.81
N ASN D 551 -51.31 -30.37 7.74
CA ASN D 551 -51.39 -31.82 7.90
C ASN D 551 -50.12 -32.36 8.53
N LYS D 552 -48.95 -31.83 8.12
CA LYS D 552 -47.69 -32.20 8.77
C LYS D 552 -47.73 -31.91 10.26
N LEU D 553 -48.18 -30.70 10.62
CA LEU D 553 -48.21 -30.34 12.04
C LEU D 553 -49.17 -31.25 12.81
N ILE D 554 -50.30 -31.60 12.21
CA ILE D 554 -51.24 -32.50 12.87
C ILE D 554 -50.59 -33.85 13.12
N ASN D 555 -49.92 -34.41 12.11
CA ASN D 555 -49.25 -35.70 12.30
C ASN D 555 -48.22 -35.62 13.42
N GLN D 556 -47.38 -34.59 13.42
CA GLN D 556 -46.35 -34.48 14.45
C GLN D 556 -46.98 -34.37 15.83
N ALA D 557 -48.02 -33.55 15.96
CA ALA D 557 -48.66 -33.36 17.25
C ALA D 557 -49.31 -34.65 17.74
N GLU D 558 -49.97 -35.38 16.84
CA GLU D 558 -50.60 -36.63 17.24
C GLU D 558 -49.55 -37.66 17.65
N THR D 559 -48.41 -37.68 16.96
CA THR D 559 -47.35 -38.60 17.36
C THR D 559 -46.84 -38.27 18.76
N ILE D 560 -46.55 -36.98 19.01
CA ILE D 560 -46.12 -36.56 20.34
C ILE D 560 -47.15 -36.97 21.39
N ILE D 561 -48.43 -36.67 21.15
CA ILE D 561 -49.46 -36.97 22.15
C ILE D 561 -49.56 -38.47 22.41
N ALA D 562 -49.59 -39.27 21.34
CA ALA D 562 -49.70 -40.72 21.47
C ALA D 562 -48.51 -41.34 22.19
N ASN D 563 -47.38 -40.62 22.30
CA ASN D 563 -46.22 -41.13 23.00
C ASN D 563 -45.94 -40.34 24.26
N THR D 564 -46.97 -39.73 24.82
CA THR D 564 -46.93 -39.09 26.13
C THR D 564 -48.03 -39.72 26.97
N THR D 565 -47.64 -40.56 27.93
CA THR D 565 -48.60 -41.29 28.74
C THR D 565 -48.16 -41.31 30.19
N GLU D 566 -49.13 -41.27 31.08
CA GLU D 566 -48.87 -41.56 32.49
C GLU D 566 -48.55 -43.03 32.65
N HIS D 567 -47.99 -43.37 33.81
CA HIS D 567 -47.60 -44.74 34.07
C HIS D 567 -47.60 -44.99 35.56
N LEU D 568 -47.79 -46.26 35.93
CA LEU D 568 -47.65 -46.74 37.30
C LEU D 568 -46.29 -47.39 37.52
N PHE D 569 -45.93 -48.34 36.67
CA PHE D 569 -44.76 -49.17 36.87
C PHE D 569 -43.69 -49.02 35.79
N THR D 570 -44.07 -48.69 34.56
CA THR D 570 -43.17 -48.72 33.41
C THR D 570 -43.07 -47.33 32.81
N ASP D 571 -41.96 -46.65 33.09
CA ASP D 571 -41.69 -45.29 32.67
C ASP D 571 -41.17 -45.30 31.24
N LEU D 572 -41.95 -44.77 30.29
CA LEU D 572 -41.50 -44.61 28.91
C LEU D 572 -41.10 -43.17 28.58
N SER D 573 -40.57 -42.43 29.57
CA SER D 573 -40.15 -41.07 29.32
C SER D 573 -39.13 -40.96 28.18
N THR D 574 -38.27 -41.98 28.03
CA THR D 574 -37.25 -41.91 26.99
C THR D 574 -37.88 -41.85 25.61
N GLU D 575 -38.99 -42.58 25.41
CA GLU D 575 -39.67 -42.53 24.11
C GLU D 575 -40.38 -41.20 23.91
N ALA D 576 -40.97 -40.63 24.97
CA ALA D 576 -41.57 -39.30 24.84
C ALA D 576 -40.52 -38.28 24.46
N PHE D 577 -39.33 -38.37 25.07
CA PHE D 577 -38.24 -37.46 24.73
C PHE D 577 -37.87 -37.61 23.26
N LYS D 578 -37.72 -38.86 22.82
CA LYS D 578 -37.33 -39.13 21.44
C LYS D 578 -38.35 -38.56 20.45
N GLN D 579 -39.64 -38.82 20.66
CA GLN D 579 -40.63 -38.39 19.67
C GLN D 579 -40.86 -36.89 19.73
N ILE D 580 -40.76 -36.30 20.92
CA ILE D 580 -40.89 -34.84 21.00
C ILE D 580 -39.76 -34.17 20.23
N LYS D 581 -38.54 -34.69 20.33
CA LYS D 581 -37.48 -34.04 19.56
C LYS D 581 -37.58 -34.34 18.06
N LEU D 582 -38.15 -35.50 17.69
CA LEU D 582 -38.38 -35.76 16.27
C LEU D 582 -39.48 -34.86 15.69
N ASN D 583 -40.51 -34.55 16.48
CA ASN D 583 -41.73 -33.95 15.95
C ASN D 583 -41.98 -32.53 16.45
N ASP D 584 -41.02 -31.91 17.12
CA ASP D 584 -41.24 -30.58 17.68
C ASP D 584 -41.46 -29.56 16.57
N PHE D 585 -42.46 -28.70 16.74
CA PHE D 585 -42.67 -27.57 15.84
C PHE D 585 -42.69 -26.24 16.61
N SER D 586 -41.91 -26.16 17.69
CA SER D 586 -41.78 -24.91 18.44
C SER D 586 -41.30 -23.77 17.57
N GLN D 587 -40.47 -24.05 16.56
CA GLN D 587 -39.87 -22.97 15.79
C GLN D 587 -40.89 -22.22 14.94
N VAL D 588 -42.10 -22.77 14.76
CA VAL D 588 -43.15 -22.04 14.08
C VAL D 588 -43.58 -20.82 14.90
N SER D 589 -43.25 -20.79 16.19
CA SER D 589 -43.56 -19.64 17.04
C SER D 589 -42.32 -18.94 17.57
N ALA D 590 -41.17 -19.13 16.91
CA ALA D 590 -39.90 -18.67 17.44
C ALA D 590 -39.31 -17.59 16.54
N ARG D 591 -38.22 -17.01 17.02
CA ARG D 591 -37.28 -16.13 16.31
C ARG D 591 -37.77 -14.70 16.14
N THR D 592 -39.05 -14.39 16.40
CA THR D 592 -39.60 -13.07 16.13
C THR D 592 -40.54 -12.68 17.26
N CYS D 593 -41.04 -11.44 17.21
CA CYS D 593 -41.99 -10.94 18.21
C CYS D 593 -43.40 -11.38 17.81
N ALA D 594 -43.75 -12.59 18.24
CA ALA D 594 -44.96 -13.28 17.78
C ALA D 594 -46.21 -12.72 18.44
N SER D 595 -47.23 -12.53 17.61
CA SER D 595 -48.46 -11.86 18.00
C SER D 595 -49.46 -12.87 18.53
N THR D 596 -50.05 -12.56 19.69
CA THR D 596 -51.02 -13.44 20.33
C THR D 596 -52.13 -12.61 20.96
N SER D 597 -53.23 -13.26 21.31
CA SER D 597 -54.34 -12.61 22.01
C SER D 597 -54.85 -13.53 23.12
N THR D 598 -55.32 -12.93 24.21
CA THR D 598 -55.96 -13.71 25.27
C THR D 598 -57.38 -14.10 24.94
N ASN D 599 -57.92 -13.58 23.84
CA ASN D 599 -59.27 -13.84 23.39
C ASN D 599 -59.18 -14.65 22.11
N ILE D 600 -59.58 -15.93 22.19
CA ILE D 600 -59.49 -16.81 21.04
C ILE D 600 -60.24 -16.25 19.83
N GLU D 601 -61.20 -15.36 20.05
CA GLU D 601 -61.98 -14.86 18.92
C GLU D 601 -61.18 -13.89 18.06
N VAL D 602 -60.11 -13.30 18.58
CA VAL D 602 -59.25 -12.47 17.75
C VAL D 602 -58.69 -13.35 16.62
N PRO D 603 -57.95 -14.42 16.90
CA PRO D 603 -57.46 -15.24 15.78
C PRO D 603 -58.55 -16.06 15.10
N ARG D 604 -59.61 -16.46 15.81
CA ARG D 604 -60.58 -17.35 15.18
C ARG D 604 -61.56 -16.60 14.28
N THR D 605 -62.14 -15.51 14.78
CA THR D 605 -63.22 -14.80 14.10
C THR D 605 -62.77 -13.56 13.35
N ILE D 606 -61.86 -12.76 13.93
CA ILE D 606 -61.46 -11.51 13.30
C ILE D 606 -60.52 -11.76 12.12
N PHE D 607 -59.52 -12.62 12.31
CA PHE D 607 -58.55 -12.90 11.25
C PHE D 607 -58.84 -14.18 10.48
N GLY D 608 -59.77 -15.01 10.95
CA GLY D 608 -60.17 -16.19 10.19
C GLY D 608 -59.07 -17.22 10.02
N SER D 609 -58.25 -17.41 11.04
CA SER D 609 -57.17 -18.37 10.94
C SER D 609 -57.72 -19.79 10.84
N ASN D 610 -57.05 -20.63 10.04
CA ASN D 610 -57.37 -22.04 9.99
C ASN D 610 -56.55 -22.85 10.99
N THR D 611 -55.54 -22.24 11.59
CA THR D 611 -54.75 -22.87 12.64
C THR D 611 -54.75 -21.96 13.84
N ILE D 612 -55.07 -22.51 15.01
CA ILE D 612 -55.03 -21.76 16.25
C ILE D 612 -54.19 -22.53 17.24
N PHE D 613 -53.12 -21.92 17.72
CA PHE D 613 -52.32 -22.45 18.83
C PHE D 613 -52.89 -21.90 20.12
N GLU D 614 -53.45 -22.77 20.95
CA GLU D 614 -53.79 -22.43 22.33
C GLU D 614 -52.55 -22.70 23.18
N ILE D 615 -51.83 -21.62 23.49
CA ILE D 615 -50.56 -21.72 24.21
C ILE D 615 -50.84 -21.60 25.70
N LEU D 616 -50.46 -22.62 26.46
CA LEU D 616 -50.60 -22.63 27.90
C LEU D 616 -49.23 -22.48 28.53
N ASP D 617 -49.13 -21.60 29.51
CA ASP D 617 -47.87 -21.25 30.17
C ASP D 617 -48.09 -21.25 31.68
N PRO D 618 -48.41 -22.42 32.25
CA PRO D 618 -48.74 -22.45 33.69
C PRO D 618 -47.56 -22.15 34.59
N ASP D 619 -46.33 -22.44 34.14
CA ASP D 619 -45.14 -22.21 34.93
C ASP D 619 -44.45 -20.89 34.59
N GLY D 620 -45.10 -20.03 33.78
CA GLY D 620 -44.63 -18.69 33.53
C GLY D 620 -43.25 -18.57 32.89
N LEU D 621 -43.05 -19.22 31.75
CA LEU D 621 -41.76 -19.24 31.08
C LEU D 621 -41.70 -18.45 29.77
N LEU D 622 -42.83 -17.93 29.28
CA LEU D 622 -42.85 -17.28 27.97
C LEU D 622 -42.52 -15.80 28.04
N HIS D 623 -42.76 -15.17 29.18
CA HIS D 623 -42.50 -13.76 29.38
C HIS D 623 -43.23 -12.93 28.34
N PRO D 624 -44.52 -13.16 28.09
CA PRO D 624 -45.21 -12.32 27.11
C PRO D 624 -45.24 -10.90 27.63
N LYS D 625 -45.36 -9.95 26.70
CA LYS D 625 -45.39 -8.55 27.06
C LYS D 625 -46.55 -7.88 26.33
N GLN D 626 -47.16 -6.91 27.01
CA GLN D 626 -48.39 -6.27 26.54
C GLN D 626 -48.17 -5.39 25.32
N VAL D 627 -49.04 -5.52 24.32
CA VAL D 627 -48.97 -4.74 23.07
C VAL D 627 -50.16 -3.80 23.04
N GLY D 628 -49.89 -2.49 23.11
CA GLY D 628 -50.94 -1.47 23.03
C GLY D 628 -51.73 -1.44 24.33
N THR D 629 -52.96 -0.93 24.26
CA THR D 629 -53.89 -0.93 25.38
C THR D 629 -54.98 -1.97 25.13
N HIS D 630 -55.66 -2.38 26.20
CA HIS D 630 -56.56 -3.52 26.00
C HIS D 630 -57.96 -3.19 26.49
N VAL D 631 -58.49 -2.06 26.02
CA VAL D 631 -59.87 -1.70 26.30
C VAL D 631 -60.76 -2.77 25.68
N SER D 632 -62.03 -2.79 26.06
CA SER D 632 -62.98 -3.69 25.43
C SER D 632 -63.07 -3.41 23.93
N GLY D 633 -63.10 -4.49 23.15
CA GLY D 633 -63.07 -4.38 21.70
C GLY D 633 -61.69 -4.33 21.09
N SER D 634 -60.63 -4.31 21.90
CA SER D 634 -59.27 -4.36 21.40
C SER D 634 -58.85 -5.80 21.09
N GLU D 635 -57.66 -5.96 20.53
CA GLU D 635 -57.18 -7.28 20.17
C GLU D 635 -56.60 -8.05 21.35
N SER D 636 -56.51 -7.42 22.52
CA SER D 636 -55.92 -8.02 23.71
C SER D 636 -54.59 -8.72 23.40
N GLU D 637 -53.74 -8.00 22.66
CA GLU D 637 -52.55 -8.57 22.06
C GLU D 637 -51.38 -8.60 23.03
N TYR D 638 -50.64 -9.70 23.00
CA TYR D 638 -49.37 -9.84 23.70
C TYR D 638 -48.35 -10.39 22.70
N SER D 639 -47.09 -10.00 22.88
CA SER D 639 -46.02 -10.48 22.04
C SER D 639 -45.16 -11.46 22.83
N ILE D 640 -44.80 -12.57 22.18
CA ILE D 640 -43.94 -13.60 22.74
C ILE D 640 -42.68 -13.66 21.89
N TYR D 641 -41.52 -13.65 22.53
CA TYR D 641 -40.26 -13.96 21.85
C TYR D 641 -39.75 -15.21 22.52
N LEU D 642 -39.93 -16.34 21.86
CA LEU D 642 -39.79 -17.63 22.51
C LEU D 642 -38.36 -17.82 23.02
N PRO D 643 -38.18 -18.07 24.31
CA PRO D 643 -36.83 -18.35 24.81
C PRO D 643 -36.27 -19.59 24.14
N GLU D 644 -34.93 -19.63 24.01
CA GLU D 644 -34.28 -20.68 23.24
C GLU D 644 -34.51 -22.06 23.82
N ASP D 645 -34.79 -22.16 25.12
CA ASP D 645 -34.88 -23.45 25.79
C ASP D 645 -36.31 -23.77 26.22
N VAL D 646 -37.31 -23.19 25.55
CA VAL D 646 -38.71 -23.49 25.81
C VAL D 646 -39.30 -24.12 24.57
N ALA D 647 -39.96 -25.26 24.74
CA ALA D 647 -40.68 -25.93 23.67
C ALA D 647 -42.16 -25.79 23.93
N LEU D 648 -42.94 -25.65 22.87
CA LEU D 648 -44.40 -25.65 22.98
C LEU D 648 -44.89 -27.02 22.56
N VAL D 649 -45.13 -27.87 23.54
CA VAL D 649 -45.38 -29.30 23.34
C VAL D 649 -46.88 -29.49 23.17
N PRO D 650 -47.31 -30.21 22.14
CA PRO D 650 -48.76 -30.43 21.97
C PRO D 650 -49.28 -31.49 22.93
N ILE D 651 -50.46 -31.17 23.50
CA ILE D 651 -51.19 -32.09 24.34
C ILE D 651 -52.58 -32.38 23.78
N LYS D 652 -53.07 -31.63 22.81
CA LYS D 652 -54.38 -31.91 22.24
C LYS D 652 -54.44 -31.26 20.86
N VAL D 653 -55.18 -31.91 19.97
CA VAL D 653 -55.46 -31.42 18.62
C VAL D 653 -56.95 -31.61 18.41
N SER D 654 -57.67 -30.52 18.19
CA SER D 654 -59.12 -30.61 18.03
C SER D 654 -59.55 -29.94 16.73
N PHE D 655 -60.53 -30.54 16.06
CA PHE D 655 -61.20 -29.91 14.94
C PHE D 655 -62.25 -28.94 15.46
N ASP D 656 -62.25 -27.72 14.92
CA ASP D 656 -63.06 -26.64 15.46
C ASP D 656 -64.11 -26.13 14.49
N GLY D 657 -64.32 -26.80 13.38
CA GLY D 657 -65.22 -26.30 12.36
C GLY D 657 -64.45 -25.71 11.20
N LYS D 658 -65.12 -24.85 10.45
CA LYS D 658 -64.50 -24.24 9.28
C LYS D 658 -64.51 -22.72 9.36
N THR D 659 -63.59 -22.14 8.59
CA THR D 659 -63.35 -20.71 8.50
C THR D 659 -64.45 -20.02 7.69
N GLY D 660 -64.35 -18.70 7.60
CA GLY D 660 -65.24 -17.98 6.71
C GLY D 660 -65.06 -18.34 5.25
N LYS D 661 -63.85 -18.75 4.86
CA LYS D 661 -63.56 -19.15 3.50
C LYS D 661 -63.77 -20.64 3.25
N GLY D 662 -64.24 -21.39 4.24
CA GLY D 662 -64.52 -22.80 4.03
C GLY D 662 -63.39 -23.74 4.35
N LYS D 663 -62.26 -23.25 4.80
CA LYS D 663 -61.14 -24.12 5.13
C LYS D 663 -61.38 -24.76 6.49
N ASP D 664 -60.71 -25.89 6.73
CA ASP D 664 -60.82 -26.56 8.02
C ASP D 664 -59.98 -25.83 9.06
N ARG D 665 -60.52 -25.72 10.27
CA ARG D 665 -59.82 -25.06 11.36
C ARG D 665 -59.52 -26.07 12.47
N HIS D 666 -58.29 -26.06 12.95
CA HIS D 666 -57.85 -26.91 14.04
C HIS D 666 -57.25 -26.07 15.15
N ILE D 667 -57.43 -26.53 16.37
CA ILE D 667 -56.86 -25.90 17.56
C ILE D 667 -55.83 -26.85 18.14
N PHE D 668 -54.58 -26.40 18.16
CA PHE D 668 -53.50 -27.10 18.85
C PHE D 668 -53.33 -26.50 20.24
N THR D 669 -53.49 -27.33 21.27
CA THR D 669 -53.22 -26.88 22.63
C THR D 669 -51.78 -27.23 22.98
N LEU D 670 -50.97 -26.22 23.26
CA LEU D 670 -49.56 -26.44 23.54
C LEU D 670 -49.21 -25.93 24.93
N VAL D 671 -48.29 -26.63 25.60
CA VAL D 671 -47.82 -26.31 26.94
C VAL D 671 -46.36 -25.89 26.83
N ALA D 672 -46.01 -24.77 27.45
CA ALA D 672 -44.63 -24.32 27.46
C ALA D 672 -43.82 -25.13 28.46
N VAL D 673 -42.65 -25.60 28.04
CA VAL D 673 -41.82 -26.49 28.84
C VAL D 673 -40.38 -26.02 28.71
N LYS D 674 -39.72 -25.75 29.84
CA LYS D 674 -38.36 -25.23 29.82
C LYS D 674 -37.39 -26.32 30.26
N SER D 675 -36.37 -26.59 29.44
CA SER D 675 -35.37 -27.58 29.81
C SER D 675 -34.07 -27.33 29.07
N PRO D 676 -32.92 -27.53 29.73
CA PRO D 676 -31.63 -27.55 29.03
C PRO D 676 -31.60 -28.47 27.83
N ASP D 677 -32.47 -29.49 27.81
CA ASP D 677 -32.55 -30.41 26.69
C ASP D 677 -32.96 -29.71 25.40
N PHE D 678 -33.65 -28.57 25.50
CA PHE D 678 -34.14 -27.86 24.33
C PHE D 678 -33.17 -26.79 23.83
N THR D 679 -32.02 -26.64 24.48
CA THR D 679 -31.04 -25.65 24.05
C THR D 679 -30.49 -26.01 22.66
N PRO D 680 -30.36 -25.04 21.76
CA PRO D 680 -29.67 -25.29 20.50
C PRO D 680 -28.15 -25.16 20.67
N ARG D 681 -27.43 -25.81 19.75
CA ARG D 681 -25.98 -25.74 19.77
C ARG D 681 -25.56 -24.81 18.66
N HIS D 682 -24.89 -23.72 19.02
CA HIS D 682 -24.42 -22.79 18.00
C HIS D 682 -22.94 -22.57 18.18
N GLU D 683 -22.23 -22.70 17.07
CA GLU D 683 -20.84 -22.32 17.00
C GLU D 683 -20.78 -20.83 17.26
N SER D 684 -19.83 -20.47 18.09
CA SER D 684 -19.54 -19.11 18.53
C SER D 684 -18.66 -18.35 17.54
N GLY D 685 -18.63 -17.04 17.72
CA GLY D 685 -17.73 -16.16 17.00
C GLY D 685 -18.36 -15.36 15.88
N TYR D 686 -19.59 -15.67 15.48
CA TYR D 686 -20.18 -15.02 14.32
C TYR D 686 -20.30 -13.51 14.51
N ALA D 687 -20.43 -13.03 15.75
CA ALA D 687 -20.53 -11.59 15.99
C ALA D 687 -19.31 -11.01 16.68
N VAL D 688 -18.63 -11.79 17.53
CA VAL D 688 -17.44 -11.26 18.21
C VAL D 688 -16.37 -10.89 17.19
N GLY D 689 -16.17 -11.72 16.17
CA GLY D 689 -15.14 -11.49 15.19
C GLY D 689 -15.24 -10.13 14.51
N PRO D 690 -16.36 -9.86 13.85
CA PRO D 690 -16.51 -8.56 13.18
C PRO D 690 -16.30 -7.38 14.13
N LEU D 691 -16.78 -7.49 15.36
CA LEU D 691 -16.56 -6.44 16.35
C LEU D 691 -15.08 -6.23 16.59
N LEU D 692 -14.32 -7.33 16.70
CA LEU D 692 -12.88 -7.21 16.90
C LEU D 692 -12.22 -6.57 15.69
N LYS D 693 -12.71 -6.87 14.49
CA LYS D 693 -12.17 -6.22 13.30
C LYS D 693 -12.41 -4.72 13.38
N MSE D 694 -13.56 -4.33 13.92
CA MSE D 694 -13.90 -2.93 14.07
C MSE D 694 -13.06 -2.21 15.13
O MSE D 694 -12.91 -0.99 15.06
CB MSE D 694 -15.37 -2.77 14.42
CG MSE D 694 -16.27 -3.33 13.37
SE MSE D 694 -18.04 -3.39 14.08
CE MSE D 694 -18.97 -3.92 12.44
N GLN D 695 -12.54 -2.95 16.11
CA GLN D 695 -11.79 -2.26 17.16
C GLN D 695 -10.30 -2.15 16.88
N THR D 696 -9.84 -2.53 15.70
CA THR D 696 -8.43 -2.39 15.35
C THR D 696 -8.12 -0.95 14.93
N PRO D 697 -7.02 -0.38 15.40
CA PRO D 697 -6.77 1.06 15.21
C PRO D 697 -6.35 1.38 13.78
N LYS D 698 -6.80 2.55 13.30
CA LYS D 698 -6.38 3.03 11.98
C LYS D 698 -4.89 3.35 11.96
N LEU D 699 -4.39 3.98 13.02
CA LEU D 699 -2.98 4.36 13.18
C LEU D 699 -2.40 5.01 11.94
N GLU D 700 -2.98 6.16 11.61
CA GLU D 700 -2.55 6.96 10.48
C GLU D 700 -1.39 7.92 10.76
N GLU D 701 -1.21 8.35 12.01
CA GLU D 701 -0.04 9.18 12.31
C GLU D 701 1.24 8.36 12.21
N ILE D 702 1.16 7.02 12.35
CA ILE D 702 2.33 6.17 12.18
C ILE D 702 2.66 6.00 10.71
N GLN D 703 1.65 5.79 9.86
CA GLN D 703 1.92 5.60 8.45
C GLN D 703 2.27 6.91 7.76
N ARG D 704 1.98 8.05 8.42
CA ARG D 704 2.52 9.31 7.95
C ARG D 704 3.90 9.60 8.53
N LEU D 705 4.24 8.98 9.66
CA LEU D 705 5.64 8.98 10.07
C LEU D 705 6.48 8.17 9.08
N VAL D 706 5.95 7.05 8.59
CA VAL D 706 6.67 6.29 7.58
C VAL D 706 6.75 7.05 6.28
N GLU D 707 5.64 7.69 5.90
CA GLU D 707 5.61 8.42 4.64
C GLU D 707 6.58 9.59 4.64
N GLN D 708 6.70 10.30 5.77
CA GLN D 708 7.73 11.32 5.83
C GLN D 708 9.12 10.73 6.01
N ALA D 709 9.23 9.52 6.57
CA ALA D 709 10.52 8.86 6.69
C ALA D 709 11.08 8.40 5.35
N ARG D 710 10.25 8.38 4.29
CA ARG D 710 10.72 8.02 2.96
C ARG D 710 10.80 9.20 2.00
N GLU D 711 10.91 10.44 2.51
CA GLU D 711 11.00 11.60 1.65
C GLU D 711 12.45 11.78 1.20
N GLU D 712 12.65 11.98 -0.09
CA GLU D 712 14.00 12.21 -0.56
C GLU D 712 14.47 13.58 -0.06
N PRO D 713 15.74 13.72 0.32
CA PRO D 713 16.21 15.04 0.71
C PRO D 713 16.25 15.95 -0.49
N ASP D 714 16.00 17.25 -0.26
CA ASP D 714 15.96 18.23 -1.35
C ASP D 714 17.39 18.70 -1.59
N LEU D 715 18.11 17.89 -2.35
CA LEU D 715 19.51 18.14 -2.68
C LEU D 715 19.65 19.40 -3.54
N GLU D 716 18.65 19.74 -4.30
CA GLU D 716 18.78 20.86 -5.16
C GLU D 716 19.09 22.04 -4.30
N ARG D 717 18.38 22.17 -3.19
CA ARG D 717 18.55 23.33 -2.35
C ARG D 717 19.98 23.32 -1.90
N VAL D 718 20.50 22.13 -1.64
CA VAL D 718 21.83 22.04 -1.13
C VAL D 718 22.83 22.51 -2.13
N PHE D 719 22.67 22.10 -3.36
CA PHE D 719 23.58 22.51 -4.40
C PHE D 719 23.47 23.97 -4.70
N ASN D 720 22.25 24.42 -4.73
CA ASN D 720 22.04 25.85 -4.96
C ASN D 720 22.87 26.68 -3.99
N LEU D 721 22.84 26.32 -2.70
CA LEU D 721 23.59 27.08 -1.72
C LEU D 721 25.09 26.95 -1.94
N GLN D 722 25.59 25.77 -2.31
CA GLN D 722 27.02 25.70 -2.56
C GLN D 722 27.42 26.43 -3.85
N SER D 723 26.57 26.44 -4.88
CA SER D 723 26.88 27.23 -6.06
C SER D 723 26.90 28.72 -5.76
N ARG D 724 25.93 29.19 -4.96
CA ARG D 724 25.90 30.58 -4.54
C ARG D 724 27.11 30.92 -3.68
N VAL D 725 27.42 30.03 -2.73
CA VAL D 725 28.63 30.10 -1.92
C VAL D 725 29.87 30.17 -2.80
N ALA D 726 29.84 29.49 -3.95
CA ALA D 726 30.95 29.55 -4.89
C ALA D 726 31.04 30.94 -5.54
N ARG D 727 29.91 31.47 -6.01
CA ARG D 727 29.94 32.78 -6.66
C ARG D 727 30.40 33.88 -5.70
N GLN D 728 30.00 33.77 -4.44
CA GLN D 728 30.41 34.73 -3.42
C GLN D 728 31.66 34.29 -2.67
N ALA D 729 32.15 33.10 -2.98
CA ALA D 729 33.33 32.55 -2.31
C ALA D 729 34.53 32.51 -3.25
N LYS D 730 34.68 33.56 -4.05
CA LYS D 730 35.79 33.65 -4.99
C LYS D 730 36.29 35.09 -5.12
N PHE D 731 35.38 36.04 -4.91
CA PHE D 731 35.73 37.44 -5.00
C PHE D 731 34.92 38.34 -4.13
N SER D 732 35.55 38.64 -3.00
CA SER D 732 35.07 39.41 -1.87
C SER D 732 36.29 40.22 -1.46
N THR D 733 36.25 41.53 -1.68
CA THR D 733 37.41 42.34 -1.34
C THR D 733 37.68 42.33 0.15
N GLU D 734 36.67 41.96 0.94
CA GLU D 734 36.82 41.84 2.37
C GLU D 734 37.42 40.47 2.68
N SER D 735 38.38 40.44 3.59
CA SER D 735 39.29 39.30 3.73
C SER D 735 38.73 38.19 4.61
N GLY D 736 38.12 38.56 5.73
CA GLY D 736 37.71 37.55 6.70
C GLY D 736 36.38 36.93 6.35
N TYR D 737 35.53 37.67 5.63
CA TYR D 737 34.31 37.08 5.10
C TYR D 737 34.63 35.89 4.20
N LYS D 738 35.73 35.98 3.45
CA LYS D 738 36.08 34.89 2.53
C LYS D 738 36.83 33.77 3.23
N THR D 739 37.65 34.09 4.23
CA THR D 739 38.22 33.00 5.01
C THR D 739 37.13 32.21 5.74
N PHE D 740 36.11 32.93 6.23
CA PHE D 740 34.95 32.30 6.84
C PHE D 740 34.16 31.48 5.83
N LEU D 741 34.01 32.02 4.62
CA LEU D 741 33.16 31.41 3.60
C LEU D 741 33.76 30.10 3.09
N ASN D 742 35.04 30.12 2.73
CA ASN D 742 35.65 28.89 2.26
C ASN D 742 35.87 27.88 3.36
N GLU D 743 36.24 28.31 4.56
CA GLU D 743 36.63 27.19 5.40
C GLU D 743 35.45 26.67 6.23
N LYS D 744 34.51 27.57 6.60
CA LYS D 744 33.46 27.24 7.57
C LYS D 744 32.11 26.91 6.95
N VAL D 745 31.84 27.30 5.71
CA VAL D 745 30.53 27.11 5.10
C VAL D 745 30.57 26.08 3.99
N ALA D 746 31.53 26.19 3.06
CA ALA D 746 31.62 25.30 1.92
C ALA D 746 31.93 23.85 2.33
N PRO D 747 32.78 23.60 3.32
CA PRO D 747 32.95 22.21 3.80
C PRO D 747 31.70 21.64 4.43
N VAL D 748 30.94 22.45 5.17
CA VAL D 748 29.71 21.93 5.73
C VAL D 748 28.72 21.57 4.62
N LEU D 749 28.77 22.26 3.52
CA LEU D 749 27.87 21.92 2.48
C LEU D 749 28.38 20.74 1.74
N GLU D 750 29.68 20.53 1.81
CA GLU D 750 30.29 19.39 1.20
C GLU D 750 29.79 18.22 1.97
N GLN D 751 30.27 18.10 3.21
CA GLN D 751 29.90 17.04 4.11
C GLN D 751 28.43 16.77 4.03
N SER D 752 27.64 17.80 4.17
CA SER D 752 26.21 17.59 4.26
C SER D 752 25.66 16.98 2.98
N LEU D 753 26.11 17.49 1.84
CA LEU D 753 25.61 17.01 0.56
C LEU D 753 25.91 15.53 0.39
N ASN D 754 27.10 15.10 0.82
CA ASN D 754 27.41 13.67 0.83
C ASN D 754 26.62 12.90 1.88
N GLY D 755 26.41 13.49 3.07
CA GLY D 755 25.63 12.83 4.10
C GLY D 755 24.20 12.54 3.68
N LEU D 756 23.55 13.52 3.09
CA LEU D 756 22.20 13.35 2.57
C LEU D 756 22.22 12.30 1.47
N LEU D 757 23.26 12.37 0.63
CA LEU D 757 23.38 11.48 -0.54
C LEU D 757 23.54 10.00 -0.21
N ASP D 758 24.36 9.69 0.77
CA ASP D 758 24.49 8.32 1.27
C ASP D 758 23.55 8.00 2.43
N ASN D 759 22.79 8.98 2.93
CA ASN D 759 22.03 8.77 4.16
C ASN D 759 22.81 7.99 5.22
N ASN D 760 24.10 8.31 5.33
CA ASN D 760 24.97 7.80 6.37
C ASN D 760 24.74 8.70 7.58
N VAL D 761 24.16 8.16 8.65
CA VAL D 761 23.83 8.98 9.80
C VAL D 761 25.06 9.43 10.58
N THR D 762 26.18 8.70 10.47
CA THR D 762 27.40 9.10 11.14
C THR D 762 27.90 10.46 10.63
N ILE D 763 27.81 10.69 9.31
CA ILE D 763 28.27 11.95 8.74
C ILE D 763 27.39 13.10 9.24
N LEU D 764 26.07 12.94 9.10
CA LEU D 764 25.15 14.04 9.41
C LEU D 764 25.18 14.42 10.88
N GLY D 765 25.26 13.41 11.76
CA GLY D 765 25.19 13.69 13.19
C GLY D 765 26.29 14.60 13.69
N LYS D 766 27.46 14.58 13.05
CA LYS D 766 28.54 15.48 13.44
C LYS D 766 28.73 16.68 12.52
N VAL D 767 28.25 16.63 11.28
CA VAL D 767 28.27 17.88 10.51
C VAL D 767 27.31 18.87 11.15
N LEU D 768 26.33 18.40 11.94
CA LEU D 768 25.53 19.32 12.75
C LEU D 768 26.39 20.26 13.58
N SER D 769 27.44 19.74 14.22
CA SER D 769 28.28 20.57 15.08
C SER D 769 29.15 21.57 14.31
N ALA D 770 29.39 21.34 13.01
CA ALA D 770 30.25 22.19 12.23
C ALA D 770 29.55 23.43 11.65
N PHE D 771 28.23 23.50 11.73
CA PHE D 771 27.51 24.67 11.23
C PHE D 771 27.88 25.92 12.04
N PRO D 772 28.19 27.04 11.38
CA PRO D 772 28.55 28.26 12.12
C PRO D 772 27.40 28.79 12.97
N SER D 773 27.75 29.40 14.09
CA SER D 773 26.76 30.00 14.99
C SER D 773 26.16 31.27 14.36
N ASP D 774 25.10 31.77 14.98
CA ASP D 774 24.49 33.02 14.54
C ASP D 774 25.42 34.22 14.76
N GLY D 775 26.26 34.17 15.81
CA GLY D 775 27.23 35.23 16.01
C GLY D 775 28.37 35.18 15.01
N GLN D 776 28.72 33.98 14.55
CA GLN D 776 29.72 33.87 13.49
C GLN D 776 29.22 34.49 12.18
N TRP D 777 27.93 34.30 11.89
CA TRP D 777 27.34 34.89 10.70
C TRP D 777 27.05 36.38 10.86
N SER D 778 26.72 36.82 12.08
CA SER D 778 26.44 38.22 12.38
C SER D 778 27.64 39.12 12.18
N ALA D 779 28.83 38.55 11.96
CA ALA D 779 30.02 39.37 11.74
C ALA D 779 29.97 40.14 10.43
N PHE D 780 29.05 39.79 9.53
CA PHE D 780 28.97 40.41 8.21
C PHE D 780 27.55 40.89 7.98
N ASN D 781 27.39 42.19 7.71
CA ASN D 781 26.09 42.85 7.68
C ASN D 781 25.59 43.07 6.25
N SER D 782 26.07 42.29 5.29
CA SER D 782 25.69 42.45 3.90
C SER D 782 24.37 41.75 3.63
N VAL D 783 23.74 42.12 2.51
CA VAL D 783 22.42 41.59 2.18
C VAL D 783 22.48 40.09 1.92
N GLU D 784 23.48 39.67 1.15
CA GLU D 784 23.62 38.27 0.78
C GLU D 784 24.14 37.43 1.94
N ALA D 785 24.89 38.03 2.86
CA ALA D 785 25.35 37.27 4.02
C ALA D 785 24.17 36.83 4.90
N ARG D 786 23.27 37.76 5.25
CA ARG D 786 22.13 37.35 6.05
C ARG D 786 21.24 36.39 5.27
N GLN D 787 21.02 36.68 3.99
CA GLN D 787 20.22 35.79 3.14
C GLN D 787 20.77 34.36 3.19
N MSE D 788 22.09 34.23 3.07
CA MSE D 788 22.76 32.94 3.18
C MSE D 788 22.59 32.29 4.55
O MSE D 788 22.39 31.09 4.61
CB MSE D 788 24.24 33.09 2.90
CG MSE D 788 24.63 32.87 1.46
SE MSE D 788 26.55 33.13 1.27
CE MSE D 788 26.64 33.63 -0.60
N LYS D 789 22.71 33.07 5.63
CA LYS D 789 22.50 32.48 6.95
C LYS D 789 21.11 31.87 7.09
N ILE D 790 20.09 32.51 6.51
CA ILE D 790 18.76 31.90 6.53
C ILE D 790 18.75 30.58 5.75
N GLN D 791 19.36 30.57 4.56
CA GLN D 791 19.34 29.30 3.81
C GLN D 791 20.14 28.21 4.52
N MSE D 792 21.26 28.56 5.13
CA MSE D 792 22.08 27.64 5.92
C MSE D 792 21.28 27.07 7.08
O MSE D 792 21.38 25.88 7.38
CB MSE D 792 23.33 28.34 6.44
CG MSE D 792 24.48 27.44 6.81
SE MSE D 792 25.34 26.56 5.28
CE MSE D 792 27.00 25.99 6.13
N ASP D 793 20.50 27.93 7.73
CA ASP D 793 19.63 27.48 8.81
C ASP D 793 18.62 26.43 8.31
N ALA D 794 18.02 26.66 7.14
CA ALA D 794 17.04 25.70 6.64
C ALA D 794 17.71 24.36 6.31
N ILE D 795 18.89 24.42 5.69
CA ILE D 795 19.63 23.19 5.41
C ILE D 795 19.96 22.46 6.71
N LYS D 796 20.29 23.21 7.76
CA LYS D 796 20.61 22.60 9.05
C LYS D 796 19.39 21.89 9.64
N GLN D 797 18.20 22.50 9.52
CA GLN D 797 16.99 21.83 9.97
C GLN D 797 16.77 20.51 9.23
N MSE D 798 16.94 20.53 7.90
CA MSE D 798 16.81 19.29 7.11
C MSE D 798 17.75 18.19 7.62
O MSE D 798 17.31 17.08 8.00
CB MSE D 798 17.11 19.62 5.64
CG MSE D 798 17.06 18.46 4.66
SE MSE D 798 17.77 19.00 2.90
CE MSE D 798 19.32 19.97 3.54
N VAL D 799 19.04 18.53 7.64
CA VAL D 799 20.06 17.57 8.04
C VAL D 799 19.78 17.04 9.45
N GLU D 800 19.44 17.94 10.39
CA GLU D 800 19.22 17.55 11.78
C GLU D 800 18.02 16.65 11.91
N LYS D 801 16.91 17.04 11.31
CA LYS D 801 15.74 16.19 11.41
C LYS D 801 16.01 14.84 10.82
N LYS D 802 16.78 14.79 9.74
CA LYS D 802 17.14 13.53 9.08
C LYS D 802 18.02 12.58 9.92
N ALA D 803 19.02 13.14 10.60
CA ALA D 803 19.91 12.43 11.50
C ALA D 803 19.14 12.02 12.75
N VAL D 804 18.15 12.80 13.17
CA VAL D 804 17.33 12.49 14.34
C VAL D 804 16.42 11.31 14.03
N LEU D 805 15.79 11.34 12.86
CA LEU D 805 14.89 10.27 12.46
C LEU D 805 15.63 8.95 12.28
N GLU D 806 16.63 8.92 11.40
CA GLU D 806 17.29 7.64 11.12
C GLU D 806 18.30 7.26 12.19
N GLY D 807 18.73 8.20 13.03
CA GLY D 807 19.75 7.86 14.02
C GLY D 807 19.24 7.71 15.44
N GLN D 808 18.01 8.16 15.71
CA GLN D 808 17.49 8.12 17.07
C GLN D 808 16.10 7.51 17.14
N ILE D 809 15.16 8.05 16.37
CA ILE D 809 13.76 7.68 16.54
C ILE D 809 13.48 6.29 15.95
N LEU D 810 13.82 6.07 14.70
CA LEU D 810 13.50 4.79 14.08
C LEU D 810 14.28 3.61 14.67
N PRO D 811 15.53 3.76 15.12
CA PRO D 811 16.15 2.67 15.90
C PRO D 811 15.41 2.41 17.19
N ALA D 812 14.92 3.46 17.83
CA ALA D 812 14.11 3.30 19.03
C ALA D 812 12.81 2.54 18.75
N LEU D 813 12.17 2.84 17.62
CA LEU D 813 10.90 2.18 17.32
C LEU D 813 11.12 0.73 16.92
N ALA D 814 12.25 0.44 16.26
CA ALA D 814 12.60 -0.94 15.96
C ALA D 814 12.91 -1.71 17.23
N GLN D 815 13.68 -1.09 18.15
CA GLN D 815 14.01 -1.74 19.40
C GLN D 815 12.75 -2.00 20.23
N CYS D 816 11.85 -1.03 20.25
CA CYS D 816 10.57 -1.19 20.92
C CYS D 816 9.76 -2.35 20.32
N GLN D 817 9.64 -2.38 18.99
CA GLN D 817 8.93 -3.48 18.34
C GLN D 817 9.54 -4.83 18.67
N ASN D 818 10.86 -4.96 18.52
CA ASN D 818 11.52 -6.22 18.81
C ASN D 818 11.24 -6.63 20.25
N ALA D 819 11.10 -5.66 21.15
CA ALA D 819 10.68 -5.98 22.50
C ALA D 819 9.21 -6.40 22.58
N LEU D 820 8.37 -5.95 21.63
CA LEU D 820 6.96 -6.35 21.67
C LEU D 820 6.75 -7.77 21.17
N GLU D 821 7.49 -8.20 20.15
CA GLU D 821 7.33 -9.58 19.72
C GLU D 821 7.97 -10.57 20.68
N LYS D 822 8.83 -10.12 21.59
CA LYS D 822 9.44 -10.94 22.63
C LYS D 822 8.75 -10.86 24.00
N GLN D 823 7.53 -10.34 24.08
CA GLN D 823 6.76 -10.27 25.33
C GLN D 823 7.38 -9.31 26.35
N ASN D 824 8.45 -8.61 25.99
CA ASN D 824 9.19 -7.73 26.91
C ASN D 824 8.60 -6.32 26.87
N ILE D 825 7.46 -6.16 27.53
CA ILE D 825 6.75 -4.89 27.48
C ILE D 825 7.54 -3.77 28.15
N ALA D 826 8.14 -4.06 29.31
CA ALA D 826 8.87 -3.02 30.04
C ALA D 826 10.07 -2.52 29.27
N GLY D 827 10.79 -3.43 28.61
CA GLY D 827 11.88 -3.01 27.75
C GLY D 827 11.38 -2.28 26.52
N ALA D 828 10.17 -2.62 26.06
CA ALA D 828 9.57 -1.90 24.95
C ALA D 828 9.35 -0.43 25.29
N LEU D 829 8.84 -0.16 26.50
CA LEU D 829 8.74 1.24 26.91
C LEU D 829 10.11 1.86 27.13
N GLN D 830 11.06 1.08 27.65
CA GLN D 830 12.40 1.61 27.88
C GLN D 830 13.06 2.04 26.56
N ALA D 831 12.78 1.31 25.48
CA ALA D 831 13.30 1.69 24.17
C ALA D 831 12.86 3.10 23.78
N LEU D 832 11.64 3.47 24.16
CA LEU D 832 11.14 4.80 23.86
C LEU D 832 11.69 5.85 24.82
N ARG D 833 11.81 5.53 26.12
CA ARG D 833 12.18 6.59 27.06
C ARG D 833 13.69 6.80 27.19
N ASN D 834 14.50 5.74 27.03
CA ASN D 834 15.95 5.86 27.11
C ASN D 834 16.56 5.89 25.70
N ILE D 835 16.37 7.03 25.03
CA ILE D 835 16.93 7.26 23.70
C ILE D 835 18.37 7.73 23.85
N PRO D 836 19.34 7.14 23.14
CA PRO D 836 20.72 7.62 23.24
C PRO D 836 20.94 8.85 22.37
N SER D 837 21.77 9.76 22.88
CA SER D 837 22.19 10.95 22.15
C SER D 837 23.26 10.62 21.10
N LEU D 838 23.40 11.52 20.13
CA LEU D 838 24.32 11.34 19.00
C LEU D 838 25.78 11.57 19.38
PA NAD E . 40.29 5.84 -31.94
O1A NAD E . 39.20 4.93 -31.50
O2A NAD E . 40.48 7.13 -31.26
O5B NAD E . 40.04 6.19 -33.49
C5B NAD E . 40.24 5.27 -34.57
C4B NAD E . 39.72 5.95 -35.83
O4B NAD E . 38.37 6.36 -35.57
C3B NAD E . 40.38 7.29 -36.04
O3B NAD E . 41.73 7.12 -36.50
C2B NAD E . 39.47 7.78 -37.12
O2B NAD E . 39.63 6.92 -38.25
C1B NAD E . 38.12 7.52 -36.44
N9A NAD E . 37.65 8.57 -35.50
C8A NAD E . 37.97 8.80 -34.22
N7A NAD E . 37.29 9.87 -33.80
C5A NAD E . 36.53 10.29 -34.80
C6A NAD E . 35.66 11.30 -34.88
N6A NAD E . 35.51 12.04 -33.78
N1A NAD E . 34.99 11.56 -36.02
C2A NAD E . 35.20 10.74 -37.13
N3A NAD E . 36.11 9.70 -37.01
C4A NAD E . 36.75 9.49 -35.85
O3 NAD E . 41.68 5.01 -31.93
PN NAD E . 43.14 5.66 -32.09
O1N NAD E . 43.32 6.08 -33.50
O2N NAD E . 43.45 6.61 -31.01
O5D NAD E . 44.03 4.39 -31.85
C5D NAD E . 44.48 3.97 -30.56
C4D NAD E . 45.46 2.85 -30.88
O4D NAD E . 46.55 3.53 -31.58
C3D NAD E . 46.13 2.24 -29.65
O3D NAD E . 46.95 1.14 -30.06
C2D NAD E . 46.97 3.41 -29.29
O2D NAD E . 48.01 3.00 -28.38
C1D NAD E . 47.61 3.75 -30.61
N1N NAD E . 48.09 5.15 -30.58
C2N NAD E . 47.47 6.12 -31.38
C3N NAD E . 47.92 7.44 -31.34
C7N NAD E . 47.32 8.41 -32.14
O7N NAD E . 48.12 9.42 -32.58
N7N NAD E . 46.02 8.24 -32.45
C4N NAD E . 48.97 7.80 -30.50
C5N NAD E . 49.58 6.84 -29.69
C6N NAD E . 49.14 5.53 -29.72
P AMP F . 64.73 56.77 -44.07
O1P AMP F . 65.26 57.09 -42.68
O2P AMP F . 63.29 56.80 -44.27
O3P AMP F . 65.42 57.41 -45.23
O5' AMP F . 65.04 55.24 -44.33
C5' AMP F . 64.68 54.84 -45.64
C4' AMP F . 64.55 53.36 -45.80
O4' AMP F . 63.37 52.88 -45.17
C3' AMP F . 64.35 53.13 -47.25
O3' AMP F . 65.30 52.20 -47.65
C2' AMP F . 63.20 52.23 -47.37
O2' AMP F . 63.88 51.02 -47.57
C1' AMP F . 62.47 52.28 -46.07
N9 AMP F . 61.32 53.14 -46.27
C8 AMP F . 61.18 54.34 -45.76
N7 AMP F . 60.05 54.88 -46.11
C5 AMP F . 59.42 54.01 -46.86
C6 AMP F . 58.17 53.99 -47.58
N6 AMP F . 57.37 55.04 -47.53
N1 AMP F . 57.88 52.91 -48.27
C2 AMP F . 58.72 51.88 -48.29
N3 AMP F . 59.88 51.85 -47.69
C4 AMP F . 60.28 52.86 -46.96
PA NAD G . -47.29 -12.83 11.26
O1A NAD G . -47.20 -14.17 11.90
O2A NAD G . -46.17 -12.23 10.50
O5B NAD G . -47.70 -13.65 9.89
C5B NAD G . -49.05 -14.03 9.52
C4B NAD G . -49.04 -15.14 8.44
O4B NAD G . -47.71 -15.46 7.95
C3B NAD G . -49.49 -16.43 9.05
O3B NAD G . -50.92 -16.38 9.26
C2B NAD G . -49.12 -17.34 7.91
O2B NAD G . -49.88 -16.98 6.78
C1B NAD G . -47.68 -16.90 7.70
N9A NAD G . -46.73 -17.50 8.68
C8A NAD G . -46.40 -17.06 9.90
N7A NAD G . -45.51 -17.91 10.42
C5A NAD G . -45.28 -18.87 9.52
C6A NAD G . -44.49 -19.95 9.54
N6A NAD G . -43.76 -20.14 10.64
N1A NAD G . -44.41 -20.79 8.52
C2A NAD G . -45.20 -20.54 7.39
N3A NAD G . -46.01 -19.42 7.39
C4A NAD G . -46.04 -18.61 8.46
O3 NAD G . -48.75 -12.17 11.10
PN NAD G . -49.81 -12.23 12.32
O1N NAD G . -50.81 -13.28 12.02
O2N NAD G . -49.06 -12.26 13.61
O5D NAD G . -50.50 -10.83 12.20
C5D NAD G . -49.96 -9.66 12.80
C4D NAD G . -51.10 -8.67 12.72
O4D NAD G . -52.21 -9.48 13.27
C3D NAD G . -50.94 -7.48 13.65
O3D NAD G . -51.94 -6.51 13.34
C2D NAD G . -51.30 -8.15 14.94
O2D NAD G . -51.64 -7.14 15.91
C1D NAD G . -52.54 -8.91 14.55
N1N NAD G . -52.84 -9.94 15.58
C2N NAD G . -52.67 -11.33 15.30
C3N NAD G . -52.95 -12.30 16.29
C7N NAD G . -52.81 -13.68 16.04
O7N NAD G . -52.08 -14.06 14.96
N7N NAD G . -53.42 -14.51 16.88
C4N NAD G . -53.37 -11.87 17.55
C5N NAD G . -53.52 -10.52 17.82
C6N NAD G . -53.25 -9.56 16.85
P AMP H . -68.77 -57.82 41.25
O1P AMP H . -67.77 -58.65 40.57
O2P AMP H . -70.15 -58.35 41.11
O3P AMP H . -68.42 -57.21 42.57
O5' AMP H . -68.91 -56.54 40.40
C5' AMP H . -69.24 -56.81 39.07
C4' AMP H . -69.76 -55.59 38.41
O4' AMP H . -68.69 -54.85 37.86
C3' AMP H . -70.59 -56.03 37.26
O3' AMP H . -71.75 -55.27 37.31
C2' AMP H . -69.86 -55.64 36.03
O2' AMP H . -70.59 -54.61 35.44
C1' AMP H . -68.55 -55.05 36.47
N9 AMP H . -67.52 -56.04 36.21
C8 AMP H . -67.01 -56.84 37.11
N7 AMP H . -66.08 -57.64 36.60
C5 AMP H . -65.98 -57.34 35.31
C6 AMP H . -65.20 -57.80 34.17
N6 AMP H . -64.31 -58.79 34.30
N1 AMP H . -65.40 -57.25 33.00
C2 AMP H . -66.27 -56.29 32.86
N3 AMP H . -67.02 -55.81 33.84
C4 AMP H . -66.93 -56.29 35.07
#